data_6B9O
#
_entry.id   6B9O
#
_cell.length_a   67.305
_cell.length_b   119.667
_cell.length_c   277.689
_cell.angle_alpha   90.00
_cell.angle_beta   90.00
_cell.angle_gamma   90.00
#
_symmetry.space_group_name_H-M   'P 21 21 21'
#
loop_
_entity.id
_entity.type
_entity.pdbx_description
1 polymer 'Alpha-mannosidase from Canavalia ensiformis (jack bean)'
2 branched alpha-D-mannopyranose-(1-3)-alpha-D-mannopyranose-(1-2)-alpha-D-mannopyranose-(1-2)-alpha-D-mannopyranose-(1-3)-[alpha-D-mannopyranose-(1-2)-alpha-D-mannopyranose-(1-3)-[alpha-D-mannopyranose-(1-2)-alpha-D-mannopyranose-(1-6)]alpha-D-mannopyranose-(1-6)]beta-D-mannopyranose-(1-4)-2-acetamido-2-deoxy-beta-D-glucopyranose-(1-4)-2-acetamido-2-deoxy-beta-D-glucopyranose
3 branched 2-acetamido-2-deoxy-beta-D-glucopyranose-(1-4)-2-acetamido-2-deoxy-beta-D-glucopyranose
4 non-polymer 'ZINC ION'
5 water water
#
_entity_poly.entity_id   1
_entity_poly.type   'polypeptide(L)'
_entity_poly.pdbx_seq_one_letter_code
;MKYNTGAGTVPEQLNVHLVPHSHDDVGWLKTVDQYYVGSENYIQEACVENVLDSVVMSLQRDPNRKFVFGEMAFFHRWWL
EQTPETKELVRKLVKAGQLEFVNGGWCMHDEATTHYIDMIDHTTLGHRFIQEQFNKIPRAGWQIDPFGHSAVQGYLLGAE
LGFDSVHFARIDYQDREKRKAEKSLEVVWRGSKTFGSSAQIFANAFPGHYGPPNGFNFEVRNNFVPLQDDPRLFDTNVEE
RVQNFIDAALTQAKITRTNHIMWTMGDDFQYQYAESWFKQMDKLIHHVNKDGRVNALYSTPSIYTEAKNAANQTWPLKID
DYFPYADGRNAYWTGFYTSRSALKDYVRMLSGYYLATRQLGFFAGKKSTKYHAFDLADALGIAQHHDAVSGTAKQHTTND
YAKRLAIGASKAEAVVSSSLACLTSKQSADQCSAPASAFSQCHLFNISYCPPTESSIPDDKSLVVVVYNPLGWSRNEIVR
IPVNDANLVVKDSSGNKLEVQYVEMDDVTANLRSFYVKAYEGEVPKDADVYWSLFKASVPPLGWSTYFISEATGKGTRNA
LTLSQKGETLNIGPGDLKMSFSSLTGQLKRMYNSKTGVDIPIQQNYLWYESSEGDFSDYQASGAYIFRPNGQPPPHTVSR
SSVTRVTRGPLVDEVHQKFNSWISQVTRLYKDKDHAEIEFTIGPIPTDDGVGKEVITRMTSTMATNKEFYTDSNGRDFLK
RVRDYREDWPLEVTQPVAGNYYPLNLGIYTKDEKSEFSVLVDRATGGASIKDGEVELMLHRRTIRDDGRGVGEPLDEQVC
MNKEYTCEGLTVRGNYYLSIHKPAAGSRWRRTTGQEIYSPMLLAFTQENMENWKSSHSTKGIYMDPNYSLPPSVALITLE
ELDDGLVLLRLAHLYEPSEDAEYSTLTKVELKKLFATQKIEELREVSLSANQEKSEMKKMKWSVEGDNEQEPQAVRGGPV
SNADFVVELGPMEIRTFLLQF
;
_entity_poly.pdbx_strand_id   A,B
#
# COMPACT_ATOMS: atom_id res chain seq x y z
N MET A 1 6.98 -3.33 24.60
CA MET A 1 6.92 -2.02 25.25
C MET A 1 5.49 -1.52 25.34
N LYS A 2 5.17 -0.86 26.44
CA LYS A 2 3.95 -0.08 26.56
C LYS A 2 4.27 1.36 26.21
N TYR A 3 3.50 1.94 25.29
CA TYR A 3 3.69 3.32 24.90
C TYR A 3 2.72 4.21 25.66
N ASN A 4 3.21 5.37 26.10
CA ASN A 4 2.42 6.36 26.83
C ASN A 4 1.60 7.21 25.85
N THR A 5 0.51 6.65 25.36
CA THR A 5 -0.29 7.32 24.35
C THR A 5 -1.41 8.16 24.93
N GLY A 6 -1.57 8.20 26.25
CA GLY A 6 -2.73 8.87 26.81
C GLY A 6 -2.52 10.33 27.15
N ALA A 7 -1.49 10.96 26.58
CA ALA A 7 -1.19 12.35 26.94
C ALA A 7 -2.36 13.28 26.63
N GLY A 8 -2.59 14.24 27.51
CA GLY A 8 -3.43 15.37 27.22
C GLY A 8 -2.59 16.60 26.97
N THR A 9 -3.25 17.76 27.00
CA THR A 9 -2.51 19.01 26.86
C THR A 9 -1.83 19.39 28.18
N VAL A 10 -0.73 20.13 28.06
CA VAL A 10 -0.01 20.61 29.24
C VAL A 10 0.12 22.12 29.14
N PRO A 11 0.09 22.86 30.25
CA PRO A 11 0.01 24.32 30.15
C PRO A 11 1.30 25.03 29.76
N GLU A 12 2.48 24.51 30.08
CA GLU A 12 3.66 25.36 29.93
C GLU A 12 4.53 24.94 28.76
N GLN A 13 3.93 24.28 27.77
CA GLN A 13 4.67 23.76 26.64
C GLN A 13 3.83 23.95 25.39
N LEU A 14 4.51 23.99 24.25
CA LEU A 14 3.84 23.89 22.97
C LEU A 14 3.17 22.52 22.86
N ASN A 15 1.88 22.51 22.52
CA ASN A 15 1.09 21.30 22.37
C ASN A 15 0.84 21.03 20.90
N VAL A 16 1.19 19.83 20.45
CA VAL A 16 0.96 19.44 19.06
C VAL A 16 -0.22 18.49 19.05
N HIS A 17 -1.33 18.94 18.46
CA HIS A 17 -2.57 18.17 18.43
C HIS A 17 -2.56 17.32 17.15
N LEU A 18 -2.34 16.02 17.31
CA LEU A 18 -2.28 15.10 16.19
C LEU A 18 -3.71 14.65 15.87
N VAL A 19 -4.21 15.04 14.71
CA VAL A 19 -5.58 14.72 14.30
C VAL A 19 -5.55 13.77 13.11
N PRO A 20 -5.71 12.46 13.32
CA PRO A 20 -5.75 11.54 12.17
C PRO A 20 -7.04 11.67 11.39
N HIS A 21 -6.92 11.66 10.06
CA HIS A 21 -8.07 11.87 9.18
C HIS A 21 -7.76 11.27 7.82
N SER A 22 -8.79 11.16 6.99
CA SER A 22 -8.68 10.64 5.63
C SER A 22 -9.61 11.46 4.76
N HIS A 23 -9.07 12.22 3.82
CA HIS A 23 -9.91 13.05 2.98
C HIS A 23 -10.50 12.19 1.87
N ASP A 24 -11.79 11.91 1.96
CA ASP A 24 -12.44 10.92 1.11
C ASP A 24 -13.43 11.67 0.22
N ASP A 25 -13.02 11.96 -1.01
CA ASP A 25 -13.89 12.65 -1.95
C ASP A 25 -15.06 11.77 -2.35
N VAL A 26 -16.27 12.31 -2.26
CA VAL A 26 -17.44 11.57 -2.68
C VAL A 26 -17.52 11.59 -4.21
N GLY A 27 -16.65 10.81 -4.85
CA GLY A 27 -16.46 10.90 -6.29
C GLY A 27 -15.48 11.99 -6.66
N TRP A 28 -14.63 11.75 -7.65
CA TRP A 28 -13.71 12.74 -8.22
C TRP A 28 -13.02 12.12 -9.43
N LEU A 29 -11.93 11.37 -9.19
CA LEU A 29 -11.29 10.64 -10.28
C LEU A 29 -11.91 9.27 -10.50
N LYS A 30 -12.54 8.70 -9.46
CA LYS A 30 -13.35 7.49 -9.52
C LYS A 30 -14.77 7.86 -9.06
N THR A 31 -15.72 6.94 -9.26
CA THR A 31 -17.09 7.20 -8.81
C THR A 31 -17.18 6.97 -7.31
N VAL A 32 -18.30 7.38 -6.70
CA VAL A 32 -18.45 7.15 -5.26
C VAL A 32 -18.31 5.67 -4.94
N ASP A 33 -18.93 4.78 -5.73
CA ASP A 33 -18.90 3.37 -5.37
C ASP A 33 -17.56 2.72 -5.67
N GLN A 34 -16.87 3.17 -6.74
CA GLN A 34 -15.50 2.68 -6.96
C GLN A 34 -14.57 3.08 -5.83
N TYR A 35 -14.65 4.34 -5.37
CA TYR A 35 -13.85 4.75 -4.22
C TYR A 35 -14.17 3.92 -3.00
N TYR A 36 -15.44 3.58 -2.82
CA TYR A 36 -15.81 2.80 -1.65
C TYR A 36 -15.20 1.41 -1.71
N VAL A 37 -15.41 0.68 -2.82
CA VAL A 37 -14.99 -0.72 -2.83
C VAL A 37 -13.53 -0.88 -3.22
N GLY A 38 -12.89 0.18 -3.70
CA GLY A 38 -11.48 0.11 -4.05
C GLY A 38 -11.18 -0.41 -5.43
N SER A 39 -12.13 -0.29 -6.36
CA SER A 39 -11.90 -0.72 -7.73
C SER A 39 -11.26 0.41 -8.55
N GLU A 40 -10.77 0.04 -9.75
CA GLU A 40 -10.13 0.97 -10.69
C GLU A 40 -8.93 1.68 -10.04
N ASN A 41 -8.13 0.94 -9.27
CA ASN A 41 -6.99 1.56 -8.60
C ASN A 41 -5.95 2.11 -9.58
N TYR A 42 -5.98 1.68 -10.84
CA TYR A 42 -5.07 2.26 -11.83
C TYR A 42 -5.36 3.73 -12.09
N ILE A 43 -6.62 4.17 -11.91
CA ILE A 43 -6.92 5.60 -11.99
C ILE A 43 -6.36 6.33 -10.77
N GLN A 44 -6.62 5.79 -9.58
CA GLN A 44 -6.17 6.37 -8.32
C GLN A 44 -6.30 5.29 -7.25
N GLU A 45 -5.27 5.15 -6.42
CA GLU A 45 -5.28 4.14 -5.36
C GLU A 45 -6.11 4.67 -4.20
N ALA A 46 -7.28 4.08 -3.98
CA ALA A 46 -8.21 4.64 -3.02
C ALA A 46 -9.30 3.62 -2.71
N CYS A 47 -9.49 3.30 -1.43
CA CYS A 47 -10.53 2.35 -1.03
C CYS A 47 -11.06 2.79 0.33
N VAL A 48 -12.27 3.35 0.39
CA VAL A 48 -12.78 3.85 1.66
C VAL A 48 -13.19 2.70 2.58
N GLU A 49 -13.61 1.57 2.03
CA GLU A 49 -13.91 0.43 2.90
C GLU A 49 -12.70 0.04 3.75
N ASN A 50 -11.50 0.07 3.16
CA ASN A 50 -10.29 -0.23 3.93
C ASN A 50 -10.05 0.79 5.02
N VAL A 51 -10.34 2.07 4.74
CA VAL A 51 -10.18 3.13 5.73
C VAL A 51 -11.03 2.84 6.96
N LEU A 52 -12.34 2.66 6.78
CA LEU A 52 -13.19 2.39 7.93
C LEU A 52 -12.86 1.05 8.56
N ASP A 53 -12.66 -0.01 7.76
CA ASP A 53 -12.24 -1.30 8.32
C ASP A 53 -11.03 -1.18 9.23
N SER A 54 -9.93 -0.65 8.67
CA SER A 54 -8.65 -0.65 9.39
C SER A 54 -8.60 0.39 10.51
N VAL A 55 -9.28 1.52 10.36
CA VAL A 55 -9.35 2.50 11.45
C VAL A 55 -10.06 1.91 12.68
N VAL A 56 -11.19 1.21 12.46
CA VAL A 56 -11.90 0.62 13.59
C VAL A 56 -11.02 -0.40 14.30
N MET A 57 -10.30 -1.22 13.51
CA MET A 57 -9.36 -2.17 14.11
C MET A 57 -8.25 -1.44 14.90
N SER A 58 -7.66 -0.38 14.32
CA SER A 58 -6.60 0.33 15.05
C SER A 58 -7.12 1.05 16.30
N LEU A 59 -8.31 1.65 16.24
CA LEU A 59 -8.82 2.31 17.45
C LEU A 59 -9.11 1.30 18.54
N GLN A 60 -9.63 0.13 18.16
CA GLN A 60 -9.90 -0.90 19.15
CA GLN A 60 -9.90 -0.92 19.13
C GLN A 60 -8.65 -1.28 19.92
N ARG A 61 -7.47 -1.19 19.29
CA ARG A 61 -6.21 -1.63 19.91
C ARG A 61 -5.77 -0.77 21.09
N ASP A 62 -6.06 0.52 21.09
CA ASP A 62 -5.56 1.40 22.14
C ASP A 62 -6.61 2.47 22.39
N PRO A 63 -7.17 2.54 23.59
CA PRO A 63 -8.28 3.48 23.84
C PRO A 63 -7.90 4.96 23.72
N ASN A 64 -6.62 5.28 23.72
CA ASN A 64 -6.18 6.67 23.60
C ASN A 64 -6.12 7.15 22.16
N ARG A 65 -6.11 6.24 21.20
CA ARG A 65 -6.09 6.67 19.81
C ARG A 65 -7.40 7.35 19.42
N LYS A 66 -7.30 8.26 18.45
CA LYS A 66 -8.44 9.02 17.93
C LYS A 66 -8.38 9.09 16.41
N PHE A 67 -9.54 9.26 15.80
CA PHE A 67 -9.66 9.46 14.37
C PHE A 67 -10.94 10.24 14.11
N VAL A 68 -10.92 11.10 13.10
CA VAL A 68 -12.12 11.88 12.75
C VAL A 68 -12.55 11.51 11.33
N PHE A 69 -13.86 11.34 11.14
CA PHE A 69 -14.42 10.96 9.85
C PHE A 69 -15.52 11.95 9.49
N GLY A 70 -15.64 12.26 8.20
CA GLY A 70 -16.58 13.27 7.74
C GLY A 70 -17.81 12.86 6.93
N GLU A 71 -17.60 12.06 5.88
CA GLU A 71 -18.54 11.96 4.77
C GLU A 71 -19.49 10.79 4.98
N MET A 72 -20.74 11.11 5.30
CA MET A 72 -21.67 10.05 5.65
C MET A 72 -22.14 9.24 4.43
N ALA A 73 -22.02 9.79 3.20
CA ALA A 73 -22.32 8.97 2.03
C ALA A 73 -21.49 7.69 2.06
N PHE A 74 -20.20 7.82 2.41
CA PHE A 74 -19.34 6.65 2.55
C PHE A 74 -19.65 5.87 3.83
N PHE A 75 -19.79 6.57 4.97
CA PHE A 75 -19.99 5.85 6.22
C PHE A 75 -21.26 5.02 6.16
N HIS A 76 -22.31 5.58 5.58
CA HIS A 76 -23.58 4.87 5.53
C HIS A 76 -23.51 3.62 4.65
N ARG A 77 -22.85 3.72 3.48
CA ARG A 77 -22.62 2.54 2.65
C ARG A 77 -21.86 1.46 3.42
N TRP A 78 -20.83 1.86 4.16
CA TRP A 78 -20.04 0.92 4.98
C TRP A 78 -20.89 0.33 6.10
N TRP A 79 -21.64 1.19 6.81
CA TRP A 79 -22.44 0.76 7.95
C TRP A 79 -23.39 -0.38 7.60
N LEU A 80 -24.10 -0.26 6.47
CA LEU A 80 -25.07 -1.27 6.07
C LEU A 80 -24.43 -2.63 5.77
N GLU A 81 -23.12 -2.67 5.56
CA GLU A 81 -22.44 -3.94 5.36
C GLU A 81 -21.89 -4.56 6.65
N GLN A 82 -21.93 -3.85 7.77
CA GLN A 82 -21.22 -4.32 8.96
C GLN A 82 -22.07 -5.29 9.79
N THR A 83 -21.40 -6.20 10.48
CA THR A 83 -22.06 -7.16 11.38
C THR A 83 -22.57 -6.46 12.63
N PRO A 84 -23.46 -7.11 13.38
CA PRO A 84 -23.88 -6.54 14.66
C PRO A 84 -22.70 -6.28 15.59
N GLU A 85 -21.73 -7.20 15.61
CA GLU A 85 -20.59 -7.05 16.49
C GLU A 85 -19.76 -5.83 16.12
N THR A 86 -19.54 -5.60 14.83
CA THR A 86 -18.81 -4.39 14.40
C THR A 86 -19.58 -3.12 14.75
N LYS A 87 -20.91 -3.13 14.53
CA LYS A 87 -21.69 -1.94 14.86
C LYS A 87 -21.61 -1.62 16.35
N GLU A 88 -21.62 -2.63 17.20
CA GLU A 88 -21.48 -2.36 18.63
C GLU A 88 -20.10 -1.80 18.96
N LEU A 89 -19.06 -2.32 18.31
CA LEU A 89 -17.71 -1.81 18.55
C LEU A 89 -17.60 -0.33 18.15
N VAL A 90 -18.16 0.03 16.99
CA VAL A 90 -18.21 1.44 16.58
C VAL A 90 -18.96 2.27 17.63
N ARG A 91 -20.12 1.78 18.10
CA ARG A 91 -20.84 2.52 19.13
CA ARG A 91 -20.83 2.53 19.13
C ARG A 91 -19.94 2.80 20.33
N LYS A 92 -19.21 1.79 20.79
CA LYS A 92 -18.28 1.98 21.89
C LYS A 92 -17.21 3.02 21.54
N LEU A 93 -16.67 2.96 20.33
CA LEU A 93 -15.57 3.86 19.95
C LEU A 93 -16.06 5.31 19.85
N VAL A 94 -17.25 5.52 19.31
CA VAL A 94 -17.82 6.86 19.21
C VAL A 94 -18.20 7.36 20.59
N LYS A 95 -18.84 6.50 21.41
CA LYS A 95 -19.20 6.91 22.76
C LYS A 95 -17.96 7.33 23.55
N ALA A 96 -16.84 6.64 23.35
CA ALA A 96 -15.60 6.93 24.07
C ALA A 96 -14.86 8.13 23.51
N GLY A 97 -15.33 8.72 22.41
CA GLY A 97 -14.59 9.79 21.77
C GLY A 97 -13.42 9.37 20.90
N GLN A 98 -13.18 8.07 20.71
CA GLN A 98 -12.06 7.67 19.85
C GLN A 98 -12.36 7.96 18.38
N LEU A 99 -13.59 7.75 17.96
CA LEU A 99 -13.98 8.08 16.59
C LEU A 99 -14.94 9.26 16.70
N GLU A 100 -14.58 10.39 16.09
CA GLU A 100 -15.40 11.59 16.18
C GLU A 100 -15.80 12.04 14.78
N PHE A 101 -17.07 12.37 14.61
CA PHE A 101 -17.53 12.86 13.33
C PHE A 101 -17.30 14.36 13.25
N VAL A 102 -16.61 14.80 12.20
CA VAL A 102 -16.45 16.22 11.93
C VAL A 102 -17.24 16.50 10.66
N ASN A 103 -17.79 17.71 10.55
CA ASN A 103 -18.73 18.06 9.49
C ASN A 103 -19.98 17.21 9.67
N GLY A 104 -19.94 15.94 9.24
CA GLY A 104 -21.05 15.03 9.39
C GLY A 104 -22.12 15.09 8.33
N GLY A 105 -21.97 15.94 7.31
CA GLY A 105 -22.90 15.93 6.20
C GLY A 105 -22.71 14.69 5.35
N TRP A 106 -23.64 14.49 4.42
CA TRP A 106 -23.52 13.40 3.46
C TRP A 106 -22.23 13.51 2.69
N CYS A 107 -21.82 14.74 2.38
CA CYS A 107 -20.54 15.00 1.75
C CYS A 107 -19.91 16.22 2.41
N MET A 108 -18.77 16.62 1.88
CA MET A 108 -18.14 17.92 2.16
C MET A 108 -18.44 18.78 0.94
N HIS A 109 -19.43 19.68 1.06
CA HIS A 109 -19.94 20.34 -0.14
C HIS A 109 -18.98 21.40 -0.63
N ASP A 110 -19.01 21.64 -1.94
CA ASP A 110 -18.51 22.90 -2.47
C ASP A 110 -19.22 24.04 -1.77
N GLU A 111 -18.54 25.19 -1.64
CA GLU A 111 -19.21 26.37 -1.09
C GLU A 111 -19.49 27.46 -2.13
N ALA A 112 -18.95 27.32 -3.35
CA ALA A 112 -19.15 28.30 -4.42
C ALA A 112 -20.44 28.04 -5.19
N THR A 113 -20.63 26.83 -5.69
CA THR A 113 -21.69 26.55 -6.64
C THR A 113 -22.88 25.83 -6.03
N THR A 114 -23.00 25.82 -4.71
CA THR A 114 -24.09 25.14 -4.03
C THR A 114 -25.12 26.14 -3.53
N HIS A 115 -26.37 25.69 -3.46
CA HIS A 115 -27.47 26.45 -2.89
C HIS A 115 -27.69 26.07 -1.43
N TYR A 116 -27.99 27.07 -0.58
CA TYR A 116 -28.13 26.81 0.85
C TYR A 116 -29.19 25.75 1.14
N ILE A 117 -30.24 25.67 0.34
CA ILE A 117 -31.25 24.64 0.57
C ILE A 117 -30.64 23.25 0.48
N ASP A 118 -29.85 23.01 -0.56
CA ASP A 118 -29.22 21.70 -0.72
C ASP A 118 -28.13 21.45 0.31
N MET A 119 -27.43 22.50 0.74
CA MET A 119 -26.43 22.34 1.78
C MET A 119 -27.09 21.89 3.08
N ILE A 120 -28.21 22.51 3.44
CA ILE A 120 -28.97 22.12 4.62
C ILE A 120 -29.48 20.69 4.50
N ASP A 121 -30.01 20.32 3.32
CA ASP A 121 -30.63 19.02 3.12
C ASP A 121 -29.65 17.88 3.35
N HIS A 122 -28.52 17.88 2.62
CA HIS A 122 -27.57 16.77 2.79
C HIS A 122 -26.96 16.80 4.19
N THR A 123 -26.79 18.00 4.78
CA THR A 123 -26.19 18.04 6.11
C THR A 123 -27.15 17.42 7.12
N THR A 124 -28.46 17.69 6.97
CA THR A 124 -29.46 17.07 7.84
C THR A 124 -29.50 15.56 7.64
N LEU A 125 -29.33 15.10 6.40
CA LEU A 125 -29.33 13.66 6.13
C LEU A 125 -28.21 12.94 6.89
N GLY A 126 -27.01 13.52 6.91
CA GLY A 126 -25.93 12.91 7.68
C GLY A 126 -26.10 13.07 9.18
N HIS A 127 -26.55 14.26 9.61
CA HIS A 127 -26.65 14.55 11.04
C HIS A 127 -27.77 13.74 11.70
N ARG A 128 -28.88 13.52 10.99
CA ARG A 128 -29.93 12.68 11.57
C ARG A 128 -29.43 11.25 11.75
N PHE A 129 -28.65 10.74 10.80
CA PHE A 129 -28.10 9.39 10.95
C PHE A 129 -27.12 9.33 12.12
N ILE A 130 -26.22 10.31 12.23
CA ILE A 130 -25.29 10.33 13.34
C ILE A 130 -26.03 10.41 14.68
N GLN A 131 -27.04 11.28 14.75
CA GLN A 131 -27.79 11.43 16.00
C GLN A 131 -28.54 10.15 16.33
N GLU A 132 -29.12 9.51 15.31
CA GLU A 132 -29.94 8.33 15.58
C GLU A 132 -29.09 7.14 15.99
N GLN A 133 -27.94 6.95 15.35
CA GLN A 133 -27.11 5.78 15.66
C GLN A 133 -26.26 5.99 16.90
N PHE A 134 -25.74 7.20 17.11
CA PHE A 134 -24.75 7.41 18.14
C PHE A 134 -25.09 8.48 19.16
N ASN A 135 -26.22 9.18 18.99
CA ASN A 135 -26.61 10.24 19.93
C ASN A 135 -25.51 11.30 20.06
N LYS A 136 -24.89 11.63 18.92
CA LYS A 136 -23.79 12.58 18.85
C LYS A 136 -24.20 13.76 17.98
N ILE A 137 -23.67 14.92 18.32
CA ILE A 137 -23.84 16.20 17.64
C ILE A 137 -22.45 16.67 17.23
N PRO A 138 -22.12 16.72 15.95
CA PRO A 138 -20.80 17.25 15.55
C PRO A 138 -20.64 18.70 15.97
N ARG A 139 -19.43 19.04 16.42
CA ARG A 139 -19.11 20.39 16.87
C ARG A 139 -18.06 21.09 16.03
N ALA A 140 -17.37 20.39 15.14
CA ALA A 140 -16.33 21.00 14.32
C ALA A 140 -16.68 20.83 12.85
N GLY A 141 -16.70 21.95 12.13
CA GLY A 141 -16.90 21.89 10.69
C GLY A 141 -15.62 21.54 9.98
N TRP A 142 -15.76 20.88 8.83
CA TRP A 142 -14.58 20.31 8.15
C TRP A 142 -14.74 20.65 6.69
N GLN A 143 -14.02 21.68 6.25
CA GLN A 143 -14.04 22.10 4.85
C GLN A 143 -12.62 22.13 4.29
N ILE A 144 -11.88 21.03 4.46
CA ILE A 144 -10.43 21.14 4.32
C ILE A 144 -10.03 21.34 2.86
N ASP A 145 -10.85 20.89 1.91
CA ASP A 145 -10.47 20.94 0.48
C ASP A 145 -11.24 21.95 -0.39
N PRO A 146 -12.47 22.36 -0.08
CA PRO A 146 -13.19 23.26 -1.00
C PRO A 146 -12.45 24.54 -1.38
N PHE A 147 -12.76 25.03 -2.60
CA PHE A 147 -11.86 25.93 -3.31
C PHE A 147 -12.28 27.39 -3.06
N GLY A 148 -11.97 27.85 -1.85
CA GLY A 148 -12.52 29.10 -1.35
C GLY A 148 -13.72 28.82 -0.46
N HIS A 149 -14.22 29.87 0.20
CA HIS A 149 -15.20 29.69 1.25
C HIS A 149 -16.19 30.84 1.30
N SER A 150 -17.47 30.51 1.51
CA SER A 150 -18.59 31.45 1.42
C SER A 150 -18.99 31.96 2.79
N ALA A 151 -19.64 33.12 2.79
CA ALA A 151 -20.13 33.70 4.03
C ALA A 151 -21.15 32.78 4.70
N VAL A 152 -22.07 32.21 3.91
CA VAL A 152 -23.09 31.31 4.43
C VAL A 152 -22.46 30.06 5.06
N GLN A 153 -21.30 29.62 4.55
CA GLN A 153 -20.60 28.51 5.20
C GLN A 153 -20.24 28.85 6.64
N GLY A 154 -19.77 30.07 6.89
CA GLY A 154 -19.39 30.44 8.25
C GLY A 154 -20.58 30.52 9.19
N TYR A 155 -21.61 31.27 8.83
CA TYR A 155 -22.63 31.58 9.84
C TYR A 155 -23.79 30.61 9.83
N LEU A 156 -24.14 30.09 8.66
CA LEU A 156 -25.34 29.27 8.57
C LEU A 156 -25.00 27.78 8.63
N LEU A 157 -24.10 27.32 7.76
CA LEU A 157 -23.61 25.94 7.81
C LEU A 157 -22.38 25.79 8.73
N GLY A 158 -22.17 26.77 9.61
CA GLY A 158 -21.25 26.65 10.71
C GLY A 158 -21.93 27.00 12.03
N ALA A 159 -21.99 28.29 12.36
CA ALA A 159 -22.52 28.69 13.66
C ALA A 159 -23.93 28.13 13.88
N GLU A 160 -24.82 28.31 12.90
CA GLU A 160 -26.20 27.90 13.09
C GLU A 160 -26.36 26.38 13.17
N LEU A 161 -25.37 25.60 12.71
CA LEU A 161 -25.40 24.16 12.93
C LEU A 161 -25.04 23.76 14.34
N GLY A 162 -24.53 24.69 15.14
CA GLY A 162 -23.95 24.32 16.42
C GLY A 162 -22.47 24.02 16.39
N PHE A 163 -21.76 24.37 15.32
CA PHE A 163 -20.32 24.17 15.25
C PHE A 163 -19.60 25.32 15.98
N ASP A 164 -18.60 24.97 16.78
CA ASP A 164 -17.76 25.97 17.42
C ASP A 164 -16.62 26.42 16.52
N SER A 165 -16.30 25.61 15.51
CA SER A 165 -15.16 25.87 14.66
C SER A 165 -15.42 25.32 13.26
N VAL A 166 -14.64 25.82 12.29
N VAL A 166 -14.62 25.81 12.32
CA VAL A 166 -14.58 25.27 10.94
CA VAL A 166 -14.52 25.26 10.98
C VAL A 166 -13.13 25.39 10.46
C VAL A 166 -13.04 25.28 10.62
N HIS A 167 -12.66 24.36 9.75
CA HIS A 167 -11.24 24.18 9.44
C HIS A 167 -11.08 23.99 7.95
N PHE A 168 -10.11 24.69 7.34
CA PHE A 168 -9.94 24.58 5.89
C PHE A 168 -8.50 24.88 5.51
N ALA A 169 -8.06 24.28 4.39
CA ALA A 169 -6.70 24.48 3.91
C ALA A 169 -6.57 25.61 2.90
N ARG A 170 -7.59 25.84 2.08
CA ARG A 170 -7.45 26.69 0.91
C ARG A 170 -7.94 28.11 1.20
N ILE A 171 -7.01 29.07 1.09
CA ILE A 171 -7.29 30.50 1.04
C ILE A 171 -6.38 31.09 -0.03
N ASP A 172 -6.65 32.34 -0.41
CA ASP A 172 -5.85 32.99 -1.45
C ASP A 172 -4.37 33.07 -1.06
N TYR A 173 -3.48 32.81 -2.03
CA TYR A 173 -2.05 32.69 -1.75
C TYR A 173 -1.43 34.03 -1.31
N GLN A 174 -1.94 35.17 -1.77
CA GLN A 174 -1.51 36.46 -1.22
C GLN A 174 -2.07 36.67 0.18
N ASP A 175 -3.35 36.32 0.38
CA ASP A 175 -3.98 36.45 1.69
C ASP A 175 -3.27 35.59 2.73
N ARG A 176 -2.87 34.39 2.34
CA ARG A 176 -2.15 33.49 3.25
C ARG A 176 -0.82 34.07 3.71
N GLU A 177 -0.07 34.70 2.81
CA GLU A 177 1.22 35.26 3.21
C GLU A 177 1.02 36.37 4.25
N LYS A 178 -0.01 37.20 4.08
CA LYS A 178 -0.25 38.25 5.06
C LYS A 178 -0.70 37.65 6.39
N ARG A 179 -1.51 36.59 6.34
CA ARG A 179 -2.03 35.99 7.57
C ARG A 179 -0.93 35.26 8.33
N LYS A 180 0.06 34.70 7.63
CA LYS A 180 1.21 34.13 8.33
C LYS A 180 1.97 35.21 9.07
N ALA A 181 2.18 36.35 8.42
CA ALA A 181 2.92 37.46 9.01
C ALA A 181 2.18 38.07 10.19
N GLU A 182 0.83 38.17 10.11
CA GLU A 182 0.02 38.74 11.20
C GLU A 182 -0.43 37.70 12.22
N LYS A 183 -0.05 36.44 12.06
CA LYS A 183 -0.66 35.34 12.82
C LYS A 183 -2.19 35.46 12.82
N SER A 184 -2.76 35.64 11.63
CA SER A 184 -4.20 35.74 11.48
C SER A 184 -4.76 34.60 10.61
N LEU A 185 -4.07 33.46 10.57
CA LEU A 185 -4.64 32.27 9.94
C LEU A 185 -5.91 31.83 10.65
N GLU A 186 -5.96 31.99 11.98
CA GLU A 186 -7.13 31.64 12.77
C GLU A 186 -7.83 32.90 13.23
N VAL A 187 -9.15 32.97 13.01
CA VAL A 187 -9.96 34.17 13.23
C VAL A 187 -11.29 33.79 13.86
N VAL A 188 -11.97 34.79 14.40
CA VAL A 188 -13.40 34.67 14.70
C VAL A 188 -14.13 35.29 13.52
N TRP A 189 -14.94 34.48 12.86
CA TRP A 189 -15.49 34.79 11.55
C TRP A 189 -16.97 35.11 11.73
N ARG A 190 -17.39 36.28 11.26
CA ARG A 190 -18.79 36.69 11.35
C ARG A 190 -19.29 36.84 9.92
N GLY A 191 -19.82 35.75 9.37
CA GLY A 191 -20.17 35.73 7.97
C GLY A 191 -21.46 36.43 7.63
N SER A 192 -22.26 36.80 8.63
CA SER A 192 -23.55 37.45 8.42
C SER A 192 -23.45 38.91 8.84
N LYS A 193 -23.72 39.82 7.88
CA LYS A 193 -23.89 41.21 8.28
C LYS A 193 -25.06 41.38 9.24
N THR A 194 -26.11 40.57 9.08
CA THR A 194 -27.30 40.69 9.92
C THR A 194 -27.05 40.18 11.34
N PHE A 195 -26.43 39.01 11.46
CA PHE A 195 -26.35 38.39 12.77
C PHE A 195 -25.07 38.72 13.51
N GLY A 196 -24.01 39.12 12.79
CA GLY A 196 -22.80 39.55 13.46
C GLY A 196 -22.25 38.50 14.43
N SER A 197 -21.93 38.94 15.65
CA SER A 197 -21.32 38.07 16.65
C SER A 197 -22.28 37.01 17.20
N SER A 198 -23.58 37.11 16.91
CA SER A 198 -24.50 36.08 17.36
C SER A 198 -24.49 34.82 16.48
N ALA A 199 -23.79 34.83 15.34
CA ALA A 199 -23.62 33.64 14.53
C ALA A 199 -22.18 33.62 14.06
N GLN A 200 -21.25 33.55 15.00
CA GLN A 200 -19.82 33.56 14.69
C GLN A 200 -19.22 32.19 14.96
N ILE A 201 -18.01 32.00 14.43
CA ILE A 201 -17.35 30.70 14.49
C ILE A 201 -15.84 30.91 14.43
N PHE A 202 -15.11 30.04 15.12
CA PHE A 202 -13.66 30.04 15.09
C PHE A 202 -13.22 29.39 13.78
N ALA A 203 -12.55 30.16 12.92
CA ALA A 203 -12.20 29.69 11.58
C ALA A 203 -10.69 29.49 11.52
N ASN A 204 -10.28 28.28 11.18
CA ASN A 204 -8.87 27.89 11.20
C ASN A 204 -8.44 27.58 9.77
N ALA A 205 -7.68 28.50 9.16
CA ALA A 205 -7.03 28.25 7.89
C ALA A 205 -5.67 27.62 8.15
N PHE A 206 -5.45 26.42 7.61
CA PHE A 206 -4.20 25.71 7.87
C PHE A 206 -3.03 26.48 7.25
N PRO A 207 -1.82 26.32 7.79
CA PRO A 207 -0.65 26.99 7.17
C PRO A 207 -0.47 26.70 5.68
N GLY A 208 -0.74 25.48 5.21
CA GLY A 208 -0.50 25.23 3.79
C GLY A 208 -1.40 24.25 3.09
N HIS A 209 -1.63 23.10 3.70
CA HIS A 209 -2.30 21.96 3.08
C HIS A 209 -2.88 21.16 4.23
N TYR A 210 -3.76 20.22 3.93
CA TYR A 210 -4.37 19.41 4.98
C TYR A 210 -3.65 18.09 5.19
N GLY A 211 -2.38 18.02 4.80
CA GLY A 211 -1.52 16.87 5.05
C GLY A 211 -0.61 17.08 6.22
N PRO A 212 0.20 16.08 6.55
CA PRO A 212 1.13 16.19 7.67
C PRO A 212 2.35 17.01 7.28
N PRO A 213 3.17 17.43 8.24
CA PRO A 213 4.45 18.02 7.86
C PRO A 213 5.27 17.03 7.04
N ASN A 214 6.21 17.58 6.26
CA ASN A 214 7.08 16.75 5.45
CA ASN A 214 7.09 16.75 5.46
C ASN A 214 7.75 15.68 6.29
N GLY A 215 7.70 14.45 5.79
CA GLY A 215 8.27 13.33 6.49
C GLY A 215 7.36 12.68 7.52
N PHE A 216 6.11 13.13 7.65
CA PHE A 216 5.18 12.54 8.61
C PHE A 216 3.92 11.96 7.94
N ASN A 217 4.03 11.60 6.66
CA ASN A 217 3.02 10.77 6.01
C ASN A 217 3.43 9.30 6.14
N PHE A 218 2.56 8.51 6.76
CA PHE A 218 2.88 7.14 7.18
C PHE A 218 2.00 6.12 6.47
N GLU A 219 1.56 6.41 5.24
CA GLU A 219 0.71 5.45 4.54
C GLU A 219 1.50 4.20 4.18
N VAL A 220 0.82 3.04 4.28
CA VAL A 220 1.44 1.76 3.96
C VAL A 220 2.07 1.80 2.56
N ARG A 221 3.28 1.27 2.45
CA ARG A 221 4.09 1.16 1.23
C ARG A 221 4.77 2.47 0.84
N ASN A 222 4.60 3.56 1.60
CA ASN A 222 5.28 4.81 1.31
C ASN A 222 6.72 4.79 1.83
N ASN A 223 7.55 5.69 1.30
CA ASN A 223 8.96 5.74 1.70
C ASN A 223 9.18 6.74 2.84
N PHE A 224 8.55 6.49 3.98
CA PHE A 224 8.80 7.29 5.17
C PHE A 224 9.87 6.62 6.02
N VAL A 225 10.34 7.36 7.02
CA VAL A 225 11.36 6.88 7.97
C VAL A 225 10.62 6.36 9.19
N PRO A 226 10.55 5.04 9.39
CA PRO A 226 9.90 4.54 10.61
C PRO A 226 10.77 4.84 11.82
N LEU A 227 10.11 5.06 12.95
CA LEU A 227 10.83 5.31 14.17
C LEU A 227 11.26 3.96 14.75
N GLN A 228 12.57 3.75 14.84
CA GLN A 228 13.16 2.47 15.14
C GLN A 228 13.66 2.60 16.57
N ASP A 229 12.87 2.12 17.54
CA ASP A 229 13.20 2.30 18.95
C ASP A 229 13.54 1.00 19.67
N ASP A 230 13.83 -0.06 18.92
CA ASP A 230 14.17 -1.35 19.52
C ASP A 230 15.68 -1.49 19.53
N PRO A 231 16.35 -1.50 20.70
CA PRO A 231 17.82 -1.62 20.71
C PRO A 231 18.32 -3.01 20.37
N ARG A 232 17.44 -3.99 20.21
CA ARG A 232 17.86 -5.28 19.68
CA ARG A 232 17.87 -5.27 19.68
C ARG A 232 17.98 -5.27 18.16
N LEU A 233 17.59 -4.18 17.51
CA LEU A 233 17.70 -4.04 16.07
C LEU A 233 18.71 -2.93 15.76
N PHE A 234 19.35 -3.04 14.59
CA PHE A 234 20.28 -2.00 14.19
C PHE A 234 19.54 -0.72 13.86
N ASP A 235 20.27 0.39 13.93
CA ASP A 235 19.83 1.69 13.42
C ASP A 235 18.61 2.23 14.18
N THR A 236 18.73 2.31 15.51
CA THR A 236 17.76 3.09 16.26
C THR A 236 17.88 4.55 15.84
N ASN A 237 16.75 5.26 15.84
CA ASN A 237 16.80 6.65 15.39
C ASN A 237 15.85 7.53 16.19
N VAL A 238 15.63 7.20 17.47
CA VAL A 238 14.65 7.90 18.30
C VAL A 238 14.96 9.41 18.36
N GLU A 239 16.21 9.75 18.69
CA GLU A 239 16.55 11.16 18.87
C GLU A 239 16.33 11.94 17.59
N GLU A 240 16.71 11.36 16.45
CA GLU A 240 16.52 12.05 15.17
C GLU A 240 15.04 12.33 14.88
N ARG A 241 14.18 11.31 15.04
CA ARG A 241 12.76 11.53 14.76
C ARG A 241 12.13 12.51 15.76
N VAL A 242 12.52 12.44 17.03
CA VAL A 242 12.01 13.43 17.99
C VAL A 242 12.39 14.83 17.54
N GLN A 243 13.63 15.01 17.09
CA GLN A 243 14.05 16.35 16.65
C GLN A 243 13.33 16.75 15.36
N ASN A 244 13.15 15.81 14.42
CA ASN A 244 12.34 16.07 13.23
C ASN A 244 10.99 16.64 13.63
N PHE A 245 10.37 16.01 14.61
CA PHE A 245 9.05 16.41 15.08
C PHE A 245 9.09 17.81 15.69
N ILE A 246 10.06 18.06 16.56
CA ILE A 246 10.15 19.34 17.25
C ILE A 246 10.35 20.46 16.24
N ASP A 247 11.20 20.21 15.24
CA ASP A 247 11.52 21.23 14.22
C ASP A 247 10.28 21.63 13.43
N ALA A 248 9.50 20.64 13.00
CA ALA A 248 8.27 20.97 12.29
C ALA A 248 7.32 21.75 13.19
N ALA A 249 7.22 21.36 14.47
CA ALA A 249 6.31 22.03 15.41
C ALA A 249 6.74 23.49 15.64
N LEU A 250 8.03 23.74 15.83
CA LEU A 250 8.50 25.11 16.06
C LEU A 250 8.19 26.00 14.86
N THR A 251 8.40 25.48 13.65
CA THR A 251 8.12 26.27 12.45
C THR A 251 6.65 26.70 12.42
N GLN A 252 5.74 25.78 12.71
CA GLN A 252 4.32 26.11 12.71
C GLN A 252 3.96 27.04 13.88
N ALA A 253 4.55 26.81 15.04
CA ALA A 253 4.29 27.70 16.17
C ALA A 253 4.65 29.16 15.85
N LYS A 254 5.64 29.40 14.98
CA LYS A 254 6.02 30.77 14.64
C LYS A 254 4.94 31.55 13.92
N ILE A 255 3.94 30.87 13.35
CA ILE A 255 2.87 31.54 12.62
C ILE A 255 1.49 31.27 13.23
N THR A 256 1.42 30.85 14.51
CA THR A 256 0.19 30.44 15.18
C THR A 256 0.08 31.07 16.57
N ARG A 257 -1.11 31.57 16.94
CA ARG A 257 -1.28 32.08 18.29
C ARG A 257 -1.55 30.96 19.30
N THR A 258 -1.14 31.20 20.55
CA THR A 258 -1.29 30.28 21.70
C THR A 258 -0.26 29.15 21.63
N ASN A 259 -0.19 28.37 22.70
CA ASN A 259 0.69 27.20 22.76
C ASN A 259 0.02 25.93 22.22
N HIS A 260 -0.94 26.07 21.30
CA HIS A 260 -1.60 24.93 20.67
C HIS A 260 -1.55 25.05 19.15
N ILE A 261 -0.98 24.04 18.50
CA ILE A 261 -1.04 23.89 17.05
C ILE A 261 -1.65 22.53 16.72
N MET A 262 -2.12 22.42 15.48
CA MET A 262 -2.79 21.21 15.00
C MET A 262 -2.08 20.66 13.77
N TRP A 263 -1.80 19.35 13.77
CA TRP A 263 -1.29 18.62 12.62
C TRP A 263 -2.45 17.79 12.05
N THR A 264 -2.73 17.98 10.79
CA THR A 264 -3.75 17.20 10.08
C THR A 264 -3.04 15.94 9.57
N MET A 265 -3.07 14.88 10.37
CA MET A 265 -2.29 13.66 10.10
C MET A 265 -3.08 12.75 9.15
N GLY A 266 -3.08 13.13 7.88
CA GLY A 266 -3.72 12.33 6.84
C GLY A 266 -3.69 13.10 5.53
N ASP A 267 -4.34 12.53 4.51
CA ASP A 267 -4.41 13.14 3.19
C ASP A 267 -5.50 12.41 2.40
N ASP A 268 -5.57 12.65 1.09
CA ASP A 268 -6.58 12.02 0.24
C ASP A 268 -6.54 10.50 0.37
N PHE A 269 -7.65 9.90 0.83
CA PHE A 269 -7.85 8.45 0.84
C PHE A 269 -6.73 7.71 1.58
N GLN A 270 -6.10 8.38 2.54
CA GLN A 270 -5.10 7.72 3.35
C GLN A 270 -5.78 6.85 4.42
N TYR A 271 -4.96 6.11 5.16
CA TYR A 271 -5.40 5.16 6.19
C TYR A 271 -6.01 3.89 5.59
N GLN A 272 -5.60 3.52 4.37
CA GLN A 272 -6.00 2.21 3.88
C GLN A 272 -5.58 1.11 4.85
N TYR A 273 -4.39 1.26 5.46
CA TYR A 273 -3.94 0.41 6.56
C TYR A 273 -3.65 1.36 7.71
N ALA A 274 -4.68 1.61 8.52
CA ALA A 274 -4.59 2.62 9.57
C ALA A 274 -3.38 2.38 10.49
N GLU A 275 -3.09 1.11 10.80
CA GLU A 275 -2.07 0.85 11.81
C GLU A 275 -0.71 1.39 11.39
N SER A 276 -0.46 1.51 10.09
CA SER A 276 0.81 2.11 9.67
C SER A 276 0.98 3.51 10.26
N TRP A 277 -0.10 4.28 10.28
CA TRP A 277 -0.06 5.64 10.83
C TRP A 277 -0.04 5.61 12.35
N PHE A 278 -0.93 4.81 12.96
CA PHE A 278 -1.03 4.84 14.41
C PHE A 278 0.22 4.27 15.09
N LYS A 279 0.91 3.32 14.45
CA LYS A 279 2.17 2.86 15.01
C LYS A 279 3.13 4.03 15.18
N GLN A 280 3.32 4.83 14.12
CA GLN A 280 4.27 5.93 14.17
C GLN A 280 3.80 7.00 15.14
N MET A 281 2.51 7.29 15.17
CA MET A 281 2.03 8.34 16.07
C MET A 281 2.13 7.87 17.52
N ASP A 282 1.82 6.60 17.80
CA ASP A 282 2.05 6.06 19.14
C ASP A 282 3.48 6.32 19.59
N LYS A 283 4.45 5.96 18.73
CA LYS A 283 5.85 6.09 19.12
C LYS A 283 6.27 7.54 19.27
N LEU A 284 5.81 8.41 18.36
CA LEU A 284 6.14 9.83 18.44
C LEU A 284 5.57 10.45 19.71
N ILE A 285 4.31 10.20 20.01
CA ILE A 285 3.75 10.75 21.26
C ILE A 285 4.59 10.32 22.46
N HIS A 286 4.87 9.01 22.55
CA HIS A 286 5.65 8.46 23.66
C HIS A 286 7.00 9.13 23.79
N HIS A 287 7.79 9.12 22.71
CA HIS A 287 9.17 9.57 22.80
C HIS A 287 9.30 11.08 22.80
N VAL A 288 8.43 11.78 22.07
CA VAL A 288 8.45 13.24 22.13
C VAL A 288 8.16 13.72 23.54
N ASN A 289 7.21 13.08 24.21
CA ASN A 289 6.81 13.53 25.55
C ASN A 289 7.85 13.14 26.60
N LYS A 290 8.46 11.96 26.46
CA LYS A 290 9.61 11.60 27.31
C LYS A 290 10.70 12.64 27.19
N ASP A 291 10.92 13.13 25.96
CA ASP A 291 11.92 14.15 25.72
C ASP A 291 11.57 15.44 26.49
N GLY A 292 10.31 15.85 26.46
CA GLY A 292 9.84 16.93 27.30
C GLY A 292 9.93 18.34 26.73
N ARG A 293 10.61 18.56 25.60
CA ARG A 293 10.70 19.92 25.07
C ARG A 293 9.35 20.42 24.56
N VAL A 294 8.62 19.60 23.81
CA VAL A 294 7.25 19.91 23.41
C VAL A 294 6.35 18.76 23.88
N ASN A 295 5.04 18.92 23.66
CA ASN A 295 4.04 17.95 24.13
C ASN A 295 3.18 17.53 22.95
N ALA A 296 3.01 16.22 22.77
CA ALA A 296 2.20 15.71 21.67
C ALA A 296 1.01 14.92 22.23
N LEU A 297 -0.11 14.96 21.52
CA LEU A 297 -1.28 14.20 21.97
C LEU A 297 -2.16 13.84 20.77
N TYR A 298 -2.83 12.70 20.88
CA TYR A 298 -3.97 12.43 20.00
C TYR A 298 -5.08 13.43 20.29
N SER A 299 -5.63 14.02 19.24
CA SER A 299 -6.61 15.08 19.41
C SER A 299 -7.62 15.03 18.28
N THR A 300 -8.54 16.01 18.27
CA THR A 300 -9.54 16.18 17.22
C THR A 300 -9.66 17.69 17.01
N PRO A 301 -10.32 18.12 15.94
CA PRO A 301 -10.46 19.57 15.74
C PRO A 301 -11.27 20.25 16.83
N SER A 302 -12.18 19.52 17.50
CA SER A 302 -12.98 20.10 18.58
C SER A 302 -12.18 20.17 19.89
N ILE A 303 -11.40 19.14 20.21
CA ILE A 303 -10.48 19.22 21.35
C ILE A 303 -9.48 20.36 21.14
N TYR A 304 -8.95 20.48 19.92
CA TYR A 304 -8.04 21.58 19.60
C TYR A 304 -8.72 22.93 19.81
N THR A 305 -9.94 23.10 19.27
CA THR A 305 -10.64 24.38 19.42
C THR A 305 -10.89 24.69 20.89
N GLU A 306 -11.26 23.68 21.68
CA GLU A 306 -11.46 23.89 23.12
C GLU A 306 -10.19 24.42 23.79
N ALA A 307 -9.03 23.90 23.41
CA ALA A 307 -7.78 24.43 23.95
C ALA A 307 -7.52 25.86 23.45
N LYS A 308 -7.86 26.15 22.20
CA LYS A 308 -7.70 27.52 21.71
C LYS A 308 -8.61 28.47 22.46
N ASN A 309 -9.82 28.00 22.82
CA ASN A 309 -10.78 28.86 23.48
C ASN A 309 -10.39 29.13 24.94
N ALA A 310 -9.81 28.13 25.62
CA ALA A 310 -9.42 28.28 27.03
C ALA A 310 -8.16 29.13 27.19
N ALA A 311 -7.41 29.33 26.11
CA ALA A 311 -6.22 30.17 26.12
C ALA A 311 -6.58 31.64 26.36
N ASN A 312 -5.67 32.34 27.03
CA ASN A 312 -5.81 33.79 27.21
C ASN A 312 -5.32 34.46 25.93
N GLN A 313 -6.26 34.86 25.07
CA GLN A 313 -5.88 35.32 23.73
C GLN A 313 -7.04 36.11 23.11
N THR A 314 -6.69 37.22 22.45
CA THR A 314 -7.64 37.94 21.61
C THR A 314 -7.40 37.55 20.14
N TRP A 315 -8.49 37.52 19.36
CA TRP A 315 -8.43 36.96 18.02
C TRP A 315 -8.79 37.98 16.96
N PRO A 316 -8.16 37.94 15.79
CA PRO A 316 -8.55 38.85 14.71
C PRO A 316 -9.91 38.51 14.15
N LEU A 317 -10.57 39.53 13.61
CA LEU A 317 -11.92 39.40 13.08
C LEU A 317 -11.88 39.07 11.59
N LYS A 318 -12.81 38.24 11.14
CA LYS A 318 -13.05 37.99 9.72
C LYS A 318 -14.51 38.27 9.38
N ILE A 319 -14.71 39.10 8.36
CA ILE A 319 -16.03 39.46 7.85
CA ILE A 319 -16.02 39.47 7.84
C ILE A 319 -16.14 38.87 6.44
N ASP A 320 -17.39 38.75 5.95
CA ASP A 320 -17.68 38.42 4.52
C ASP A 320 -17.11 37.03 4.20
N ASP A 321 -16.31 36.85 3.14
CA ASP A 321 -16.00 35.50 2.71
C ASP A 321 -14.57 35.38 2.23
N TYR A 322 -14.24 34.19 1.72
CA TYR A 322 -12.93 33.92 1.17
C TYR A 322 -13.06 33.60 -0.30
N PHE A 323 -13.73 34.48 -1.05
CA PHE A 323 -13.77 34.31 -2.49
C PHE A 323 -13.21 35.57 -3.12
N PRO A 324 -12.58 35.47 -4.30
CA PRO A 324 -12.27 34.21 -4.99
C PRO A 324 -11.02 33.64 -4.40
N TYR A 325 -10.76 32.36 -4.67
CA TYR A 325 -9.55 31.67 -4.24
C TYR A 325 -8.57 31.59 -5.41
N ALA A 326 -7.30 31.95 -5.17
CA ALA A 326 -6.21 31.67 -6.10
C ALA A 326 -5.07 31.01 -5.35
N ASP A 327 -4.48 29.98 -5.93
CA ASP A 327 -3.27 29.42 -5.32
C ASP A 327 -2.00 29.88 -6.01
N GLY A 328 -2.09 30.76 -7.00
CA GLY A 328 -0.90 31.33 -7.58
C GLY A 328 -1.26 32.48 -8.51
N ARG A 329 -0.20 33.13 -9.01
CA ARG A 329 -0.32 34.43 -9.69
C ARG A 329 -1.31 34.40 -10.86
N ASN A 330 -1.26 33.36 -11.69
CA ASN A 330 -2.19 33.26 -12.82
C ASN A 330 -3.17 32.11 -12.65
N ALA A 331 -3.57 31.81 -11.40
CA ALA A 331 -4.38 30.64 -11.14
C ALA A 331 -5.51 31.00 -10.17
N TYR A 332 -6.45 31.79 -10.66
CA TYR A 332 -7.71 32.02 -9.98
C TYR A 332 -8.64 30.86 -10.24
N TRP A 333 -9.11 30.22 -9.18
CA TRP A 333 -10.08 29.11 -9.29
C TRP A 333 -11.48 29.69 -9.40
N THR A 334 -11.73 30.36 -10.52
CA THR A 334 -13.03 30.94 -10.76
C THR A 334 -13.69 30.35 -12.00
N GLY A 335 -12.99 29.48 -12.73
CA GLY A 335 -13.60 28.78 -13.85
C GLY A 335 -14.72 27.84 -13.45
N PHE A 336 -14.54 27.11 -12.33
CA PHE A 336 -15.55 26.13 -11.92
C PHE A 336 -16.83 26.78 -11.45
N TYR A 337 -16.89 28.09 -11.25
CA TYR A 337 -18.18 28.73 -11.01
C TYR A 337 -19.13 28.50 -12.18
N THR A 338 -18.60 28.24 -13.37
CA THR A 338 -19.41 27.91 -14.53
C THR A 338 -19.29 26.46 -14.98
N SER A 339 -18.12 25.83 -14.79
CA SER A 339 -17.80 24.55 -15.42
C SER A 339 -18.94 23.55 -15.27
N ARG A 340 -19.26 22.87 -16.37
CA ARG A 340 -20.33 21.85 -16.41
C ARG A 340 -21.70 22.49 -16.13
N SER A 341 -22.05 23.45 -16.99
CA SER A 341 -23.30 24.19 -16.84
C SER A 341 -24.50 23.26 -16.85
N ALA A 342 -24.50 22.26 -17.71
CA ALA A 342 -25.64 21.36 -17.81
C ALA A 342 -25.84 20.56 -16.52
N LEU A 343 -24.75 20.03 -15.95
CA LEU A 343 -24.88 19.36 -14.64
C LEU A 343 -25.37 20.35 -13.59
N LYS A 344 -24.88 21.58 -13.61
CA LYS A 344 -25.33 22.53 -12.59
C LYS A 344 -26.82 22.81 -12.71
N ASP A 345 -27.33 22.93 -13.93
CA ASP A 345 -28.75 23.15 -14.14
C ASP A 345 -29.56 21.92 -13.73
N TYR A 346 -29.04 20.74 -14.03
CA TYR A 346 -29.71 19.49 -13.65
C TYR A 346 -29.89 19.43 -12.13
N VAL A 347 -28.82 19.74 -11.38
CA VAL A 347 -28.89 19.75 -9.93
C VAL A 347 -29.94 20.75 -9.45
N ARG A 348 -29.94 21.95 -10.02
CA ARG A 348 -30.84 22.99 -9.53
C ARG A 348 -32.30 22.63 -9.83
N MET A 349 -32.57 22.14 -11.05
CA MET A 349 -33.90 21.63 -11.38
C MET A 349 -34.35 20.55 -10.40
N LEU A 350 -33.48 19.55 -10.18
CA LEU A 350 -33.94 18.45 -9.35
C LEU A 350 -34.12 18.89 -7.90
N SER A 351 -33.32 19.87 -7.45
CA SER A 351 -33.50 20.38 -6.09
C SER A 351 -34.89 20.97 -5.92
N GLY A 352 -35.31 21.84 -6.84
CA GLY A 352 -36.65 22.39 -6.75
C GLY A 352 -37.72 21.33 -6.87
N TYR A 353 -37.52 20.36 -7.77
CA TYR A 353 -38.48 19.26 -7.90
C TYR A 353 -38.56 18.45 -6.61
N TYR A 354 -37.43 18.23 -5.96
CA TYR A 354 -37.42 17.42 -4.75
C TYR A 354 -38.08 18.14 -3.58
N LEU A 355 -38.00 19.46 -3.55
CA LEU A 355 -38.77 20.23 -2.57
C LEU A 355 -40.26 19.97 -2.74
N ALA A 356 -40.75 20.05 -3.97
CA ALA A 356 -42.17 19.82 -4.24
C ALA A 356 -42.55 18.37 -3.99
N THR A 357 -41.66 17.43 -4.32
CA THR A 357 -41.93 16.01 -4.08
C THR A 357 -42.17 15.74 -2.60
N ARG A 358 -41.33 16.29 -1.73
CA ARG A 358 -41.48 16.05 -0.31
C ARG A 358 -42.75 16.71 0.23
N GLN A 359 -43.12 17.89 -0.28
CA GLN A 359 -44.42 18.49 0.04
C GLN A 359 -45.56 17.53 -0.28
N LEU A 360 -45.68 17.16 -1.55
CA LEU A 360 -46.78 16.34 -1.99
C LEU A 360 -46.80 14.98 -1.29
N GLY A 361 -45.61 14.40 -1.06
CA GLY A 361 -45.55 13.14 -0.34
C GLY A 361 -46.08 13.26 1.08
N PHE A 362 -45.76 14.38 1.74
CA PHE A 362 -46.30 14.58 3.08
C PHE A 362 -47.82 14.70 3.04
N PHE A 363 -48.33 15.54 2.14
CA PHE A 363 -49.77 15.71 2.01
C PHE A 363 -50.49 14.39 1.71
N ALA A 364 -49.93 13.56 0.82
CA ALA A 364 -50.54 12.29 0.47
C ALA A 364 -50.20 11.16 1.44
N GLY A 365 -49.40 11.43 2.47
CA GLY A 365 -49.06 10.43 3.47
C GLY A 365 -48.06 9.37 3.03
N LYS A 366 -47.23 9.65 2.03
CA LYS A 366 -46.25 8.67 1.56
C LYS A 366 -45.14 8.49 2.57
N LYS A 367 -44.58 7.29 2.61
CA LYS A 367 -43.57 6.92 3.60
C LYS A 367 -42.19 7.39 3.16
N SER A 368 -41.37 7.75 4.16
CA SER A 368 -40.03 8.26 3.89
C SER A 368 -39.14 7.16 3.32
N THR A 369 -38.34 7.52 2.30
CA THR A 369 -37.40 6.60 1.68
C THR A 369 -35.98 7.17 1.68
N LYS A 370 -35.67 8.09 2.61
CA LYS A 370 -34.45 8.90 2.52
C LYS A 370 -33.18 8.06 2.49
N TYR A 371 -33.14 6.95 3.22
CA TYR A 371 -31.98 6.09 3.32
C TYR A 371 -32.08 4.83 2.44
N HIS A 372 -33.04 4.78 1.52
CA HIS A 372 -33.13 3.65 0.59
C HIS A 372 -32.06 3.78 -0.50
N ALA A 373 -31.58 2.63 -0.99
CA ALA A 373 -30.55 2.64 -2.03
C ALA A 373 -31.01 3.44 -3.24
N PHE A 374 -30.15 4.34 -3.71
CA PHE A 374 -30.36 5.14 -4.91
C PHE A 374 -31.48 6.15 -4.76
N ASP A 375 -31.93 6.42 -3.54
CA ASP A 375 -32.93 7.47 -3.33
C ASP A 375 -32.40 8.81 -3.83
N LEU A 376 -33.34 9.70 -4.17
CA LEU A 376 -32.95 11.05 -4.56
C LEU A 376 -32.22 11.80 -3.44
N ALA A 377 -32.50 11.47 -2.17
CA ALA A 377 -31.76 12.10 -1.07
C ALA A 377 -30.26 11.82 -1.21
N ASP A 378 -29.91 10.55 -1.48
CA ASP A 378 -28.52 10.16 -1.67
C ASP A 378 -27.93 10.82 -2.91
N ALA A 379 -28.66 10.78 -4.02
CA ALA A 379 -28.14 11.32 -5.27
C ALA A 379 -27.95 12.82 -5.20
N LEU A 380 -28.90 13.56 -4.62
CA LEU A 380 -28.71 15.00 -4.52
C LEU A 380 -27.68 15.37 -3.47
N GLY A 381 -27.53 14.54 -2.43
CA GLY A 381 -26.52 14.83 -1.42
C GLY A 381 -25.12 14.61 -1.95
N ILE A 382 -24.92 13.52 -2.67
CA ILE A 382 -23.67 13.27 -3.39
C ILE A 382 -23.34 14.42 -4.34
N ALA A 383 -24.37 14.94 -5.05
CA ALA A 383 -24.16 15.97 -6.06
C ALA A 383 -23.60 17.29 -5.50
N GLN A 384 -23.76 17.53 -4.21
CA GLN A 384 -23.19 18.72 -3.57
C GLN A 384 -21.70 18.61 -3.30
N HIS A 385 -21.09 17.43 -3.48
CA HIS A 385 -19.66 17.25 -3.18
C HIS A 385 -18.82 18.27 -3.94
N HIS A 386 -17.67 18.64 -3.35
CA HIS A 386 -16.92 19.77 -3.90
C HIS A 386 -16.22 19.47 -5.22
N ASP A 387 -16.33 18.24 -5.78
CA ASP A 387 -16.02 18.01 -7.19
C ASP A 387 -17.26 17.70 -8.03
N ALA A 388 -18.46 17.74 -7.46
CA ALA A 388 -19.62 17.26 -8.20
C ALA A 388 -20.34 18.41 -8.90
N VAL A 389 -21.25 19.12 -8.22
CA VAL A 389 -21.88 20.27 -8.85
C VAL A 389 -20.85 21.34 -9.22
N SER A 390 -19.67 21.33 -8.60
CA SER A 390 -18.62 22.28 -8.96
C SER A 390 -18.06 22.03 -10.36
N GLY A 391 -18.25 20.82 -10.90
CA GLY A 391 -17.78 20.51 -12.24
C GLY A 391 -16.34 20.06 -12.36
N THR A 392 -15.67 19.76 -11.25
CA THR A 392 -14.24 19.48 -11.27
C THR A 392 -13.90 18.00 -11.12
N ALA A 393 -14.82 17.11 -11.50
CA ALA A 393 -14.56 15.68 -11.49
C ALA A 393 -14.24 15.21 -12.90
N LYS A 394 -13.75 13.98 -13.01
CA LYS A 394 -13.57 13.40 -14.34
C LYS A 394 -14.92 13.26 -15.04
N GLN A 395 -14.88 13.16 -16.37
CA GLN A 395 -16.10 13.02 -17.14
C GLN A 395 -16.88 11.75 -16.78
N HIS A 396 -16.20 10.60 -16.65
CA HIS A 396 -16.90 9.37 -16.31
C HIS A 396 -17.58 9.48 -14.95
N THR A 397 -16.93 10.14 -13.98
CA THR A 397 -17.52 10.40 -12.68
C THR A 397 -18.72 11.32 -12.82
N THR A 398 -18.57 12.32 -13.67
CA THR A 398 -19.66 13.27 -13.91
C THR A 398 -20.88 12.56 -14.48
N ASN A 399 -20.66 11.66 -15.43
CA ASN A 399 -21.78 10.88 -15.98
C ASN A 399 -22.44 10.05 -14.89
N ASP A 400 -21.62 9.49 -14.00
CA ASP A 400 -22.18 8.68 -12.91
C ASP A 400 -23.05 9.53 -11.97
N TYR A 401 -22.58 10.73 -11.62
CA TYR A 401 -23.42 11.67 -10.86
C TYR A 401 -24.78 11.86 -11.53
N ALA A 402 -24.78 12.05 -12.85
CA ALA A 402 -26.02 12.32 -13.55
C ALA A 402 -26.90 11.08 -13.61
N LYS A 403 -26.27 9.91 -13.78
CA LYS A 403 -27.01 8.64 -13.72
C LYS A 403 -27.77 8.52 -12.42
N ARG A 404 -27.09 8.82 -11.30
CA ARG A 404 -27.70 8.72 -9.98
C ARG A 404 -28.84 9.72 -9.81
N LEU A 405 -28.65 10.96 -10.28
CA LEU A 405 -29.72 11.95 -10.18
C LEU A 405 -30.93 11.50 -10.98
N ALA A 406 -30.70 10.87 -12.14
CA ALA A 406 -31.84 10.46 -12.98
C ALA A 406 -32.62 9.34 -12.31
N ILE A 407 -31.92 8.41 -11.67
CA ILE A 407 -32.60 7.36 -10.91
C ILE A 407 -33.48 7.98 -9.84
N GLY A 408 -32.89 8.88 -9.04
CA GLY A 408 -33.68 9.57 -8.03
C GLY A 408 -34.85 10.36 -8.62
N ALA A 409 -34.64 10.99 -9.77
CA ALA A 409 -35.70 11.80 -10.37
C ALA A 409 -36.86 10.93 -10.83
N SER A 410 -36.57 9.75 -11.38
CA SER A 410 -37.62 8.83 -11.77
C SER A 410 -38.45 8.40 -10.57
N LYS A 411 -37.80 8.06 -9.46
CA LYS A 411 -38.53 7.74 -8.24
C LYS A 411 -39.40 8.91 -7.77
N ALA A 412 -38.85 10.13 -7.76
CA ALA A 412 -39.63 11.27 -7.27
C ALA A 412 -40.80 11.56 -8.20
N GLU A 413 -40.61 11.38 -9.50
CA GLU A 413 -41.70 11.60 -10.45
C GLU A 413 -42.88 10.67 -10.17
N ALA A 414 -42.59 9.42 -9.81
CA ALA A 414 -43.64 8.49 -9.44
C ALA A 414 -44.34 8.93 -8.15
N VAL A 415 -43.58 9.45 -7.17
CA VAL A 415 -44.19 9.96 -5.94
C VAL A 415 -45.12 11.13 -6.25
N VAL A 416 -44.68 12.04 -7.12
CA VAL A 416 -45.47 13.23 -7.44
C VAL A 416 -46.75 12.83 -8.17
N SER A 417 -46.64 11.91 -9.13
CA SER A 417 -47.82 11.49 -9.88
C SER A 417 -48.83 10.81 -8.97
N SER A 418 -48.39 9.78 -8.26
CA SER A 418 -49.27 9.07 -7.33
C SER A 418 -49.89 10.03 -6.32
N SER A 419 -49.08 10.94 -5.76
CA SER A 419 -49.59 11.85 -4.73
C SER A 419 -50.67 12.77 -5.30
N LEU A 420 -50.43 13.32 -6.49
CA LEU A 420 -51.40 14.24 -7.07
C LEU A 420 -52.68 13.52 -7.46
N ALA A 421 -52.60 12.25 -7.83
CA ALA A 421 -53.82 11.52 -8.18
C ALA A 421 -54.68 11.29 -6.95
N CYS A 422 -54.06 10.97 -5.83
CA CYS A 422 -54.79 10.85 -4.56
C CYS A 422 -55.35 12.20 -4.11
N LEU A 423 -54.53 13.26 -4.21
CA LEU A 423 -54.90 14.52 -3.57
C LEU A 423 -55.95 15.29 -4.35
N THR A 424 -55.98 15.18 -5.68
CA THR A 424 -57.00 15.85 -6.48
C THR A 424 -58.29 15.04 -6.59
N SER A 425 -58.30 13.79 -6.11
CA SER A 425 -59.52 13.00 -6.14
C SER A 425 -60.52 13.53 -5.12
N LYS A 426 -61.81 13.39 -5.45
CA LYS A 426 -62.86 13.99 -4.63
C LYS A 426 -62.97 13.30 -3.26
N GLN A 427 -62.90 11.97 -3.24
CA GLN A 427 -63.04 11.22 -2.00
C GLN A 427 -61.66 10.82 -1.49
N SER A 428 -60.92 11.78 -0.92
CA SER A 428 -59.59 11.40 -0.45
C SER A 428 -59.76 10.76 0.92
N CYS A 432 -53.34 6.48 0.47
CA CYS A 432 -53.11 6.82 -0.93
C CYS A 432 -52.72 5.58 -1.73
N SER A 433 -53.56 5.24 -2.71
CA SER A 433 -53.42 4.00 -3.47
C SER A 433 -53.00 4.20 -4.92
N ALA A 434 -53.10 5.42 -5.45
CA ALA A 434 -53.08 5.63 -6.89
C ALA A 434 -51.74 5.19 -7.51
N PRO A 435 -51.78 4.65 -8.73
CA PRO A 435 -50.55 4.25 -9.41
C PRO A 435 -49.81 5.45 -10.01
N ALA A 436 -48.50 5.25 -10.22
CA ALA A 436 -47.69 6.28 -10.84
C ALA A 436 -48.16 6.61 -12.25
N SER A 437 -48.84 5.68 -12.92
CA SER A 437 -49.34 5.92 -14.27
C SER A 437 -50.48 6.92 -14.33
N ALA A 438 -50.99 7.38 -13.17
CA ALA A 438 -52.16 8.26 -13.19
C ALA A 438 -51.89 9.53 -14.00
N PHE A 439 -50.73 10.14 -13.84
CA PHE A 439 -50.38 11.36 -14.55
C PHE A 439 -49.08 11.17 -15.31
N SER A 440 -48.94 11.88 -16.42
CA SER A 440 -47.65 11.95 -17.09
C SER A 440 -47.03 13.32 -16.82
N GLN A 441 -45.70 13.39 -16.93
CA GLN A 441 -44.96 14.61 -16.64
C GLN A 441 -43.85 14.75 -17.66
N CYS A 442 -43.38 15.98 -17.84
CA CYS A 442 -42.41 16.29 -18.88
C CYS A 442 -41.30 17.15 -18.30
N HIS A 443 -40.04 16.74 -18.50
CA HIS A 443 -38.91 17.55 -18.05
C HIS A 443 -37.98 17.93 -19.20
N LEU A 444 -38.38 17.70 -20.43
CA LEU A 444 -37.60 18.12 -21.59
C LEU A 444 -38.32 19.18 -22.42
N PHE A 445 -39.09 20.05 -21.75
CA PHE A 445 -39.63 21.21 -22.44
C PHE A 445 -38.52 22.03 -23.09
N ASN A 446 -37.31 22.01 -22.50
CA ASN A 446 -36.21 22.82 -22.99
C ASN A 446 -35.85 22.46 -24.43
N ILE A 447 -36.10 21.22 -24.85
CA ILE A 447 -35.83 20.79 -26.20
C ILE A 447 -37.13 20.44 -26.95
N SER A 448 -38.27 20.94 -26.44
CA SER A 448 -39.61 20.83 -27.03
C SER A 448 -40.25 19.46 -26.93
N TYR A 449 -39.76 18.55 -26.10
CA TYR A 449 -40.21 17.16 -26.08
C TYR A 449 -41.19 16.97 -24.93
N CYS A 450 -42.48 16.77 -25.25
CA CYS A 450 -43.49 16.45 -24.23
C CYS A 450 -44.59 15.63 -24.89
N PRO A 451 -44.42 14.32 -25.00
CA PRO A 451 -45.40 13.45 -25.70
C PRO A 451 -46.83 13.64 -25.20
N PRO A 452 -47.06 13.82 -23.89
CA PRO A 452 -48.45 14.02 -23.43
C PRO A 452 -49.17 15.20 -24.08
N THR A 453 -48.46 16.26 -24.46
CA THR A 453 -49.14 17.40 -25.06
C THR A 453 -49.01 17.44 -26.58
N GLU A 454 -47.98 16.79 -27.15
CA GLU A 454 -47.85 16.72 -28.60
C GLU A 454 -48.85 15.75 -29.23
N SER A 455 -49.33 14.76 -28.47
CA SER A 455 -50.17 13.76 -29.08
C SER A 455 -51.60 14.29 -29.26
N SER A 456 -52.30 13.68 -30.22
CA SER A 456 -53.66 14.12 -30.53
C SER A 456 -54.60 13.79 -29.39
N ILE A 457 -55.66 14.59 -29.28
CA ILE A 457 -56.66 14.44 -28.23
C ILE A 457 -57.84 13.68 -28.82
N PRO A 458 -58.22 12.51 -28.28
CA PRO A 458 -59.40 11.80 -28.77
C PRO A 458 -60.65 12.65 -28.65
N ASP A 459 -61.69 12.26 -29.39
CA ASP A 459 -62.96 12.95 -29.31
C ASP A 459 -63.65 12.63 -27.99
N ASP A 460 -64.45 13.58 -27.52
CA ASP A 460 -65.14 13.55 -26.23
C ASP A 460 -64.19 13.65 -25.05
N LYS A 461 -62.89 13.80 -25.29
CA LYS A 461 -61.89 13.93 -24.24
C LYS A 461 -61.16 15.25 -24.36
N SER A 462 -60.58 15.68 -23.25
CA SER A 462 -59.71 16.86 -23.18
C SER A 462 -58.35 16.48 -22.63
N LEU A 463 -57.34 17.28 -22.97
CA LEU A 463 -56.05 17.20 -22.27
C LEU A 463 -56.22 17.91 -20.94
N VAL A 464 -56.17 17.15 -19.85
CA VAL A 464 -56.28 17.71 -18.51
C VAL A 464 -54.89 18.17 -18.08
N VAL A 465 -54.79 19.39 -17.59
CA VAL A 465 -53.51 19.95 -17.15
C VAL A 465 -53.67 20.35 -15.70
N VAL A 466 -53.05 19.58 -14.80
CA VAL A 466 -53.01 19.92 -13.39
C VAL A 466 -51.75 20.73 -13.13
N VAL A 467 -51.91 21.87 -12.46
CA VAL A 467 -50.80 22.78 -12.18
C VAL A 467 -50.66 22.90 -10.68
N TYR A 468 -49.55 22.39 -10.13
CA TYR A 468 -49.29 22.45 -8.70
C TYR A 468 -48.22 23.51 -8.40
N ASN A 469 -48.48 24.32 -7.38
CA ASN A 469 -47.61 25.43 -7.02
C ASN A 469 -46.99 25.19 -5.65
N PRO A 470 -45.69 24.88 -5.57
CA PRO A 470 -45.06 24.56 -4.27
C PRO A 470 -44.60 25.77 -3.47
N LEU A 471 -44.89 26.99 -3.92
CA LEU A 471 -44.65 28.19 -3.14
C LEU A 471 -45.86 28.49 -2.24
N GLY A 472 -45.59 29.08 -1.08
CA GLY A 472 -46.64 29.51 -0.17
C GLY A 472 -47.23 30.87 -0.54
N TRP A 473 -47.04 31.26 -1.80
CA TRP A 473 -47.61 32.47 -2.37
C TRP A 473 -48.53 32.14 -3.54
N SER A 474 -49.59 32.93 -3.70
CA SER A 474 -50.37 32.87 -4.92
C SER A 474 -49.47 33.15 -6.12
N ARG A 475 -49.71 32.48 -7.24
CA ARG A 475 -48.84 32.69 -8.39
C ARG A 475 -49.62 32.62 -9.70
N ASN A 476 -49.37 33.61 -10.56
CA ASN A 476 -49.78 33.59 -11.95
C ASN A 476 -48.54 33.40 -12.81
N GLU A 477 -48.65 32.56 -13.83
CA GLU A 477 -47.50 32.26 -14.66
C GLU A 477 -48.01 31.72 -15.99
N ILE A 478 -47.16 31.81 -17.02
CA ILE A 478 -47.51 31.39 -18.37
C ILE A 478 -47.16 29.91 -18.55
N VAL A 479 -48.16 29.09 -18.80
CA VAL A 479 -47.93 27.71 -19.21
C VAL A 479 -47.62 27.69 -20.70
N ARG A 480 -46.59 26.95 -21.10
CA ARG A 480 -46.11 26.96 -22.49
C ARG A 480 -45.82 25.51 -22.88
N ILE A 481 -46.76 24.88 -23.59
CA ILE A 481 -46.63 23.45 -23.90
C ILE A 481 -46.52 23.24 -25.41
N PRO A 482 -45.78 22.23 -25.85
CA PRO A 482 -45.64 21.99 -27.30
C PRO A 482 -46.85 21.23 -27.83
N VAL A 483 -47.51 21.76 -28.87
CA VAL A 483 -48.67 21.10 -29.44
C VAL A 483 -48.59 21.06 -30.96
N ASN A 484 -49.38 20.16 -31.55
CA ASN A 484 -49.46 20.01 -32.99
C ASN A 484 -50.78 20.50 -33.57
N ASP A 485 -51.71 20.96 -32.74
CA ASP A 485 -53.03 21.40 -33.17
C ASP A 485 -53.10 22.91 -33.05
N ALA A 486 -53.59 23.56 -34.10
CA ALA A 486 -53.68 25.02 -34.16
C ALA A 486 -55.01 25.56 -33.70
N ASN A 487 -56.00 24.71 -33.46
CA ASN A 487 -57.32 25.19 -33.07
C ASN A 487 -57.73 24.60 -31.73
N LEU A 488 -56.82 24.65 -30.75
CA LEU A 488 -57.16 24.20 -29.40
C LEU A 488 -57.78 25.34 -28.61
N VAL A 489 -58.61 24.97 -27.65
CA VAL A 489 -59.23 25.89 -26.71
C VAL A 489 -58.79 25.50 -25.31
N VAL A 490 -58.54 26.48 -24.45
CA VAL A 490 -58.16 26.21 -23.07
C VAL A 490 -59.23 26.78 -22.16
N LYS A 491 -59.83 25.92 -21.35
CA LYS A 491 -60.85 26.31 -20.39
C LYS A 491 -60.31 26.17 -18.97
N ASP A 492 -60.69 27.11 -18.10
CA ASP A 492 -60.36 26.99 -16.69
C ASP A 492 -61.35 26.02 -16.06
N SER A 493 -61.33 25.90 -14.73
CA SER A 493 -62.18 24.92 -14.08
C SER A 493 -63.65 25.34 -14.05
N SER A 494 -63.94 26.63 -14.23
CA SER A 494 -65.31 27.09 -14.28
C SER A 494 -65.94 26.91 -15.65
N GLY A 495 -65.14 26.64 -16.69
CA GLY A 495 -65.64 26.47 -18.04
C GLY A 495 -65.35 27.62 -18.96
N ASN A 496 -64.84 28.74 -18.45
CA ASN A 496 -64.54 29.88 -19.31
C ASN A 496 -63.34 29.61 -20.20
N LYS A 497 -63.47 30.01 -21.46
CA LYS A 497 -62.32 29.99 -22.37
C LYS A 497 -61.31 31.04 -21.93
N LEU A 498 -60.04 30.66 -21.96
CA LEU A 498 -58.96 31.55 -21.59
C LEU A 498 -58.28 32.10 -22.82
N GLU A 499 -57.69 33.29 -22.69
CA GLU A 499 -56.93 33.86 -23.79
C GLU A 499 -55.67 33.03 -24.03
N VAL A 500 -55.42 32.66 -25.28
CA VAL A 500 -54.25 31.86 -25.61
C VAL A 500 -53.44 32.59 -26.67
N GLN A 501 -52.17 32.19 -26.79
CA GLN A 501 -51.28 32.67 -27.82
C GLN A 501 -50.49 31.50 -28.38
N TYR A 502 -50.47 31.38 -29.71
CA TYR A 502 -49.69 30.36 -30.37
C TYR A 502 -48.34 30.94 -30.76
N VAL A 503 -47.27 30.22 -30.44
CA VAL A 503 -45.92 30.58 -30.84
C VAL A 503 -45.42 29.50 -31.77
N GLU A 504 -44.81 29.89 -32.88
CA GLU A 504 -44.34 28.92 -33.87
C GLU A 504 -43.02 28.31 -33.42
N MET A 505 -42.85 27.03 -33.73
CA MET A 505 -41.57 26.36 -33.53
C MET A 505 -40.47 27.07 -34.31
N ASP A 506 -39.24 26.94 -33.83
CA ASP A 506 -38.08 27.53 -34.48
C ASP A 506 -37.07 26.43 -34.83
N ASP A 507 -36.15 26.75 -35.75
CA ASP A 507 -35.25 25.71 -36.23
C ASP A 507 -34.21 25.32 -35.19
N VAL A 508 -33.77 26.27 -34.35
CA VAL A 508 -32.77 25.93 -33.34
C VAL A 508 -33.33 24.88 -32.38
N THR A 509 -34.54 25.10 -31.90
CA THR A 509 -35.12 24.13 -30.96
C THR A 509 -35.40 22.80 -31.64
N ALA A 510 -35.77 22.81 -32.92
CA ALA A 510 -36.05 21.56 -33.61
C ALA A 510 -34.78 20.73 -33.81
N ASN A 511 -33.68 21.41 -34.13
CA ASN A 511 -32.38 20.76 -34.26
C ASN A 511 -31.92 20.17 -32.93
N LEU A 512 -32.09 20.92 -31.84
CA LEU A 512 -31.84 20.38 -30.50
C LEU A 512 -32.66 19.13 -30.25
N ARG A 513 -33.95 19.19 -30.59
CA ARG A 513 -34.88 18.13 -30.24
C ARG A 513 -34.45 16.77 -30.78
N SER A 514 -34.12 16.70 -32.06
CA SER A 514 -33.92 15.39 -32.64
C SER A 514 -32.69 14.73 -32.02
N PHE A 515 -31.60 15.50 -31.91
CA PHE A 515 -30.33 14.99 -31.37
C PHE A 515 -30.48 14.62 -29.90
N TYR A 516 -30.95 15.56 -29.08
CA TYR A 516 -30.88 15.38 -27.63
C TYR A 516 -31.90 14.41 -27.09
N VAL A 517 -33.07 14.30 -27.72
CA VAL A 517 -34.05 13.31 -27.24
C VAL A 517 -33.49 11.91 -27.40
N LYS A 518 -32.90 11.62 -28.57
CA LYS A 518 -32.28 10.32 -28.80
C LYS A 518 -31.14 10.09 -27.82
N ALA A 519 -30.36 11.13 -27.52
CA ALA A 519 -29.27 10.98 -26.56
C ALA A 519 -29.81 10.66 -25.17
N TYR A 520 -30.83 11.40 -24.71
CA TYR A 520 -31.35 11.26 -23.35
C TYR A 520 -32.25 10.05 -23.18
N GLU A 521 -33.14 9.77 -24.16
CA GLU A 521 -34.17 8.76 -23.99
C GLU A 521 -33.94 7.51 -24.83
N GLY A 522 -32.97 7.52 -25.74
CA GLY A 522 -32.57 6.34 -26.47
C GLY A 522 -33.28 6.09 -27.79
N GLU A 523 -34.23 6.92 -28.16
CA GLU A 523 -35.04 6.71 -29.34
C GLU A 523 -35.31 8.04 -30.03
N VAL A 524 -35.41 8.01 -31.34
CA VAL A 524 -35.74 9.23 -32.08
C VAL A 524 -37.20 9.60 -31.84
N PRO A 525 -37.52 10.86 -31.59
CA PRO A 525 -38.92 11.24 -31.34
C PRO A 525 -39.66 11.43 -32.66
N LYS A 526 -40.96 11.63 -32.56
CA LYS A 526 -41.73 11.95 -33.76
C LYS A 526 -41.40 13.39 -34.20
N ASP A 527 -41.99 13.78 -35.33
CA ASP A 527 -41.74 15.09 -35.95
C ASP A 527 -41.76 16.20 -34.91
N ALA A 528 -40.87 17.18 -35.10
CA ALA A 528 -40.89 18.37 -34.26
C ALA A 528 -42.27 19.01 -34.31
N ASP A 529 -42.79 19.36 -33.13
CA ASP A 529 -44.14 19.89 -33.07
C ASP A 529 -44.20 21.27 -33.70
N VAL A 530 -45.38 21.58 -34.22
CA VAL A 530 -45.52 22.77 -35.06
C VAL A 530 -45.64 24.05 -34.23
N TYR A 531 -46.26 24.01 -33.04
CA TYR A 531 -46.50 25.23 -32.28
C TYR A 531 -46.26 25.02 -30.79
N TRP A 532 -46.14 26.14 -30.09
CA TRP A 532 -46.27 26.20 -28.64
C TRP A 532 -47.61 26.85 -28.28
N SER A 533 -48.33 26.27 -27.33
CA SER A 533 -49.58 26.83 -26.85
C SER A 533 -49.32 27.51 -25.51
N LEU A 534 -49.64 28.78 -25.42
CA LEU A 534 -49.38 29.57 -24.23
C LEU A 534 -50.69 30.03 -23.64
N PHE A 535 -50.82 29.93 -22.32
CA PHE A 535 -51.94 30.51 -21.61
C PHE A 535 -51.46 30.84 -20.20
N LYS A 536 -52.19 31.74 -19.55
CA LYS A 536 -51.82 32.19 -18.21
C LYS A 536 -52.58 31.37 -17.19
N ALA A 537 -51.85 30.72 -16.28
CA ALA A 537 -52.42 29.94 -15.20
C ALA A 537 -52.37 30.72 -13.90
N SER A 538 -53.34 30.47 -13.03
CA SER A 538 -53.42 31.15 -11.74
C SER A 538 -53.67 30.10 -10.67
N VAL A 539 -52.76 29.98 -9.71
CA VAL A 539 -52.79 28.87 -8.77
C VAL A 539 -52.69 29.42 -7.35
N PRO A 540 -53.43 28.87 -6.39
CA PRO A 540 -53.29 29.31 -5.00
C PRO A 540 -51.96 28.84 -4.42
N PRO A 541 -51.56 29.39 -3.27
CA PRO A 541 -50.32 28.95 -2.64
C PRO A 541 -50.43 27.52 -2.16
N LEU A 542 -49.36 26.76 -2.31
CA LEU A 542 -49.35 25.35 -1.89
C LEU A 542 -50.63 24.65 -2.36
N GLY A 543 -50.91 24.71 -3.66
CA GLY A 543 -52.17 24.19 -4.13
C GLY A 543 -52.15 24.00 -5.62
N TRP A 544 -53.32 23.68 -6.18
CA TRP A 544 -53.40 23.37 -7.61
C TRP A 544 -54.60 24.04 -8.27
N SER A 545 -54.45 24.24 -9.58
CA SER A 545 -55.53 24.59 -10.50
C SER A 545 -55.51 23.57 -11.62
N THR A 546 -56.64 23.43 -12.31
CA THR A 546 -56.81 22.47 -13.40
C THR A 546 -57.34 23.20 -14.62
N TYR A 547 -56.75 22.91 -15.79
CA TYR A 547 -57.16 23.47 -17.06
C TYR A 547 -57.46 22.33 -18.03
N PHE A 548 -58.28 22.62 -19.04
CA PHE A 548 -58.74 21.60 -19.98
C PHE A 548 -58.53 22.11 -21.40
N ILE A 549 -57.91 21.29 -22.24
CA ILE A 549 -57.55 21.67 -23.61
C ILE A 549 -58.25 20.72 -24.57
N SER A 550 -58.99 21.29 -25.52
CA SER A 550 -59.82 20.52 -26.45
C SER A 550 -60.02 21.35 -27.72
N GLU A 551 -61.03 20.98 -28.51
CA GLU A 551 -61.50 21.83 -29.61
C GLU A 551 -62.89 22.36 -29.27
N LEU A 570 -37.84 49.78 -33.03
CA LEU A 570 -38.39 48.49 -32.58
C LEU A 570 -38.44 48.39 -31.04
N ASN A 571 -39.66 48.33 -30.49
CA ASN A 571 -39.87 48.28 -29.05
C ASN A 571 -40.91 47.21 -28.75
N ILE A 572 -40.58 46.31 -27.82
CA ILE A 572 -41.47 45.23 -27.44
C ILE A 572 -41.78 45.32 -25.95
N GLY A 573 -42.80 44.56 -25.56
CA GLY A 573 -43.20 44.46 -24.18
C GLY A 573 -44.69 44.62 -24.05
N PRO A 574 -45.38 43.54 -23.66
CA PRO A 574 -46.83 43.65 -23.44
C PRO A 574 -47.19 44.33 -22.15
N GLY A 575 -46.25 44.50 -21.23
CA GLY A 575 -46.55 45.13 -19.97
C GLY A 575 -45.81 46.44 -19.81
N ASP A 576 -45.43 46.78 -18.58
CA ASP A 576 -44.77 48.06 -18.34
C ASP A 576 -43.33 48.03 -18.82
N LEU A 577 -42.66 46.90 -18.64
CA LEU A 577 -41.26 46.78 -19.02
C LEU A 577 -41.14 46.67 -20.54
N LYS A 578 -40.38 47.59 -21.13
CA LYS A 578 -40.22 47.66 -22.57
C LYS A 578 -38.74 47.55 -22.90
N MET A 579 -38.45 47.02 -24.07
CA MET A 579 -37.08 46.92 -24.55
C MET A 579 -37.04 47.37 -26.00
N SER A 580 -35.97 48.08 -26.37
CA SER A 580 -35.76 48.53 -27.74
C SER A 580 -34.64 47.74 -28.38
N PHE A 581 -34.85 47.34 -29.64
CA PHE A 581 -33.84 46.63 -30.41
C PHE A 581 -33.66 47.33 -31.76
N SER A 582 -32.46 47.23 -32.31
CA SER A 582 -32.26 47.65 -33.68
C SER A 582 -32.79 46.60 -34.64
N SER A 583 -33.23 47.06 -35.81
CA SER A 583 -33.75 46.14 -36.83
C SER A 583 -32.61 45.31 -37.45
N GLY A 586 -29.95 43.72 -34.89
CA GLY A 586 -30.91 43.08 -34.01
C GLY A 586 -30.57 43.19 -32.54
N GLN A 587 -29.63 44.08 -32.25
CA GLN A 587 -29.04 44.18 -30.93
C GLN A 587 -29.96 44.95 -29.99
N LEU A 588 -29.99 44.54 -28.72
CA LEU A 588 -30.70 45.29 -27.70
C LEU A 588 -30.05 46.65 -27.49
N LYS A 589 -30.87 47.65 -27.14
CA LYS A 589 -30.41 49.02 -27.05
C LYS A 589 -30.93 49.79 -25.85
N ARG A 590 -32.05 49.39 -25.24
CA ARG A 590 -32.63 50.18 -24.18
C ARG A 590 -33.63 49.32 -23.43
N MET A 591 -33.77 49.60 -22.13
CA MET A 591 -34.84 49.06 -21.31
C MET A 591 -35.42 50.24 -20.55
N TYR A 592 -36.75 50.31 -20.51
CA TYR A 592 -37.39 51.38 -19.76
C TYR A 592 -38.72 50.88 -19.24
N ASN A 593 -39.12 51.44 -18.10
CA ASN A 593 -40.41 51.17 -17.46
C ASN A 593 -41.11 52.53 -17.35
N SER A 594 -42.17 52.71 -18.16
CA SER A 594 -42.94 53.95 -18.12
C SER A 594 -43.57 54.17 -16.75
N LYS A 595 -44.09 53.11 -16.14
CA LYS A 595 -44.83 53.27 -14.89
C LYS A 595 -43.91 53.66 -13.72
N THR A 596 -42.70 53.10 -13.65
CA THR A 596 -41.83 53.40 -12.52
C THR A 596 -40.83 54.52 -12.80
N GLY A 597 -40.55 54.81 -14.06
CA GLY A 597 -39.70 55.94 -14.37
C GLY A 597 -38.23 55.62 -14.45
N VAL A 598 -37.87 54.39 -14.81
CA VAL A 598 -36.48 54.01 -15.01
C VAL A 598 -36.29 53.77 -16.51
N ASP A 599 -35.09 54.09 -16.98
CA ASP A 599 -34.85 54.16 -18.42
C ASP A 599 -33.34 54.15 -18.58
N ILE A 600 -32.78 53.07 -19.11
CA ILE A 600 -31.34 53.03 -19.33
C ILE A 600 -31.03 52.55 -20.74
N PRO A 601 -30.13 53.23 -21.44
CA PRO A 601 -29.52 52.63 -22.62
C PRO A 601 -28.61 51.49 -22.22
N ILE A 602 -28.79 50.33 -22.83
CA ILE A 602 -28.07 49.13 -22.41
C ILE A 602 -27.95 48.20 -23.61
N GLN A 603 -26.74 47.70 -23.81
CA GLN A 603 -26.45 46.77 -24.89
C GLN A 603 -26.11 45.40 -24.30
N GLN A 604 -26.50 44.36 -25.01
CA GLN A 604 -26.21 42.99 -24.60
C GLN A 604 -25.59 42.25 -25.77
N ASN A 605 -24.45 41.59 -25.52
CA ASN A 605 -23.78 40.84 -26.56
C ASN A 605 -23.17 39.57 -26.00
N TYR A 606 -22.79 38.68 -26.91
CA TYR A 606 -22.04 37.47 -26.60
C TYR A 606 -20.60 37.64 -27.05
N LEU A 607 -19.69 37.23 -26.19
CA LEU A 607 -18.27 37.22 -26.48
C LEU A 607 -17.69 35.94 -25.90
N TRP A 608 -16.42 35.69 -26.14
CA TRP A 608 -15.75 34.59 -25.44
C TRP A 608 -14.31 34.96 -25.16
N TYR A 609 -13.83 34.61 -23.98
CA TYR A 609 -12.40 34.65 -23.73
C TYR A 609 -11.75 33.44 -24.37
N GLU A 610 -10.55 33.66 -24.91
CA GLU A 610 -9.71 32.55 -25.34
C GLU A 610 -8.96 31.98 -24.15
N SER A 611 -9.05 30.66 -23.98
CA SER A 611 -8.38 30.00 -22.85
C SER A 611 -6.87 30.04 -23.02
N SER A 612 -6.17 30.61 -22.05
CA SER A 612 -4.72 30.46 -22.04
C SER A 612 -4.32 28.99 -22.01
N GLU A 613 -3.24 28.67 -22.72
CA GLU A 613 -2.59 27.39 -22.68
C GLU A 613 -1.21 27.48 -22.06
N GLY A 614 -0.96 28.53 -21.28
CA GLY A 614 0.39 28.85 -20.86
C GLY A 614 1.08 29.79 -21.84
N ASP A 615 2.07 30.51 -21.32
CA ASP A 615 2.88 31.42 -22.13
C ASP A 615 4.30 31.40 -21.58
N PHE A 616 5.14 32.32 -22.08
CA PHE A 616 6.55 32.31 -21.69
C PHE A 616 6.73 32.49 -20.19
N SER A 617 5.84 33.26 -19.53
CA SER A 617 6.00 33.59 -18.12
C SER A 617 5.48 32.53 -17.17
N ASP A 618 4.58 31.65 -17.61
CA ASP A 618 3.82 30.78 -16.70
C ASP A 618 3.08 29.73 -17.51
N TYR A 619 3.33 28.45 -17.24
CA TYR A 619 2.73 27.37 -18.03
C TYR A 619 1.26 27.15 -17.71
N GLN A 620 0.70 27.86 -16.73
CA GLN A 620 -0.64 27.54 -16.27
C GLN A 620 -1.66 27.70 -17.39
N ALA A 621 -2.50 26.67 -17.58
CA ALA A 621 -3.58 26.68 -18.55
C ALA A 621 -4.93 26.88 -17.86
N SER A 622 -5.87 27.47 -18.59
CA SER A 622 -7.27 27.50 -18.17
C SER A 622 -7.87 26.09 -18.26
N GLY A 623 -8.65 25.72 -17.24
CA GLY A 623 -9.21 24.38 -17.19
C GLY A 623 -10.47 24.31 -16.33
N ALA A 624 -10.81 23.08 -15.91
CA ALA A 624 -12.08 22.90 -15.19
C ALA A 624 -12.15 23.75 -13.92
N TYR A 625 -11.02 23.91 -13.23
CA TYR A 625 -10.97 24.72 -12.01
C TYR A 625 -10.68 26.19 -12.30
N ILE A 626 -9.58 26.44 -13.01
CA ILE A 626 -8.94 27.74 -13.12
C ILE A 626 -9.42 28.41 -14.40
N PHE A 627 -9.86 29.67 -14.28
CA PHE A 627 -10.09 30.54 -15.43
C PHE A 627 -8.84 31.39 -15.65
N ARG A 628 -8.10 31.13 -16.73
CA ARG A 628 -7.01 32.02 -17.13
C ARG A 628 -7.23 32.43 -18.57
N PRO A 629 -7.78 33.62 -18.82
CA PRO A 629 -7.96 34.06 -20.21
C PRO A 629 -6.62 34.43 -20.83
N ASN A 630 -6.64 34.41 -22.17
CA ASN A 630 -5.43 34.49 -23.01
C ASN A 630 -4.63 35.78 -22.83
N GLY A 631 -5.24 36.85 -22.33
CA GLY A 631 -4.62 38.17 -22.36
C GLY A 631 -5.06 39.01 -23.55
N GLN A 632 -5.43 38.36 -24.65
CA GLN A 632 -6.15 39.02 -25.72
C GLN A 632 -7.53 39.46 -25.22
N PRO A 633 -8.10 40.52 -25.78
CA PRO A 633 -9.48 40.87 -25.44
C PRO A 633 -10.43 39.83 -26.01
N PRO A 634 -11.58 39.62 -25.38
CA PRO A 634 -12.50 38.56 -25.82
C PRO A 634 -12.99 38.79 -27.23
N PRO A 635 -12.79 37.81 -28.14
CA PRO A 635 -13.35 37.94 -29.49
C PRO A 635 -14.87 38.13 -29.47
N HIS A 636 -15.35 38.69 -30.57
CA HIS A 636 -16.68 39.26 -30.69
C HIS A 636 -17.54 38.41 -31.62
N THR A 637 -18.85 38.61 -31.53
CA THR A 637 -19.78 38.00 -32.46
C THR A 637 -20.35 39.07 -33.40
N SER A 641 -24.31 39.48 -36.32
CA SER A 641 -25.50 39.29 -35.49
C SER A 641 -26.74 39.88 -36.15
N SER A 642 -27.87 39.18 -36.06
CA SER A 642 -29.08 39.61 -36.73
C SER A 642 -30.32 39.08 -36.00
N VAL A 643 -31.36 39.92 -35.95
CA VAL A 643 -32.68 39.45 -35.58
C VAL A 643 -33.14 38.42 -36.60
N THR A 644 -33.64 37.28 -36.12
CA THR A 644 -34.24 36.30 -37.00
C THR A 644 -35.75 36.27 -36.91
N ARG A 645 -36.33 36.88 -35.88
CA ARG A 645 -37.77 36.89 -35.71
C ARG A 645 -38.14 37.90 -34.65
N VAL A 646 -39.18 38.67 -34.93
CA VAL A 646 -39.85 39.52 -33.95
C VAL A 646 -41.28 39.04 -33.84
N THR A 647 -41.74 38.81 -32.61
CA THR A 647 -43.05 38.25 -32.35
C THR A 647 -43.76 39.12 -31.33
N ARG A 648 -45.04 39.40 -31.56
CA ARG A 648 -45.85 40.19 -30.65
C ARG A 648 -47.18 39.49 -30.42
N GLY A 649 -47.62 39.51 -29.17
CA GLY A 649 -48.85 38.86 -28.78
C GLY A 649 -49.23 39.27 -27.38
N PRO A 650 -50.43 38.90 -26.94
CA PRO A 650 -50.89 39.32 -25.62
C PRO A 650 -50.16 38.63 -24.47
N LEU A 651 -49.58 37.45 -24.68
CA LEU A 651 -48.91 36.76 -23.58
C LEU A 651 -47.39 36.90 -23.61
N VAL A 652 -46.79 37.07 -24.79
CA VAL A 652 -45.34 37.29 -24.85
C VAL A 652 -44.99 38.04 -26.12
N ASP A 653 -44.03 38.94 -25.99
CA ASP A 653 -43.28 39.50 -27.11
C ASP A 653 -41.91 38.86 -27.09
N GLU A 654 -41.41 38.45 -28.26
CA GLU A 654 -40.12 37.78 -28.36
C GLU A 654 -39.27 38.39 -29.48
N VAL A 655 -37.96 38.35 -29.26
CA VAL A 655 -36.97 38.59 -30.30
C VAL A 655 -36.06 37.38 -30.35
N HIS A 656 -36.03 36.69 -31.49
CA HIS A 656 -35.07 35.61 -31.70
C HIS A 656 -33.81 36.21 -32.32
N GLN A 657 -32.65 35.87 -31.75
CA GLN A 657 -31.38 36.44 -32.17
C GLN A 657 -30.37 35.35 -32.45
N LYS A 658 -29.76 35.38 -33.63
CA LYS A 658 -28.67 34.47 -33.96
C LYS A 658 -27.37 35.26 -33.95
N PHE A 659 -26.47 34.92 -33.03
CA PHE A 659 -25.20 35.63 -32.95
C PHE A 659 -24.13 34.96 -33.80
N ASN A 660 -24.00 33.64 -33.74
CA ASN A 660 -23.30 32.91 -34.78
C ASN A 660 -23.92 31.53 -34.88
N SER A 661 -23.24 30.63 -35.59
CA SER A 661 -23.82 29.31 -35.82
C SER A 661 -23.96 28.51 -34.53
N TRP A 662 -23.21 28.85 -33.48
CA TRP A 662 -23.25 28.09 -32.24
C TRP A 662 -23.70 28.92 -31.03
N ILE A 663 -24.26 30.11 -31.25
CA ILE A 663 -24.73 30.98 -30.17
C ILE A 663 -26.02 31.64 -30.64
N SER A 664 -27.15 31.29 -30.00
CA SER A 664 -28.41 31.94 -30.33
C SER A 664 -29.14 32.28 -29.04
N GLN A 665 -30.15 33.14 -29.15
CA GLN A 665 -30.83 33.64 -27.96
C GLN A 665 -32.25 34.04 -28.31
N VAL A 666 -33.16 33.88 -27.34
CA VAL A 666 -34.52 34.42 -27.43
C VAL A 666 -34.75 35.33 -26.24
N THR A 667 -35.00 36.61 -26.50
CA THR A 667 -35.31 37.58 -25.47
C THR A 667 -36.82 37.65 -25.35
N ARG A 668 -37.34 37.38 -24.15
CA ARG A 668 -38.77 37.18 -24.00
C ARG A 668 -39.34 38.09 -22.92
N LEU A 669 -40.37 38.84 -23.29
CA LEU A 669 -41.09 39.71 -22.36
C LEU A 669 -42.50 39.14 -22.23
N TYR A 670 -42.73 38.43 -21.12
CA TYR A 670 -44.00 37.76 -20.86
C TYR A 670 -44.96 38.72 -20.19
N LYS A 671 -46.26 38.44 -20.37
CA LYS A 671 -47.30 39.22 -19.71
C LYS A 671 -47.14 39.14 -18.20
N ASP A 672 -47.29 40.29 -17.54
CA ASP A 672 -47.32 40.40 -16.08
C ASP A 672 -45.99 40.01 -15.45
N LYS A 673 -44.93 40.05 -16.22
CA LYS A 673 -43.59 39.76 -15.74
C LYS A 673 -42.78 41.05 -15.73
N ASP A 674 -42.22 41.39 -14.57
CA ASP A 674 -41.47 42.61 -14.35
C ASP A 674 -40.00 42.45 -14.73
N HIS A 675 -39.75 41.73 -15.83
CA HIS A 675 -38.39 41.38 -16.21
C HIS A 675 -38.44 40.78 -17.61
N ALA A 676 -37.28 40.77 -18.25
CA ALA A 676 -37.13 40.02 -19.48
C ALA A 676 -36.43 38.70 -19.17
N GLU A 677 -36.82 37.66 -19.91
CA GLU A 677 -36.27 36.33 -19.78
C GLU A 677 -35.46 36.04 -21.03
N ILE A 678 -34.14 35.95 -20.90
CA ILE A 678 -33.25 35.78 -22.04
C ILE A 678 -32.80 34.32 -22.07
N GLU A 679 -33.23 33.57 -23.09
CA GLU A 679 -32.91 32.16 -23.18
C GLU A 679 -31.70 31.98 -24.09
N PHE A 680 -30.62 31.42 -23.54
CA PHE A 680 -29.41 31.21 -24.31
C PHE A 680 -29.34 29.78 -24.82
N THR A 681 -28.73 29.59 -25.99
CA THR A 681 -28.39 28.27 -26.50
C THR A 681 -26.97 28.37 -27.05
N ILE A 682 -26.03 27.71 -26.37
CA ILE A 682 -24.61 27.87 -26.67
C ILE A 682 -24.02 26.49 -26.91
N GLY A 683 -23.47 26.28 -28.12
CA GLY A 683 -22.78 25.06 -28.46
C GLY A 683 -23.20 24.56 -29.82
N PRO A 684 -22.42 23.62 -30.41
CA PRO A 684 -21.13 23.13 -29.89
C PRO A 684 -20.07 24.23 -29.90
N ILE A 685 -19.30 24.36 -28.82
CA ILE A 685 -18.24 25.36 -28.81
C ILE A 685 -17.16 24.80 -29.72
N PRO A 686 -16.77 25.48 -30.80
CA PRO A 686 -15.81 24.87 -31.73
C PRO A 686 -14.39 25.00 -31.20
N THR A 687 -13.67 23.87 -31.19
CA THR A 687 -12.29 23.88 -30.72
C THR A 687 -11.34 23.23 -31.71
N ASP A 688 -11.81 22.87 -32.91
CA ASP A 688 -10.91 22.27 -33.89
C ASP A 688 -9.87 23.28 -34.40
N ASP A 689 -10.10 24.57 -34.21
CA ASP A 689 -9.07 25.57 -34.48
C ASP A 689 -7.98 25.60 -33.41
N GLY A 690 -8.09 24.79 -32.36
CA GLY A 690 -7.06 24.75 -31.34
C GLY A 690 -7.15 25.82 -30.29
N VAL A 691 -8.27 26.55 -30.22
CA VAL A 691 -8.45 27.66 -29.30
C VAL A 691 -9.62 27.35 -28.38
N GLY A 692 -9.33 27.09 -27.11
CA GLY A 692 -10.39 26.93 -26.12
C GLY A 692 -11.12 28.24 -25.88
N LYS A 693 -12.39 28.14 -25.48
CA LYS A 693 -13.27 29.31 -25.50
C LYS A 693 -14.20 29.30 -24.30
N GLU A 694 -14.36 30.47 -23.68
CA GLU A 694 -15.14 30.61 -22.45
C GLU A 694 -16.14 31.74 -22.67
N VAL A 695 -17.41 31.37 -22.81
CA VAL A 695 -18.43 32.20 -23.45
C VAL A 695 -19.16 33.03 -22.41
N ILE A 696 -19.32 34.32 -22.69
CA ILE A 696 -19.98 35.23 -21.76
C ILE A 696 -21.10 35.95 -22.48
N THR A 697 -22.10 36.37 -21.71
CA THR A 697 -23.02 37.41 -22.11
C THR A 697 -22.67 38.65 -21.30
N ARG A 698 -22.55 39.78 -21.98
CA ARG A 698 -22.11 41.02 -21.36
C ARG A 698 -23.17 42.09 -21.57
N MET A 699 -23.59 42.72 -20.49
CA MET A 699 -24.62 43.76 -20.52
C MET A 699 -23.97 45.07 -20.14
N THR A 700 -23.93 46.00 -21.11
CA THR A 700 -23.12 47.21 -21.05
C THR A 700 -24.05 48.42 -21.01
N SER A 701 -23.97 49.20 -19.94
CA SER A 701 -24.74 50.41 -19.74
C SER A 701 -23.77 51.55 -19.43
N THR A 702 -24.34 52.74 -19.20
CA THR A 702 -23.56 53.89 -18.76
C THR A 702 -23.77 54.19 -17.29
N MET A 703 -24.43 53.30 -16.55
CA MET A 703 -24.59 53.47 -15.12
C MET A 703 -23.23 53.69 -14.46
N ALA A 704 -23.21 54.59 -13.46
CA ALA A 704 -21.99 54.97 -12.75
C ALA A 704 -21.82 54.06 -11.54
N THR A 705 -21.41 52.81 -11.81
CA THR A 705 -21.36 51.79 -10.76
C THR A 705 -20.13 51.86 -9.88
N ASN A 706 -19.12 52.66 -10.25
CA ASN A 706 -18.02 53.00 -9.34
C ASN A 706 -17.29 51.76 -8.81
N LYS A 707 -17.06 50.79 -9.69
CA LYS A 707 -16.33 49.54 -9.43
C LYS A 707 -17.07 48.57 -8.51
N GLU A 708 -18.30 48.87 -8.09
CA GLU A 708 -19.03 48.02 -7.18
C GLU A 708 -20.02 47.14 -7.94
N PHE A 709 -20.21 45.92 -7.42
CA PHE A 709 -21.28 45.04 -7.87
C PHE A 709 -21.57 44.06 -6.73
N TYR A 710 -22.78 43.50 -6.74
CA TYR A 710 -23.23 42.67 -5.63
C TYR A 710 -23.54 41.26 -6.13
N THR A 711 -23.10 40.25 -5.37
CA THR A 711 -23.34 38.85 -5.70
C THR A 711 -23.76 38.10 -4.43
N ASP A 712 -24.56 37.05 -4.61
CA ASP A 712 -25.15 36.35 -3.48
C ASP A 712 -24.18 35.34 -2.88
N SER A 713 -24.46 34.93 -1.64
CA SER A 713 -23.74 33.85 -0.98
C SER A 713 -24.64 32.63 -0.92
N ASN A 714 -24.37 31.63 -1.75
CA ASN A 714 -25.14 30.38 -1.82
C ASN A 714 -26.63 30.65 -2.00
N GLY A 715 -26.97 31.76 -2.66
CA GLY A 715 -28.35 32.14 -2.87
C GLY A 715 -28.97 33.02 -1.80
N ARG A 716 -28.19 33.52 -0.83
CA ARG A 716 -28.75 34.21 0.33
C ARG A 716 -28.25 35.65 0.40
N ASP A 717 -27.36 35.96 1.33
CA ASP A 717 -26.87 37.33 1.51
C ASP A 717 -26.23 37.85 0.23
N PHE A 718 -26.39 39.15 -0.03
CA PHE A 718 -25.62 39.79 -1.07
C PHE A 718 -24.39 40.44 -0.45
N LEU A 719 -23.25 40.24 -1.09
CA LEU A 719 -21.98 40.79 -0.64
C LEU A 719 -21.54 41.83 -1.67
N LYS A 720 -21.00 42.94 -1.17
CA LYS A 720 -20.53 44.00 -2.05
C LYS A 720 -19.13 43.66 -2.56
N ARG A 721 -19.00 43.49 -3.86
CA ARG A 721 -17.70 43.23 -4.46
C ARG A 721 -17.16 44.52 -5.05
N VAL A 722 -15.85 44.72 -4.95
CA VAL A 722 -15.20 45.88 -5.54
C VAL A 722 -14.11 45.41 -6.48
N ARG A 723 -14.13 45.92 -7.71
CA ARG A 723 -13.20 45.47 -8.72
C ARG A 723 -11.75 45.71 -8.28
N ASP A 724 -10.93 44.67 -8.40
CA ASP A 724 -9.51 44.72 -8.07
C ASP A 724 -9.26 45.19 -6.63
N TYR A 725 -10.15 44.80 -5.72
CA TYR A 725 -9.99 45.21 -4.34
C TYR A 725 -10.31 44.05 -3.40
N ARG A 726 -9.52 43.94 -2.34
CA ARG A 726 -9.70 42.96 -1.28
CA ARG A 726 -9.75 42.98 -1.28
C ARG A 726 -9.66 43.68 0.06
N GLU A 727 -10.65 43.39 0.92
CA GLU A 727 -10.68 44.00 2.25
C GLU A 727 -9.50 43.55 3.11
N ASP A 728 -9.19 42.26 3.11
CA ASP A 728 -8.27 41.70 4.10
C ASP A 728 -6.79 41.85 3.75
N TRP A 729 -6.45 42.17 2.52
CA TRP A 729 -5.06 42.37 2.17
C TRP A 729 -4.98 43.30 0.99
N PRO A 730 -3.79 43.89 0.71
CA PRO A 730 -3.66 44.79 -0.44
C PRO A 730 -3.40 43.97 -1.69
N LEU A 731 -4.42 43.87 -2.55
CA LEU A 731 -4.36 42.98 -3.69
C LEU A 731 -3.30 43.44 -4.68
N GLU A 732 -2.43 42.50 -5.07
CA GLU A 732 -1.54 42.70 -6.21
C GLU A 732 -2.28 42.17 -7.42
N VAL A 733 -2.75 43.07 -8.28
CA VAL A 733 -3.57 42.65 -9.42
C VAL A 733 -2.70 41.91 -10.41
N THR A 734 -3.06 40.67 -10.68
CA THR A 734 -2.38 39.82 -11.66
C THR A 734 -3.31 39.30 -12.73
N GLN A 735 -4.62 39.20 -12.45
CA GLN A 735 -5.60 38.74 -13.42
C GLN A 735 -6.77 39.72 -13.36
N PRO A 736 -6.74 40.76 -14.20
CA PRO A 736 -7.78 41.80 -14.12
C PRO A 736 -9.17 41.32 -14.51
N VAL A 737 -9.30 40.14 -15.12
CA VAL A 737 -10.63 39.59 -15.37
C VAL A 737 -10.94 38.43 -14.42
N ALA A 738 -10.12 37.38 -14.45
CA ALA A 738 -10.45 36.19 -13.65
C ALA A 738 -10.43 36.50 -12.16
N GLY A 739 -9.59 37.43 -11.71
CA GLY A 739 -9.64 37.76 -10.29
C GLY A 739 -10.87 38.54 -9.85
N ASN A 740 -11.77 38.88 -10.77
CA ASN A 740 -12.98 39.61 -10.42
C ASN A 740 -14.25 38.79 -10.62
N TYR A 741 -14.10 37.50 -10.89
CA TYR A 741 -15.23 36.61 -11.03
C TYR A 741 -15.65 36.07 -9.67
N TYR A 742 -16.96 35.98 -9.46
CA TYR A 742 -17.54 35.50 -8.22
C TYR A 742 -18.60 34.48 -8.54
N PRO A 743 -18.90 33.55 -7.60
CA PRO A 743 -19.86 32.49 -7.89
C PRO A 743 -21.28 32.98 -7.61
N LEU A 744 -22.22 32.75 -8.54
CA LEU A 744 -23.61 33.16 -8.41
C LEU A 744 -24.52 31.96 -8.24
N ASN A 745 -25.44 32.04 -7.29
CA ASN A 745 -26.51 31.06 -7.20
C ASN A 745 -27.88 31.70 -7.19
N LEU A 746 -27.96 33.02 -7.01
CA LEU A 746 -29.19 33.76 -7.19
C LEU A 746 -29.02 34.82 -8.27
N GLY A 747 -28.05 35.71 -8.16
CA GLY A 747 -27.77 36.61 -9.26
C GLY A 747 -26.72 37.66 -8.91
N ILE A 748 -26.69 38.69 -9.74
CA ILE A 748 -25.71 39.77 -9.63
C ILE A 748 -26.43 41.06 -9.96
N TYR A 749 -26.07 42.15 -9.29
CA TYR A 749 -26.70 43.41 -9.63
C TYR A 749 -25.73 44.56 -9.40
N THR A 750 -26.06 45.68 -10.04
CA THR A 750 -25.33 46.95 -9.90
C THR A 750 -26.34 48.06 -9.67
N LYS A 751 -25.84 49.24 -9.33
CA LYS A 751 -26.72 50.36 -9.08
C LYS A 751 -25.91 51.64 -9.18
N ASP A 752 -26.59 52.73 -9.47
CA ASP A 752 -26.03 54.06 -9.28
C ASP A 752 -27.12 54.91 -8.64
N GLU A 753 -26.99 56.23 -8.76
CA GLU A 753 -27.92 57.15 -8.11
C GLU A 753 -29.33 56.99 -8.65
N LYS A 754 -29.47 56.62 -9.93
CA LYS A 754 -30.76 56.64 -10.59
C LYS A 754 -31.36 55.27 -10.85
N SER A 755 -30.53 54.22 -10.99
CA SER A 755 -31.03 52.93 -11.46
C SER A 755 -30.42 51.80 -10.67
N GLU A 756 -31.13 50.68 -10.68
CA GLU A 756 -30.65 49.42 -10.12
C GLU A 756 -30.85 48.34 -11.18
N PHE A 757 -29.77 47.72 -11.62
CA PHE A 757 -29.81 46.75 -12.71
C PHE A 757 -29.52 45.36 -12.14
N SER A 758 -30.46 44.43 -12.32
CA SER A 758 -30.41 43.12 -11.67
C SER A 758 -30.45 41.98 -12.68
N VAL A 759 -29.64 40.94 -12.44
CA VAL A 759 -29.57 39.74 -13.27
C VAL A 759 -29.71 38.52 -12.36
N LEU A 760 -30.65 37.63 -12.69
CA LEU A 760 -30.85 36.39 -11.93
C LEU A 760 -30.53 35.18 -12.79
N VAL A 761 -29.95 34.15 -12.18
CA VAL A 761 -29.49 32.97 -12.91
C VAL A 761 -30.42 31.81 -12.62
N ASP A 762 -30.31 30.75 -13.44
CA ASP A 762 -31.11 29.54 -13.29
C ASP A 762 -30.28 28.36 -12.84
N ARG A 763 -29.02 28.60 -12.47
CA ARG A 763 -28.07 27.57 -12.09
C ARG A 763 -26.83 28.28 -11.60
N ALA A 764 -25.99 27.55 -10.86
CA ALA A 764 -24.70 28.11 -10.45
C ALA A 764 -23.96 28.63 -11.67
N THR A 765 -23.55 29.89 -11.61
CA THR A 765 -22.95 30.60 -12.74
C THR A 765 -21.89 31.55 -12.19
N GLY A 766 -20.82 31.76 -12.96
CA GLY A 766 -19.84 32.78 -12.62
C GLY A 766 -20.24 34.12 -13.22
N GLY A 767 -20.03 35.18 -12.44
CA GLY A 767 -20.39 36.52 -12.88
C GLY A 767 -19.36 37.54 -12.44
N ALA A 768 -19.33 38.69 -13.14
CA ALA A 768 -18.33 39.71 -12.87
C ALA A 768 -18.82 41.07 -13.38
N SER A 769 -18.16 42.12 -12.91
CA SER A 769 -18.25 43.45 -13.53
C SER A 769 -16.84 43.92 -13.83
N ILE A 770 -16.47 43.91 -15.11
CA ILE A 770 -15.08 44.23 -15.48
C ILE A 770 -14.90 45.71 -15.82
N LYS A 771 -15.99 46.42 -16.13
CA LYS A 771 -15.96 47.86 -16.34
C LYS A 771 -17.22 48.46 -15.73
N ASP A 772 -17.15 49.72 -15.33
CA ASP A 772 -18.30 50.35 -14.69
C ASP A 772 -19.50 50.35 -15.64
N GLY A 773 -20.68 50.14 -15.07
CA GLY A 773 -21.89 49.97 -15.86
C GLY A 773 -21.97 48.69 -16.65
N GLU A 774 -21.09 47.72 -16.41
CA GLU A 774 -21.04 46.49 -17.21
C GLU A 774 -21.15 45.28 -16.31
N VAL A 775 -21.98 44.31 -16.70
CA VAL A 775 -22.14 43.05 -15.99
C VAL A 775 -21.98 41.91 -16.99
N GLU A 776 -21.29 40.84 -16.60
CA GLU A 776 -21.17 39.68 -17.48
C GLU A 776 -21.36 38.38 -16.70
N LEU A 777 -21.91 37.40 -17.41
CA LEU A 777 -22.06 36.03 -16.94
C LEU A 777 -21.23 35.12 -17.82
N MET A 778 -20.50 34.18 -17.21
CA MET A 778 -19.89 33.12 -17.98
C MET A 778 -20.87 31.95 -18.07
N LEU A 779 -21.26 31.56 -19.28
CA LEU A 779 -22.32 30.57 -19.46
C LEU A 779 -21.83 29.20 -19.92
N HIS A 780 -20.68 29.10 -20.58
CA HIS A 780 -20.24 27.81 -21.10
C HIS A 780 -18.75 27.90 -21.37
N ARG A 781 -18.05 26.77 -21.21
CA ARG A 781 -16.59 26.74 -21.28
C ARG A 781 -16.18 25.43 -21.91
N ARG A 782 -15.24 25.51 -22.86
CA ARG A 782 -14.61 24.31 -23.40
C ARG A 782 -13.13 24.58 -23.61
N THR A 783 -12.28 23.82 -22.94
CA THR A 783 -10.84 23.99 -23.05
C THR A 783 -10.20 22.80 -23.76
N ILE A 784 -8.97 23.03 -24.19
CA ILE A 784 -8.18 21.99 -24.82
CA ILE A 784 -8.18 21.98 -24.82
C ILE A 784 -7.13 21.41 -23.88
N ARG A 785 -6.80 22.12 -22.81
CA ARG A 785 -5.82 21.64 -21.85
C ARG A 785 -6.44 21.48 -20.46
N ASP A 786 -5.84 20.59 -19.67
CA ASP A 786 -6.10 20.45 -18.25
C ASP A 786 -5.31 21.53 -17.49
N ASP A 787 -5.78 21.89 -16.28
CA ASP A 787 -5.15 22.98 -15.54
C ASP A 787 -4.27 22.51 -14.38
N GLY A 788 -3.89 21.23 -14.36
CA GLY A 788 -2.85 20.76 -13.46
C GLY A 788 -3.19 20.80 -11.99
N ARG A 789 -4.45 20.54 -11.63
CA ARG A 789 -4.83 20.47 -10.23
C ARG A 789 -5.36 19.09 -9.83
N GLY A 790 -5.25 18.12 -10.73
CA GLY A 790 -5.40 16.71 -10.39
C GLY A 790 -6.47 15.98 -11.17
N VAL A 791 -7.39 16.69 -11.83
CA VAL A 791 -8.46 15.97 -12.52
C VAL A 791 -7.99 15.37 -13.83
N GLY A 792 -6.89 15.87 -14.40
CA GLY A 792 -6.24 15.22 -15.51
C GLY A 792 -7.02 15.21 -16.82
N GLU A 793 -7.96 16.14 -16.99
CA GLU A 793 -8.82 16.17 -18.19
C GLU A 793 -9.09 17.62 -18.59
N PRO A 794 -8.91 17.96 -19.86
CA PRO A 794 -9.51 19.19 -20.37
C PRO A 794 -11.01 19.18 -20.14
N LEU A 795 -11.60 20.37 -19.98
CA LEU A 795 -13.04 20.46 -19.88
C LEU A 795 -13.58 20.45 -21.30
N ASP A 796 -13.96 19.25 -21.78
CA ASP A 796 -14.22 18.99 -23.19
C ASP A 796 -15.50 18.16 -23.32
N GLU A 797 -16.63 18.74 -22.90
CA GLU A 797 -17.87 17.98 -22.80
C GLU A 797 -18.48 17.73 -24.17
N GLN A 798 -18.90 16.49 -24.41
CA GLN A 798 -19.45 16.09 -25.68
C GLN A 798 -20.71 15.25 -25.47
N VAL A 799 -21.59 15.28 -26.46
CA VAL A 799 -22.72 14.37 -26.56
C VAL A 799 -22.50 13.50 -27.80
N CYS A 800 -22.81 12.20 -27.68
CA CYS A 800 -22.54 11.26 -28.76
C CYS A 800 -23.72 10.31 -28.93
N MET A 801 -23.69 9.59 -30.06
CA MET A 801 -24.62 8.49 -30.32
C MET A 801 -23.89 7.19 -30.67
N THR A 806 -20.12 10.53 -34.19
CA THR A 806 -21.37 11.26 -34.02
C THR A 806 -21.28 12.22 -32.83
N CYS A 807 -20.08 12.32 -32.25
CA CYS A 807 -19.86 13.22 -31.12
C CYS A 807 -19.71 14.65 -31.58
N GLU A 808 -20.15 15.56 -30.71
CA GLU A 808 -20.00 17.00 -30.89
C GLU A 808 -19.99 17.63 -29.52
N GLY A 809 -19.42 18.83 -29.43
CA GLY A 809 -19.39 19.53 -28.15
C GLY A 809 -20.78 19.71 -27.58
N LEU A 810 -20.86 19.67 -26.25
CA LEU A 810 -22.14 19.83 -25.57
C LEU A 810 -22.73 21.21 -25.83
N THR A 811 -24.04 21.24 -26.04
CA THR A 811 -24.80 22.49 -26.15
C THR A 811 -25.61 22.66 -24.86
N VAL A 812 -25.55 23.85 -24.26
CA VAL A 812 -26.37 24.15 -23.08
C VAL A 812 -27.44 25.16 -23.46
N ARG A 813 -28.62 24.97 -22.89
CA ARG A 813 -29.71 25.92 -23.00
C ARG A 813 -30.15 26.32 -21.60
N GLY A 814 -30.46 27.60 -21.43
CA GLY A 814 -30.96 28.06 -20.15
C GLY A 814 -31.47 29.48 -20.24
N ASN A 815 -31.85 30.03 -19.09
CA ASN A 815 -32.40 31.37 -18.95
C ASN A 815 -31.61 32.18 -17.94
N TYR A 816 -31.38 33.45 -18.25
CA TYR A 816 -31.07 34.43 -17.22
C TYR A 816 -32.10 35.54 -17.31
N TYR A 817 -32.35 36.21 -16.18
CA TYR A 817 -33.47 37.13 -16.05
C TYR A 817 -32.96 38.52 -15.69
N LEU A 818 -33.40 39.54 -16.41
CA LEU A 818 -32.91 40.87 -16.13
CA LEU A 818 -32.92 40.92 -16.30
C LEU A 818 -34.07 41.86 -15.96
N SER A 819 -33.80 42.89 -15.17
CA SER A 819 -34.80 43.92 -14.90
C SER A 819 -34.10 45.19 -14.44
N ILE A 820 -34.86 46.28 -14.42
CA ILE A 820 -34.38 47.59 -14.00
C ILE A 820 -35.36 48.17 -12.99
N HIS A 821 -34.84 48.84 -11.96
CA HIS A 821 -35.66 49.35 -10.86
C HIS A 821 -35.08 50.66 -10.33
N LYS A 822 -35.94 51.44 -9.69
CA LYS A 822 -35.45 52.56 -8.89
C LYS A 822 -34.62 52.01 -7.72
N PRO A 823 -33.64 52.77 -7.25
CA PRO A 823 -32.92 52.35 -6.03
C PRO A 823 -33.89 52.01 -4.91
N ALA A 824 -33.66 50.84 -4.31
CA ALA A 824 -34.31 50.27 -3.11
C ALA A 824 -35.59 49.51 -3.42
N ALA A 825 -35.97 49.34 -4.70
CA ALA A 825 -37.08 48.46 -5.02
C ALA A 825 -36.70 47.32 -5.96
N GLY A 826 -35.41 47.15 -6.26
CA GLY A 826 -35.00 45.96 -7.00
C GLY A 826 -34.85 44.73 -6.12
N SER A 827 -34.68 44.91 -4.81
CA SER A 827 -34.48 43.78 -3.92
C SER A 827 -35.74 42.91 -3.85
N ARG A 828 -36.90 43.54 -3.86
CA ARG A 828 -38.17 42.84 -3.86
C ARG A 828 -38.28 41.91 -5.07
N TRP A 829 -37.90 42.40 -6.26
CA TRP A 829 -37.95 41.56 -7.45
C TRP A 829 -36.93 40.43 -7.37
N ARG A 830 -35.72 40.72 -6.89
CA ARG A 830 -34.68 39.70 -6.78
C ARG A 830 -35.15 38.54 -5.91
N ARG A 831 -35.65 38.85 -4.70
CA ARG A 831 -36.07 37.80 -3.77
C ARG A 831 -37.31 37.06 -4.27
N THR A 832 -38.32 37.79 -4.76
CA THR A 832 -39.54 37.15 -5.23
C THR A 832 -39.27 36.28 -6.45
N THR A 833 -38.65 36.86 -7.49
CA THR A 833 -38.39 36.12 -8.72
C THR A 833 -37.39 35.00 -8.47
N GLY A 834 -36.39 35.25 -7.61
CA GLY A 834 -35.48 34.18 -7.23
C GLY A 834 -36.21 32.94 -6.73
N GLN A 835 -37.18 33.13 -5.82
CA GLN A 835 -37.90 31.96 -5.31
C GLN A 835 -38.74 31.31 -6.40
N GLU A 836 -39.36 32.13 -7.26
CA GLU A 836 -40.16 31.60 -8.37
C GLU A 836 -39.31 30.80 -9.35
N ILE A 837 -38.10 31.26 -9.63
CA ILE A 837 -37.17 30.49 -10.47
C ILE A 837 -36.84 29.17 -9.80
N TYR A 838 -36.57 29.20 -8.49
CA TYR A 838 -36.19 27.98 -7.78
C TYR A 838 -37.33 26.97 -7.76
N SER A 839 -38.58 27.45 -7.63
CA SER A 839 -39.73 26.59 -7.41
C SER A 839 -40.82 26.88 -8.43
N PRO A 840 -40.63 26.49 -9.68
CA PRO A 840 -41.67 26.68 -10.69
C PRO A 840 -42.85 25.74 -10.46
N MET A 841 -43.92 26.00 -11.22
CA MET A 841 -45.07 25.10 -11.20
CA MET A 841 -45.06 25.11 -11.24
C MET A 841 -44.66 23.70 -11.67
N LEU A 842 -45.39 22.72 -11.18
CA LEU A 842 -45.32 21.33 -11.63
C LEU A 842 -46.55 21.07 -12.49
N LEU A 843 -46.34 20.61 -13.72
CA LEU A 843 -47.45 20.24 -14.60
C LEU A 843 -47.61 18.72 -14.61
N ALA A 844 -48.85 18.25 -14.51
CA ALA A 844 -49.22 16.85 -14.61
C ALA A 844 -50.35 16.71 -15.62
N PHE A 845 -50.19 15.81 -16.60
CA PHE A 845 -51.11 15.68 -17.72
C PHE A 845 -51.85 14.35 -17.70
N THR A 846 -53.10 14.37 -18.18
CA THR A 846 -53.83 13.16 -18.49
C THR A 846 -54.89 13.52 -19.53
N GLN A 847 -55.40 12.51 -20.23
CA GLN A 847 -56.41 12.73 -21.27
C GLN A 847 -57.71 12.09 -20.79
N GLU A 848 -58.71 12.91 -20.48
CA GLU A 848 -60.01 12.41 -20.04
C GLU A 848 -61.10 13.39 -20.43
N ASN A 849 -62.35 12.90 -20.39
CA ASN A 849 -63.50 13.75 -20.66
C ASN A 849 -63.65 14.77 -19.54
N MET A 850 -63.81 16.05 -19.92
CA MET A 850 -63.80 17.12 -18.92
C MET A 850 -64.88 16.90 -17.86
N GLU A 851 -66.12 16.66 -18.28
CA GLU A 851 -67.20 16.50 -17.32
C GLU A 851 -66.96 15.30 -16.42
N ASN A 852 -66.41 14.22 -16.98
CA ASN A 852 -66.07 13.05 -16.17
C ASN A 852 -64.98 13.38 -15.16
N TRP A 853 -63.95 14.10 -15.60
CA TRP A 853 -62.88 14.46 -14.68
C TRP A 853 -63.41 15.29 -13.52
N LYS A 854 -64.20 16.32 -13.83
CA LYS A 854 -64.76 17.17 -12.77
C LYS A 854 -65.67 16.40 -11.85
N SER A 855 -66.19 15.25 -12.28
CA SER A 855 -67.12 14.51 -11.46
C SER A 855 -66.43 13.74 -10.35
N SER A 856 -65.18 13.35 -10.56
CA SER A 856 -64.46 12.53 -9.60
C SER A 856 -63.26 13.23 -8.99
N HIS A 857 -62.97 14.46 -9.43
CA HIS A 857 -61.82 15.22 -8.97
C HIS A 857 -62.23 16.63 -8.56
N SER A 858 -61.48 17.19 -7.62
CA SER A 858 -61.52 18.62 -7.34
C SER A 858 -60.54 19.32 -8.26
N THR A 859 -61.03 20.32 -9.00
CA THR A 859 -60.20 21.02 -9.97
C THR A 859 -59.35 22.10 -9.34
N LYS A 860 -59.71 22.56 -8.15
CA LYS A 860 -58.97 23.56 -7.40
C LYS A 860 -58.74 23.03 -5.98
N GLY A 861 -57.65 23.44 -5.35
CA GLY A 861 -57.40 23.00 -3.99
C GLY A 861 -56.23 23.74 -3.38
N ILE A 862 -56.13 23.63 -2.05
CA ILE A 862 -55.05 24.26 -1.32
C ILE A 862 -54.86 23.53 0.00
N TYR A 863 -53.60 23.27 0.36
CA TYR A 863 -53.32 22.55 1.60
C TYR A 863 -53.28 23.45 2.82
N MET A 864 -53.08 24.75 2.62
CA MET A 864 -53.21 25.70 3.72
C MET A 864 -54.68 26.11 3.87
N ASP A 865 -54.94 26.96 4.85
CA ASP A 865 -56.30 27.49 5.00
C ASP A 865 -56.69 28.25 3.73
N PRO A 866 -57.91 28.06 3.25
CA PRO A 866 -58.42 28.97 2.21
C PRO A 866 -58.23 30.41 2.65
N ASN A 867 -57.69 31.22 1.74
CA ASN A 867 -57.32 32.62 1.93
C ASN A 867 -56.05 32.83 2.73
N TYR A 868 -55.40 31.79 3.24
CA TYR A 868 -54.16 32.02 3.96
C TYR A 868 -52.97 31.96 3.00
N SER A 869 -52.03 32.88 3.19
CA SER A 869 -50.84 32.97 2.35
C SER A 869 -49.64 33.22 3.26
N LEU A 870 -48.49 32.65 2.92
CA LEU A 870 -47.27 33.05 3.61
C LEU A 870 -47.00 34.52 3.31
N PRO A 871 -46.42 35.26 4.25
CA PRO A 871 -46.05 36.64 3.97
C PRO A 871 -45.12 36.70 2.76
N PRO A 872 -45.12 37.81 2.02
CA PRO A 872 -44.26 37.92 0.83
C PRO A 872 -42.77 37.77 1.12
N SER A 873 -42.35 37.87 2.38
CA SER A 873 -40.94 37.81 2.74
C SER A 873 -40.50 36.41 3.15
N VAL A 874 -41.40 35.42 3.16
CA VAL A 874 -41.14 34.11 3.74
C VAL A 874 -41.25 33.03 2.66
N ALA A 875 -40.36 32.04 2.73
CA ALA A 875 -40.45 30.85 1.90
C ALA A 875 -40.52 29.60 2.77
N LEU A 876 -41.31 28.63 2.33
CA LEU A 876 -41.38 27.30 2.94
C LEU A 876 -40.31 26.45 2.25
N ILE A 877 -39.09 26.48 2.80
CA ILE A 877 -37.99 25.77 2.16
C ILE A 877 -37.90 24.29 2.53
N THR A 878 -38.56 23.84 3.61
CA THR A 878 -38.56 22.43 3.95
C THR A 878 -39.91 22.01 4.47
N LEU A 879 -40.41 20.88 3.97
CA LEU A 879 -41.59 20.24 4.54
C LEU A 879 -41.48 18.78 4.14
N GLU A 880 -41.23 17.90 5.11
CA GLU A 880 -41.00 16.52 4.71
C GLU A 880 -41.29 15.56 5.86
N GLU A 881 -41.89 14.42 5.51
CA GLU A 881 -42.16 13.36 6.47
C GLU A 881 -40.87 12.60 6.80
N LEU A 882 -40.55 12.52 8.07
CA LEU A 882 -39.40 11.73 8.52
C LEU A 882 -39.89 10.34 8.96
N ASP A 883 -39.12 9.66 9.80
CA ASP A 883 -39.59 8.37 10.28
C ASP A 883 -40.62 8.56 11.39
N ASP A 884 -41.44 7.53 11.59
CA ASP A 884 -42.56 7.60 12.52
C ASP A 884 -43.46 8.76 12.07
N GLY A 885 -44.14 9.44 12.98
CA GLY A 885 -45.04 10.50 12.57
C GLY A 885 -44.36 11.86 12.46
N LEU A 886 -43.03 11.86 12.43
CA LEU A 886 -42.26 13.08 12.58
C LEU A 886 -42.22 13.89 11.28
N VAL A 887 -42.52 15.18 11.38
CA VAL A 887 -42.51 16.08 10.22
C VAL A 887 -41.49 17.18 10.46
N LEU A 888 -40.62 17.40 9.47
CA LEU A 888 -39.62 18.46 9.52
C LEU A 888 -40.09 19.65 8.71
N LEU A 889 -40.07 20.83 9.33
CA LEU A 889 -40.50 22.08 8.70
C LEU A 889 -39.42 23.13 8.85
N ARG A 890 -39.19 23.89 7.78
CA ARG A 890 -38.27 25.03 7.84
C ARG A 890 -38.91 26.21 7.13
N LEU A 891 -38.87 27.37 7.77
CA LEU A 891 -39.34 28.62 7.19
C LEU A 891 -38.18 29.60 7.14
N ALA A 892 -37.99 30.26 6.00
CA ALA A 892 -36.89 31.18 5.82
C ALA A 892 -37.44 32.58 5.59
N HIS A 893 -36.88 33.57 6.28
CA HIS A 893 -37.10 34.97 5.93
C HIS A 893 -36.08 35.35 4.86
N LEU A 894 -36.57 35.78 3.69
CA LEU A 894 -35.71 35.94 2.53
C LEU A 894 -34.91 37.24 2.48
N TYR A 895 -35.20 38.21 3.34
CA TYR A 895 -34.69 39.55 3.12
C TYR A 895 -33.62 39.94 4.15
N GLU A 896 -32.64 40.72 3.69
CA GLU A 896 -31.71 41.32 4.62
C GLU A 896 -32.29 42.64 5.15
N PRO A 897 -31.87 43.06 6.35
CA PRO A 897 -32.39 44.31 6.94
C PRO A 897 -32.42 45.52 6.02
N SER A 898 -31.43 45.71 5.15
CA SER A 898 -31.40 46.95 4.40
C SER A 898 -32.35 46.99 3.19
N GLU A 899 -32.90 45.85 2.79
CA GLU A 899 -33.30 45.66 1.39
C GLU A 899 -34.64 46.32 1.06
N ASP A 900 -35.70 46.03 1.81
CA ASP A 900 -37.03 46.46 1.43
C ASP A 900 -37.75 47.03 2.65
N ALA A 901 -38.16 48.29 2.56
CA ALA A 901 -38.71 48.98 3.73
C ALA A 901 -39.89 48.22 4.31
N GLU A 902 -40.74 47.66 3.46
CA GLU A 902 -41.89 46.91 3.93
C GLU A 902 -41.52 45.47 4.30
N TYR A 903 -40.70 44.80 3.50
CA TYR A 903 -40.50 43.37 3.67
C TYR A 903 -39.30 43.01 4.55
N SER A 904 -38.37 43.93 4.77
CA SER A 904 -37.24 43.68 5.67
C SER A 904 -37.63 43.98 7.12
N THR A 905 -38.69 43.31 7.56
CA THR A 905 -39.27 43.57 8.86
C THR A 905 -39.68 42.24 9.50
N LEU A 906 -39.90 42.32 10.81
CA LEU A 906 -40.44 41.19 11.55
C LEU A 906 -41.80 40.78 10.99
N THR A 907 -42.03 39.47 10.96
CA THR A 907 -43.25 38.90 10.38
C THR A 907 -43.56 37.60 11.10
N LYS A 908 -44.68 36.98 10.74
CA LYS A 908 -45.08 35.79 11.46
C LYS A 908 -45.81 34.83 10.53
N VAL A 909 -45.70 33.55 10.83
CA VAL A 909 -46.43 32.50 10.14
C VAL A 909 -47.29 31.78 11.15
N GLU A 910 -48.56 31.56 10.81
CA GLU A 910 -49.47 30.81 11.66
C GLU A 910 -49.47 29.36 11.18
N LEU A 911 -48.85 28.47 11.97
CA LEU A 911 -48.74 27.07 11.54
C LEU A 911 -50.09 26.39 11.49
N LYS A 912 -51.05 26.84 12.30
CA LYS A 912 -52.38 26.26 12.26
C LYS A 912 -53.04 26.50 10.90
N LYS A 913 -52.79 27.65 10.29
CA LYS A 913 -53.29 27.91 8.94
C LYS A 913 -52.42 27.27 7.87
N LEU A 914 -51.11 27.13 8.14
CA LEU A 914 -50.24 26.42 7.21
C LEU A 914 -50.73 24.99 6.99
N PHE A 915 -51.22 24.35 8.05
CA PHE A 915 -51.75 23.00 8.01
C PHE A 915 -53.25 23.01 8.27
N ALA A 916 -54.03 23.63 7.38
CA ALA A 916 -55.47 23.64 7.55
C ALA A 916 -56.04 22.23 7.64
N THR A 917 -55.63 21.37 6.74
CA THR A 917 -56.15 20.01 6.63
C THR A 917 -55.82 19.11 7.83
N GLN A 918 -54.90 19.52 8.72
CA GLN A 918 -54.41 18.66 9.80
C GLN A 918 -54.36 19.41 11.12
N LYS A 919 -54.10 18.68 12.21
CA LYS A 919 -54.11 19.24 13.56
C LYS A 919 -52.76 18.98 14.22
N ILE A 920 -52.04 20.05 14.56
CA ILE A 920 -50.73 19.92 15.20
C ILE A 920 -50.88 19.31 16.57
N GLU A 921 -50.26 18.16 16.78
CA GLU A 921 -50.24 17.56 18.11
C GLU A 921 -48.99 17.91 18.91
N GLU A 922 -47.84 18.08 18.25
CA GLU A 922 -46.59 18.36 18.95
C GLU A 922 -45.72 19.25 18.09
N LEU A 923 -44.98 20.15 18.74
CA LEU A 923 -44.09 21.07 18.06
C LEU A 923 -42.85 21.31 18.90
N ARG A 924 -41.67 21.12 18.31
CA ARG A 924 -40.38 21.37 18.95
C ARG A 924 -39.49 22.12 17.97
N GLU A 925 -38.88 23.21 18.44
CA GLU A 925 -37.92 23.94 17.63
C GLU A 925 -36.53 23.32 17.80
N VAL A 926 -35.84 23.13 16.68
CA VAL A 926 -34.57 22.43 16.69
C VAL A 926 -33.53 23.27 15.97
N SER A 927 -32.29 22.83 16.06
CA SER A 927 -31.19 23.43 15.32
C SER A 927 -31.43 23.27 13.81
N LEU A 928 -30.61 23.98 13.03
CA LEU A 928 -30.82 24.03 11.59
C LEU A 928 -30.78 22.64 10.96
N SER A 929 -29.93 21.75 11.46
CA SER A 929 -29.84 20.40 10.92
C SER A 929 -30.68 19.41 11.73
N ALA A 930 -31.46 19.90 12.69
CA ALA A 930 -32.45 19.11 13.40
C ALA A 930 -31.83 17.95 14.18
N ASN A 931 -30.69 18.20 14.82
CA ASN A 931 -30.06 17.21 15.68
C ASN A 931 -29.93 17.69 17.12
N GLN A 932 -30.42 18.90 17.44
CA GLN A 932 -30.36 19.47 18.77
C GLN A 932 -31.65 20.21 19.06
N GLU A 933 -32.07 20.24 20.32
CA GLU A 933 -33.13 21.17 20.69
C GLU A 933 -32.58 22.60 20.65
N LYS A 934 -33.36 23.50 20.04
CA LYS A 934 -32.89 24.86 19.82
C LYS A 934 -32.48 25.52 21.13
N SER A 935 -33.33 25.41 22.15
CA SER A 935 -33.12 26.11 23.41
C SER A 935 -31.86 25.65 24.14
N GLU A 936 -31.34 24.47 23.80
CA GLU A 936 -30.22 23.87 24.53
C GLU A 936 -28.88 24.15 23.88
N MET A 937 -28.84 24.89 22.79
CA MET A 937 -27.57 25.16 22.13
C MET A 937 -26.76 26.16 22.94
N LYS A 938 -25.46 25.90 23.08
CA LYS A 938 -24.55 26.78 23.79
C LYS A 938 -23.49 27.30 22.83
N LYS A 939 -22.98 28.50 23.12
CA LYS A 939 -21.99 29.15 22.28
C LYS A 939 -20.70 29.38 23.06
N MET A 940 -19.55 29.21 22.40
CA MET A 940 -18.29 29.62 23.02
C MET A 940 -18.17 31.14 23.02
N LYS A 941 -17.45 31.66 24.01
CA LYS A 941 -17.18 33.09 24.12
C LYS A 941 -15.77 33.38 23.64
N TRP A 942 -15.61 34.44 22.86
CA TRP A 942 -14.33 34.78 22.25
C TRP A 942 -14.05 36.25 22.49
N SER A 943 -12.78 36.58 22.70
CA SER A 943 -12.30 37.96 22.74
C SER A 943 -11.79 38.29 21.34
N VAL A 944 -12.45 39.24 20.68
CA VAL A 944 -12.20 39.53 19.27
C VAL A 944 -11.68 40.94 19.15
N GLU A 945 -10.57 41.10 18.42
CA GLU A 945 -9.97 42.42 18.19
C GLU A 945 -10.97 43.37 17.57
N GLY A 946 -11.04 44.59 18.12
CA GLY A 946 -11.90 45.62 17.58
C GLY A 946 -13.29 45.69 18.17
N ASP A 947 -13.67 44.75 19.04
CA ASP A 947 -14.98 44.75 19.69
C ASP A 947 -15.04 45.83 20.77
N ASP A 964 -51.22 28.49 20.06
CA ASP A 964 -51.21 29.38 18.90
C ASP A 964 -50.37 28.84 17.74
N PHE A 965 -49.18 28.31 18.06
CA PHE A 965 -48.24 27.80 17.06
C PHE A 965 -47.93 28.86 16.00
N VAL A 966 -47.63 30.07 16.47
CA VAL A 966 -47.26 31.18 15.60
C VAL A 966 -45.75 31.33 15.63
N VAL A 967 -45.15 31.41 14.44
CA VAL A 967 -43.70 31.46 14.28
C VAL A 967 -43.33 32.86 13.79
N GLU A 968 -42.68 33.64 14.65
CA GLU A 968 -42.13 34.93 14.25
C GLU A 968 -40.80 34.75 13.54
N LEU A 969 -40.56 35.56 12.50
CA LEU A 969 -39.31 35.52 11.78
C LEU A 969 -38.79 36.94 11.55
N GLY A 970 -37.53 37.18 11.91
CA GLY A 970 -36.84 38.39 11.52
C GLY A 970 -36.02 38.21 10.26
N PRO A 971 -35.57 39.31 9.65
CA PRO A 971 -34.80 39.22 8.41
C PRO A 971 -33.66 38.20 8.47
N MET A 972 -33.57 37.39 7.42
CA MET A 972 -32.55 36.36 7.20
C MET A 972 -32.66 35.19 8.16
N GLU A 973 -33.64 35.16 9.06
CA GLU A 973 -33.78 34.02 9.95
C GLU A 973 -34.26 32.81 9.18
N ILE A 974 -33.77 31.64 9.58
CA ILE A 974 -34.34 30.35 9.22
C ILE A 974 -34.66 29.65 10.51
N ARG A 975 -35.89 29.14 10.63
CA ARG A 975 -36.30 28.43 11.82
C ARG A 975 -36.77 27.04 11.44
N THR A 976 -36.36 26.06 12.24
CA THR A 976 -36.56 24.64 11.92
C THR A 976 -37.34 23.97 13.03
N PHE A 977 -38.33 23.15 12.66
CA PHE A 977 -39.21 22.54 13.64
C PHE A 977 -39.44 21.07 13.34
N LEU A 978 -39.64 20.29 14.40
CA LEU A 978 -40.13 18.92 14.31
C LEU A 978 -41.57 18.91 14.79
N LEU A 979 -42.46 18.34 13.98
CA LEU A 979 -43.89 18.34 14.25
C LEU A 979 -44.43 16.91 14.28
N GLN A 980 -45.43 16.68 15.12
CA GLN A 980 -46.21 15.45 15.11
C GLN A 980 -47.69 15.77 14.96
N PHE A 981 -48.37 14.99 14.13
CA PHE A 981 -49.79 15.21 13.85
C PHE A 981 -50.66 14.10 14.44
N MET B 1 -23.29 -8.68 5.93
CA MET B 1 -23.57 -10.05 5.52
C MET B 1 -22.67 -11.03 6.25
N LYS B 2 -23.11 -12.27 6.42
CA LYS B 2 -22.29 -13.33 6.98
C LYS B 2 -21.78 -14.24 5.87
N TYR B 3 -20.48 -14.45 5.83
CA TYR B 3 -19.84 -15.24 4.80
C TYR B 3 -19.54 -16.66 5.31
N ASN B 4 -19.82 -17.66 4.46
CA ASN B 4 -19.63 -19.06 4.81
C ASN B 4 -18.16 -19.44 4.65
N THR B 5 -17.33 -18.93 5.58
CA THR B 5 -15.89 -19.10 5.47
C THR B 5 -15.39 -20.41 6.08
N GLY B 6 -16.26 -21.20 6.69
CA GLY B 6 -15.83 -22.41 7.36
C GLY B 6 -15.82 -23.65 6.49
N ALA B 7 -15.87 -23.49 5.16
CA ALA B 7 -15.94 -24.63 4.28
C ALA B 7 -14.75 -25.56 4.49
N GLY B 8 -15.00 -26.87 4.37
CA GLY B 8 -13.98 -27.87 4.27
C GLY B 8 -13.94 -28.47 2.87
N THR B 9 -13.28 -29.62 2.76
CA THR B 9 -13.19 -30.28 1.46
C THR B 9 -14.47 -31.09 1.20
N VAL B 10 -14.78 -31.30 -0.09
CA VAL B 10 -15.95 -32.09 -0.46
C VAL B 10 -15.53 -33.19 -1.43
N PRO B 11 -16.02 -34.41 -1.25
CA PRO B 11 -15.46 -35.55 -2.00
C PRO B 11 -15.60 -35.48 -3.52
N GLU B 12 -16.72 -35.00 -4.05
CA GLU B 12 -16.97 -35.19 -5.47
C GLU B 12 -16.75 -33.93 -6.28
N GLN B 13 -16.00 -32.98 -5.75
CA GLN B 13 -15.71 -31.75 -6.47
C GLN B 13 -14.22 -31.51 -6.46
N LEU B 14 -13.76 -30.67 -7.40
CA LEU B 14 -12.41 -30.14 -7.34
C LEU B 14 -12.32 -29.19 -6.13
N ASN B 15 -11.32 -29.41 -5.28
CA ASN B 15 -11.12 -28.60 -4.09
C ASN B 15 -9.89 -27.70 -4.25
N VAL B 16 -10.09 -26.40 -4.05
CA VAL B 16 -9.04 -25.40 -4.16
C VAL B 16 -8.63 -24.98 -2.75
N HIS B 17 -7.47 -25.43 -2.31
CA HIS B 17 -6.98 -25.10 -0.99
C HIS B 17 -6.29 -23.74 -1.05
N LEU B 18 -6.89 -22.72 -0.43
CA LEU B 18 -6.32 -21.38 -0.44
C LEU B 18 -5.36 -21.24 0.75
N VAL B 19 -4.08 -21.04 0.47
CA VAL B 19 -3.05 -21.01 1.49
C VAL B 19 -2.45 -19.61 1.55
N PRO B 20 -2.90 -18.78 2.51
CA PRO B 20 -2.33 -17.43 2.65
C PRO B 20 -0.92 -17.46 3.23
N HIS B 21 -0.03 -16.65 2.65
CA HIS B 21 1.39 -16.70 3.01
C HIS B 21 2.05 -15.40 2.58
N SER B 22 3.24 -15.14 3.15
CA SER B 22 4.03 -13.95 2.85
C SER B 22 5.49 -14.42 2.74
N HIS B 23 6.06 -14.40 1.54
CA HIS B 23 7.46 -14.83 1.43
C HIS B 23 8.36 -13.72 1.95
N ASP B 24 8.98 -13.94 3.11
CA ASP B 24 9.76 -12.90 3.80
C ASP B 24 11.24 -13.26 3.79
N ASP B 25 11.98 -12.70 2.82
CA ASP B 25 13.41 -12.94 2.76
C ASP B 25 14.14 -12.35 3.96
N VAL B 26 14.96 -13.17 4.63
CA VAL B 26 15.75 -12.70 5.76
C VAL B 26 16.97 -11.94 5.22
N GLY B 27 16.73 -10.73 4.72
CA GLY B 27 17.72 -10.01 3.94
C GLY B 27 17.71 -10.39 2.46
N TRP B 28 17.86 -9.38 1.59
CA TRP B 28 18.06 -9.57 0.14
C TRP B 28 18.34 -8.20 -0.47
N LEU B 29 17.29 -7.46 -0.81
CA LEU B 29 17.47 -6.10 -1.29
C LEU B 29 17.66 -5.12 -0.15
N LYS B 30 17.07 -5.40 1.01
CA LYS B 30 17.27 -4.66 2.24
C LYS B 30 17.88 -5.59 3.27
N THR B 31 18.42 -5.02 4.35
CA THR B 31 18.91 -5.87 5.43
C THR B 31 17.73 -6.52 6.16
N VAL B 32 18.06 -7.46 7.06
CA VAL B 32 17.00 -8.14 7.83
C VAL B 32 16.21 -7.12 8.64
N ASP B 33 16.89 -6.19 9.31
CA ASP B 33 16.16 -5.29 10.21
C ASP B 33 15.40 -4.23 9.43
N GLN B 34 15.93 -3.82 8.27
CA GLN B 34 15.18 -2.91 7.41
C GLN B 34 13.91 -3.55 6.90
N TYR B 35 14.00 -4.83 6.48
CA TYR B 35 12.79 -5.58 6.12
C TYR B 35 11.84 -5.64 7.30
N TYR B 36 12.37 -5.82 8.50
CA TYR B 36 11.47 -5.96 9.64
C TYR B 36 10.72 -4.65 9.90
N VAL B 37 11.45 -3.55 10.12
CA VAL B 37 10.81 -2.30 10.53
C VAL B 37 10.18 -1.56 9.37
N GLY B 38 10.47 -1.95 8.13
CA GLY B 38 9.87 -1.30 6.99
C GLY B 38 10.58 -0.04 6.54
N SER B 39 11.90 0.07 6.76
CA SER B 39 12.60 1.26 6.32
C SER B 39 13.16 1.02 4.92
N GLU B 40 13.64 2.10 4.29
CA GLU B 40 14.29 2.05 2.97
C GLU B 40 13.33 1.52 1.89
N ASN B 41 12.05 1.89 2.00
CA ASN B 41 11.05 1.36 1.07
C ASN B 41 11.29 1.81 -0.38
N TYR B 42 12.09 2.86 -0.60
CA TYR B 42 12.46 3.20 -1.97
C TYR B 42 13.25 2.09 -2.63
N ILE B 43 13.92 1.22 -1.86
CA ILE B 43 14.62 0.07 -2.43
C ILE B 43 13.64 -1.02 -2.82
N GLN B 44 12.72 -1.34 -1.90
CA GLN B 44 11.69 -2.35 -2.07
C GLN B 44 10.65 -2.13 -0.98
N GLU B 45 9.38 -2.14 -1.34
CA GLU B 45 8.29 -1.94 -0.39
C GLU B 45 8.08 -3.22 0.42
N ALA B 46 8.46 -3.20 1.69
CA ALA B 46 8.45 -4.42 2.48
C ALA B 46 8.60 -4.10 3.95
N CYS B 47 7.70 -4.64 4.76
CA CYS B 47 7.72 -4.42 6.20
C CYS B 47 7.13 -5.66 6.86
N VAL B 48 7.98 -6.48 7.49
CA VAL B 48 7.45 -7.72 8.07
C VAL B 48 6.65 -7.42 9.32
N GLU B 49 6.97 -6.32 10.03
CA GLU B 49 6.19 -5.99 11.21
C GLU B 49 4.72 -5.79 10.85
N ASN B 50 4.45 -5.14 9.71
CA ASN B 50 3.07 -4.97 9.23
C ASN B 50 2.43 -6.33 8.93
N VAL B 51 3.19 -7.25 8.33
CA VAL B 51 2.63 -8.57 7.99
C VAL B 51 2.13 -9.24 9.25
N LEU B 52 2.97 -9.34 10.27
CA LEU B 52 2.55 -10.03 11.49
C LEU B 52 1.49 -9.23 12.27
N ASP B 53 1.64 -7.90 12.39
CA ASP B 53 0.60 -7.07 13.01
C ASP B 53 -0.77 -7.33 12.38
N SER B 54 -0.86 -7.21 11.05
CA SER B 54 -2.17 -7.20 10.40
C SER B 54 -2.72 -8.62 10.21
N VAL B 55 -1.85 -9.62 10.01
CA VAL B 55 -2.33 -10.99 9.93
C VAL B 55 -2.99 -11.37 11.25
N VAL B 56 -2.34 -11.05 12.37
CA VAL B 56 -2.92 -11.36 13.66
C VAL B 56 -4.28 -10.68 13.80
N MET B 57 -4.40 -9.40 13.40
CA MET B 57 -5.70 -8.74 13.47
C MET B 57 -6.71 -9.42 12.56
N SER B 58 -6.29 -9.83 11.36
CA SER B 58 -7.24 -10.46 10.44
C SER B 58 -7.64 -11.84 10.89
N LEU B 59 -6.71 -12.62 11.45
CA LEU B 59 -7.09 -13.95 11.94
C LEU B 59 -8.06 -13.88 13.09
N GLN B 60 -7.92 -12.85 13.93
CA GLN B 60 -8.79 -12.70 15.09
C GLN B 60 -10.24 -12.46 14.66
N ARG B 61 -10.45 -11.78 13.53
CA ARG B 61 -11.79 -11.39 13.11
C ARG B 61 -12.67 -12.59 12.77
N ASP B 62 -12.11 -13.68 12.28
CA ASP B 62 -12.89 -14.81 11.80
C ASP B 62 -12.09 -16.09 12.06
N PRO B 63 -12.61 -16.98 12.90
CA PRO B 63 -11.83 -18.17 13.31
C PRO B 63 -11.60 -19.16 12.18
N ASN B 64 -12.25 -18.98 11.03
CA ASN B 64 -12.08 -19.87 9.88
C ASN B 64 -10.90 -19.50 8.99
N ARG B 65 -10.39 -18.29 9.11
CA ARG B 65 -9.24 -17.86 8.32
C ARG B 65 -7.98 -18.55 8.81
N LYS B 66 -7.04 -18.76 7.87
CA LYS B 66 -5.74 -19.34 8.20
C LYS B 66 -4.63 -18.54 7.54
N PHE B 67 -3.42 -18.73 8.06
CA PHE B 67 -2.22 -18.11 7.50
C PHE B 67 -1.03 -18.96 7.93
N VAL B 68 -0.06 -19.15 7.02
CA VAL B 68 1.16 -19.88 7.36
C VAL B 68 2.35 -18.93 7.33
N PHE B 69 3.22 -19.04 8.34
CA PHE B 69 4.40 -18.21 8.49
C PHE B 69 5.61 -19.11 8.71
N GLY B 70 6.77 -18.69 8.19
CA GLY B 70 7.93 -19.55 8.21
C GLY B 70 9.17 -19.10 8.96
N GLU B 71 9.61 -17.85 8.76
CA GLU B 71 10.98 -17.44 9.11
C GLU B 71 11.04 -16.93 10.54
N MET B 72 11.56 -17.76 11.45
CA MET B 72 11.59 -17.39 12.86
C MET B 72 12.56 -16.25 13.15
N ALA B 73 13.52 -15.98 12.27
CA ALA B 73 14.36 -14.80 12.50
C ALA B 73 13.50 -13.54 12.59
N PHE B 74 12.47 -13.46 11.73
CA PHE B 74 11.55 -12.32 11.77
C PHE B 74 10.53 -12.48 12.90
N PHE B 75 9.97 -13.68 13.04
CA PHE B 75 8.94 -13.90 14.05
C PHE B 75 9.49 -13.60 15.44
N HIS B 76 10.73 -14.01 15.73
CA HIS B 76 11.29 -13.77 17.06
C HIS B 76 11.52 -12.28 17.32
N ARG B 77 11.98 -11.54 16.30
CA ARG B 77 12.16 -10.11 16.48
C ARG B 77 10.84 -9.44 16.80
N TRP B 78 9.78 -9.87 16.11
CA TRP B 78 8.44 -9.32 16.34
C TRP B 78 7.91 -9.71 17.72
N TRP B 79 8.08 -10.99 18.10
CA TRP B 79 7.56 -11.51 19.35
C TRP B 79 8.03 -10.70 20.55
N LEU B 80 9.33 -10.41 20.58
CA LEU B 80 9.92 -9.70 21.71
C LEU B 80 9.38 -8.27 21.86
N GLU B 81 8.79 -7.70 20.80
CA GLU B 81 8.20 -6.38 20.89
C GLU B 81 6.73 -6.37 21.25
N GLN B 82 6.09 -7.54 21.37
CA GLN B 82 4.64 -7.63 21.54
C GLN B 82 4.25 -7.57 23.02
N THR B 83 3.05 -7.05 23.28
CA THR B 83 2.53 -6.94 24.64
C THR B 83 2.13 -8.33 25.15
N PRO B 84 1.96 -8.48 26.47
CA PRO B 84 1.43 -9.76 26.96
C PRO B 84 0.07 -10.11 26.37
N GLU B 85 -0.75 -9.10 26.03
CA GLU B 85 -2.07 -9.38 25.47
C GLU B 85 -1.96 -9.93 24.05
N THR B 86 -1.08 -9.35 23.22
CA THR B 86 -0.89 -9.88 21.88
C THR B 86 -0.32 -11.28 21.90
N LYS B 87 0.65 -11.55 22.80
CA LYS B 87 1.19 -12.90 22.91
C LYS B 87 0.10 -13.90 23.26
N GLU B 88 -0.79 -13.54 24.20
CA GLU B 88 -1.90 -14.44 24.53
C GLU B 88 -2.78 -14.71 23.32
N LEU B 89 -3.13 -13.66 22.58
CA LEU B 89 -3.93 -13.84 21.36
C LEU B 89 -3.22 -14.76 20.38
N VAL B 90 -1.91 -14.57 20.19
CA VAL B 90 -1.17 -15.40 19.25
C VAL B 90 -1.20 -16.85 19.70
N ARG B 91 -1.02 -17.10 21.01
CA ARG B 91 -1.10 -18.47 21.50
C ARG B 91 -2.46 -19.08 21.18
N LYS B 92 -3.52 -18.29 21.31
CA LYS B 92 -4.84 -18.79 20.98
C LYS B 92 -4.96 -19.08 19.49
N LEU B 93 -4.45 -18.18 18.64
CA LEU B 93 -4.56 -18.39 17.20
C LEU B 93 -3.79 -19.62 16.75
N VAL B 94 -2.61 -19.84 17.33
CA VAL B 94 -1.77 -20.97 16.97
C VAL B 94 -2.39 -22.27 17.47
N LYS B 95 -2.91 -22.25 18.70
CA LYS B 95 -3.51 -23.46 19.26
C LYS B 95 -4.73 -23.90 18.46
N ALA B 96 -5.54 -22.94 18.02
CA ALA B 96 -6.71 -23.25 17.21
C ALA B 96 -6.36 -23.63 15.78
N GLY B 97 -5.09 -23.53 15.38
CA GLY B 97 -4.73 -23.84 14.01
C GLY B 97 -4.97 -22.73 13.00
N GLN B 98 -5.28 -21.51 13.44
CA GLN B 98 -5.44 -20.43 12.48
C GLN B 98 -4.09 -19.94 11.94
N LEU B 99 -3.08 -19.86 12.79
CA LEU B 99 -1.72 -19.50 12.39
C LEU B 99 -0.88 -20.77 12.48
N GLU B 100 -0.37 -21.25 11.34
CA GLU B 100 0.41 -22.47 11.33
C GLU B 100 1.82 -22.16 10.88
N PHE B 101 2.82 -22.70 11.59
CA PHE B 101 4.19 -22.53 11.17
C PHE B 101 4.56 -23.63 10.18
N VAL B 102 5.10 -23.21 9.06
CA VAL B 102 5.64 -24.13 8.07
C VAL B 102 7.14 -23.86 7.99
N ASN B 103 7.93 -24.90 7.67
CA ASN B 103 9.39 -24.85 7.79
C ASN B 103 9.74 -24.62 9.25
N GLY B 104 9.65 -23.38 9.72
CA GLY B 104 9.88 -23.10 11.12
C GLY B 104 11.34 -22.91 11.51
N GLY B 105 12.27 -23.00 10.54
CA GLY B 105 13.65 -22.64 10.83
C GLY B 105 13.79 -21.14 11.06
N TRP B 106 14.98 -20.75 11.51
CA TRP B 106 15.29 -19.32 11.61
C TRP B 106 15.12 -18.62 10.26
N CYS B 107 15.48 -19.29 9.18
CA CYS B 107 15.29 -18.75 7.83
C CYS B 107 14.82 -19.88 6.93
N MET B 108 14.61 -19.56 5.67
CA MET B 108 14.45 -20.56 4.61
C MET B 108 15.81 -20.66 3.94
N HIS B 109 16.53 -21.74 4.23
CA HIS B 109 17.93 -21.80 3.82
C HIS B 109 18.06 -22.13 2.33
N ASP B 110 19.14 -21.63 1.74
CA ASP B 110 19.57 -22.18 0.46
C ASP B 110 19.80 -23.68 0.65
N GLU B 111 19.63 -24.44 -0.43
CA GLU B 111 19.96 -25.85 -0.40
C GLU B 111 21.23 -26.18 -1.16
N ALA B 112 21.80 -25.24 -1.90
CA ALA B 112 22.99 -25.53 -2.68
C ALA B 112 24.28 -25.32 -1.88
N THR B 113 24.40 -24.15 -1.24
CA THR B 113 25.67 -23.67 -0.68
C THR B 113 25.71 -23.78 0.84
N THR B 114 24.80 -24.54 1.44
CA THR B 114 24.70 -24.67 2.88
C THR B 114 25.23 -26.04 3.30
N HIS B 115 25.77 -26.11 4.51
CA HIS B 115 26.27 -27.35 5.06
C HIS B 115 25.22 -27.92 6.02
N TYR B 116 25.07 -29.25 6.04
CA TYR B 116 23.98 -29.86 6.79
C TYR B 116 24.03 -29.50 8.27
N ILE B 117 25.22 -29.28 8.83
CA ILE B 117 25.32 -28.92 10.24
C ILE B 117 24.64 -27.57 10.48
N ASP B 118 24.91 -26.60 9.62
CA ASP B 118 24.29 -25.28 9.77
C ASP B 118 22.79 -25.34 9.50
N MET B 119 22.38 -26.18 8.55
CA MET B 119 20.96 -26.37 8.28
C MET B 119 20.25 -26.88 9.53
N ILE B 120 20.80 -27.93 10.14
CA ILE B 120 20.25 -28.45 11.38
C ILE B 120 20.25 -27.39 12.48
N ASP B 121 21.35 -26.64 12.61
CA ASP B 121 21.47 -25.69 13.72
C ASP B 121 20.37 -24.62 13.69
N HIS B 122 20.20 -23.94 12.54
CA HIS B 122 19.20 -22.86 12.56
C HIS B 122 17.78 -23.41 12.59
N THR B 123 17.57 -24.61 12.01
CA THR B 123 16.24 -25.23 12.08
C THR B 123 15.89 -25.57 13.53
N THR B 124 16.87 -26.07 14.29
CA THR B 124 16.66 -26.32 15.72
C THR B 124 16.38 -25.03 16.48
N LEU B 125 17.12 -23.96 16.18
CA LEU B 125 16.88 -22.69 16.86
C LEU B 125 15.42 -22.25 16.68
N GLY B 126 14.89 -22.35 15.45
CA GLY B 126 13.51 -21.96 15.23
C GLY B 126 12.54 -22.94 15.87
N HIS B 127 12.79 -24.25 15.68
CA HIS B 127 11.86 -25.27 16.16
C HIS B 127 11.76 -25.28 17.68
N ARG B 128 12.87 -25.04 18.37
CA ARG B 128 12.83 -25.03 19.83
C ARG B 128 11.98 -23.89 20.36
N PHE B 129 12.11 -22.72 19.74
CA PHE B 129 11.26 -21.59 20.09
C PHE B 129 9.79 -21.91 19.86
N ILE B 130 9.47 -22.49 18.69
CA ILE B 130 8.08 -22.84 18.41
C ILE B 130 7.55 -23.85 19.41
N GLN B 131 8.35 -24.88 19.72
CA GLN B 131 7.90 -25.89 20.68
C GLN B 131 7.71 -25.29 22.06
N GLU B 132 8.69 -24.48 22.49
CA GLU B 132 8.59 -23.88 23.82
C GLU B 132 7.42 -22.91 23.92
N GLN B 133 7.20 -22.08 22.90
CA GLN B 133 6.14 -21.08 23.03
C GLN B 133 4.76 -21.62 22.73
N PHE B 134 4.63 -22.59 21.80
CA PHE B 134 3.32 -22.99 21.32
C PHE B 134 3.05 -24.47 21.41
N ASN B 135 4.00 -25.27 21.87
CA ASN B 135 3.86 -26.72 21.87
C ASN B 135 3.43 -27.23 20.50
N LYS B 136 4.05 -26.67 19.45
CA LYS B 136 3.74 -27.05 18.08
C LYS B 136 4.94 -27.66 17.39
N ILE B 137 4.66 -28.59 16.48
CA ILE B 137 5.63 -29.31 15.67
C ILE B 137 5.30 -29.09 14.20
N PRO B 138 6.08 -28.32 13.46
CA PRO B 138 5.78 -28.11 12.04
C PRO B 138 5.80 -29.44 11.27
N ARG B 139 4.84 -29.59 10.34
CA ARG B 139 4.70 -30.80 9.56
C ARG B 139 4.89 -30.59 8.07
N ALA B 140 4.97 -29.35 7.60
CA ALA B 140 5.16 -29.04 6.18
C ALA B 140 6.46 -28.28 6.02
N GLY B 141 7.33 -28.77 5.16
CA GLY B 141 8.51 -28.01 4.76
C GLY B 141 8.15 -26.96 3.71
N TRP B 142 8.82 -25.82 3.77
CA TRP B 142 8.45 -24.68 2.95
C TRP B 142 9.75 -24.20 2.29
N GLN B 143 9.95 -24.60 1.03
CA GLN B 143 11.14 -24.19 0.31
C GLN B 143 10.74 -23.48 -0.99
N ILE B 144 9.84 -22.51 -0.89
CA ILE B 144 9.17 -22.04 -2.11
C ILE B 144 10.11 -21.30 -3.04
N ASP B 145 11.16 -20.67 -2.52
CA ASP B 145 12.03 -19.80 -3.34
C ASP B 145 13.40 -20.36 -3.69
N PRO B 146 14.05 -21.20 -2.87
CA PRO B 146 15.43 -21.64 -3.18
C PRO B 146 15.63 -22.24 -4.58
N PHE B 147 16.84 -22.03 -5.12
CA PHE B 147 17.13 -22.13 -6.56
C PHE B 147 17.67 -23.53 -6.90
N GLY B 148 16.75 -24.49 -6.97
CA GLY B 148 17.09 -25.91 -6.96
C GLY B 148 16.96 -26.50 -5.56
N HIS B 149 17.05 -27.84 -5.49
CA HIS B 149 16.82 -28.54 -4.22
C HIS B 149 17.74 -29.74 -4.07
N SER B 150 18.22 -29.97 -2.85
CA SER B 150 19.21 -30.99 -2.56
C SER B 150 18.57 -32.29 -2.03
N ALA B 151 19.27 -33.41 -2.24
CA ALA B 151 18.78 -34.68 -1.72
C ALA B 151 18.66 -34.61 -0.20
N VAL B 152 19.62 -33.98 0.45
CA VAL B 152 19.58 -33.86 1.90
C VAL B 152 18.37 -33.04 2.34
N GLN B 153 17.93 -32.10 1.52
CA GLN B 153 16.73 -31.36 1.89
C GLN B 153 15.52 -32.28 1.98
N GLY B 154 15.41 -33.25 1.06
CA GLY B 154 14.26 -34.14 1.08
C GLY B 154 14.25 -35.07 2.27
N TYR B 155 15.35 -35.78 2.51
CA TYR B 155 15.32 -36.85 3.50
C TYR B 155 15.76 -36.41 4.87
N LEU B 156 16.68 -35.46 4.98
CA LEU B 156 17.22 -35.12 6.30
C LEU B 156 16.57 -33.88 6.89
N LEU B 157 16.50 -32.81 6.11
CA LEU B 157 15.75 -31.63 6.53
C LEU B 157 14.32 -31.65 6.04
N GLY B 158 13.86 -32.84 5.67
CA GLY B 158 12.46 -33.10 5.37
C GLY B 158 11.95 -34.25 6.22
N ALA B 159 12.10 -35.48 5.71
CA ALA B 159 11.54 -36.63 6.41
C ALA B 159 12.00 -36.70 7.86
N GLU B 160 13.31 -36.59 8.11
CA GLU B 160 13.83 -36.82 9.46
C GLU B 160 13.49 -35.70 10.43
N LEU B 161 13.07 -34.54 9.92
CA LEU B 161 12.52 -33.51 10.82
C LEU B 161 11.11 -33.85 11.31
N GLY B 162 10.46 -34.85 10.73
CA GLY B 162 9.06 -35.08 10.98
C GLY B 162 8.12 -34.41 9.99
N PHE B 163 8.64 -33.87 8.88
CA PHE B 163 7.78 -33.26 7.87
C PHE B 163 7.12 -34.34 7.04
N ASP B 164 5.83 -34.19 6.76
CA ASP B 164 5.18 -35.07 5.80
C ASP B 164 5.33 -34.60 4.37
N SER B 165 5.62 -33.32 4.17
CA SER B 165 5.64 -32.76 2.83
C SER B 165 6.68 -31.67 2.76
N VAL B 166 7.06 -31.32 1.53
N VAL B 166 7.05 -31.34 1.53
CA VAL B 166 7.84 -30.12 1.29
CA VAL B 166 7.84 -30.17 1.20
C VAL B 166 7.35 -29.54 -0.04
C VAL B 166 7.21 -29.53 -0.03
N HIS B 167 7.32 -28.21 -0.12
CA HIS B 167 6.69 -27.50 -1.21
C HIS B 167 7.67 -26.52 -1.79
N PHE B 168 7.72 -26.43 -3.12
CA PHE B 168 8.69 -25.51 -3.70
C PHE B 168 8.22 -25.11 -5.09
N ALA B 169 8.65 -23.91 -5.49
CA ALA B 169 8.24 -23.38 -6.78
C ALA B 169 9.25 -23.64 -7.89
N ARG B 170 10.55 -23.73 -7.59
CA ARG B 170 11.60 -23.71 -8.62
C ARG B 170 12.10 -25.11 -8.92
N ILE B 171 11.91 -25.54 -10.17
CA ILE B 171 12.54 -26.73 -10.75
C ILE B 171 12.98 -26.38 -12.16
N ASP B 172 13.78 -27.26 -12.77
CA ASP B 172 14.30 -26.97 -14.10
C ASP B 172 13.15 -26.79 -15.09
N TYR B 173 13.30 -25.83 -16.01
CA TYR B 173 12.19 -25.48 -16.88
C TYR B 173 11.87 -26.60 -17.87
N GLN B 174 12.87 -27.38 -18.32
CA GLN B 174 12.57 -28.55 -19.14
C GLN B 174 11.89 -29.64 -18.32
N ASP B 175 12.33 -29.82 -17.07
CA ASP B 175 11.72 -30.79 -16.16
C ASP B 175 10.26 -30.45 -15.90
N ARG B 176 10.00 -29.16 -15.66
CA ARG B 176 8.64 -28.70 -15.39
C ARG B 176 7.70 -29.03 -16.56
N GLU B 177 8.14 -28.81 -17.80
CA GLU B 177 7.28 -29.10 -18.94
C GLU B 177 6.93 -30.57 -19.01
N LYS B 178 7.90 -31.45 -18.74
CA LYS B 178 7.60 -32.86 -18.71
C LYS B 178 6.70 -33.21 -17.53
N ARG B 179 6.95 -32.62 -16.37
CA ARG B 179 6.17 -32.98 -15.19
C ARG B 179 4.72 -32.53 -15.30
N LYS B 180 4.47 -31.41 -15.99
CA LYS B 180 3.09 -31.03 -16.28
C LYS B 180 2.44 -32.05 -17.20
N ALA B 181 3.14 -32.44 -18.28
CA ALA B 181 2.56 -33.41 -19.21
C ALA B 181 2.31 -34.75 -18.53
N GLU B 182 3.18 -35.14 -17.60
CA GLU B 182 3.06 -36.42 -16.91
C GLU B 182 2.22 -36.36 -15.66
N LYS B 183 1.81 -35.17 -15.22
CA LYS B 183 1.22 -34.97 -13.90
C LYS B 183 2.14 -35.52 -12.81
N SER B 184 3.43 -35.17 -12.90
CA SER B 184 4.44 -35.61 -11.94
C SER B 184 5.08 -34.44 -11.20
N LEU B 185 4.36 -33.31 -11.10
CA LEU B 185 4.84 -32.22 -10.25
C LEU B 185 4.87 -32.61 -8.79
N GLU B 186 3.99 -33.52 -8.39
CA GLU B 186 3.96 -34.00 -7.01
C GLU B 186 4.41 -35.44 -7.00
N VAL B 187 5.37 -35.75 -6.13
CA VAL B 187 6.06 -37.03 -6.12
C VAL B 187 6.24 -37.47 -4.69
N VAL B 188 6.57 -38.74 -4.52
CA VAL B 188 7.16 -39.21 -3.28
C VAL B 188 8.67 -39.25 -3.49
N TRP B 189 9.39 -38.42 -2.74
CA TRP B 189 10.80 -38.16 -2.94
C TRP B 189 11.59 -38.98 -1.92
N ARG B 190 12.52 -39.81 -2.40
CA ARG B 190 13.42 -40.62 -1.58
C ARG B 190 14.84 -40.10 -1.85
N GLY B 191 15.25 -39.11 -1.04
CA GLY B 191 16.52 -38.44 -1.29
C GLY B 191 17.75 -39.17 -0.83
N SER B 192 17.59 -40.21 -0.01
CA SER B 192 18.72 -40.97 0.51
C SER B 192 18.78 -42.34 -0.16
N LYS B 193 19.89 -42.64 -0.85
CA LYS B 193 20.06 -44.01 -1.33
C LYS B 193 20.08 -45.00 -0.18
N THR B 194 20.55 -44.55 0.99
CA THR B 194 20.69 -45.44 2.13
C THR B 194 19.34 -45.77 2.73
N PHE B 195 18.53 -44.76 3.04
CA PHE B 195 17.30 -44.98 3.79
C PHE B 195 16.10 -45.21 2.90
N GLY B 196 16.16 -44.79 1.63
CA GLY B 196 15.08 -45.09 0.70
C GLY B 196 13.72 -44.67 1.23
N SER B 197 12.77 -45.62 1.20
CA SER B 197 11.39 -45.32 1.58
C SER B 197 11.20 -45.07 3.08
N SER B 198 12.21 -45.32 3.90
CA SER B 198 12.07 -45.05 5.34
C SER B 198 12.30 -43.57 5.68
N ALA B 199 12.82 -42.78 4.75
CA ALA B 199 13.02 -41.35 4.95
C ALA B 199 12.51 -40.62 3.71
N GLN B 200 11.24 -40.84 3.37
CA GLN B 200 10.65 -40.28 2.16
C GLN B 200 9.67 -39.17 2.51
N ILE B 201 9.31 -38.37 1.51
CA ILE B 201 8.52 -37.17 1.77
C ILE B 201 7.70 -36.85 0.54
N PHE B 202 6.49 -36.32 0.77
CA PHE B 202 5.67 -35.85 -0.34
C PHE B 202 6.24 -34.51 -0.81
N ALA B 203 6.68 -34.43 -2.06
CA ALA B 203 7.33 -33.25 -2.60
C ALA B 203 6.41 -32.63 -3.63
N ASN B 204 6.10 -31.35 -3.44
CA ASN B 204 5.11 -30.67 -4.27
C ASN B 204 5.79 -29.52 -5.01
N ALA B 205 6.04 -29.71 -6.31
CA ALA B 205 6.55 -28.62 -7.13
C ALA B 205 5.36 -27.87 -7.70
N PHE B 206 5.26 -26.56 -7.38
CA PHE B 206 4.13 -25.74 -7.84
C PHE B 206 4.16 -25.66 -9.37
N PRO B 207 3.01 -25.42 -10.00
CA PRO B 207 2.98 -25.35 -11.47
C PRO B 207 3.92 -24.29 -12.05
N GLY B 208 4.12 -23.18 -11.36
CA GLY B 208 4.88 -22.09 -11.96
C GLY B 208 5.60 -21.19 -10.98
N HIS B 209 4.88 -20.66 -10.02
CA HIS B 209 5.41 -19.64 -9.10
C HIS B 209 4.73 -19.86 -7.77
N TYR B 210 5.19 -19.15 -6.74
CA TYR B 210 4.58 -19.26 -5.44
C TYR B 210 3.60 -18.14 -5.17
N GLY B 211 3.12 -17.48 -6.23
CA GLY B 211 2.12 -16.46 -6.09
C GLY B 211 0.74 -17.00 -6.44
N PRO B 212 -0.26 -16.14 -6.40
CA PRO B 212 -1.64 -16.55 -6.75
C PRO B 212 -1.83 -16.60 -8.26
N PRO B 213 -2.93 -17.20 -8.74
CA PRO B 213 -3.24 -17.10 -10.17
C PRO B 213 -3.41 -15.63 -10.57
N ASN B 214 -3.22 -15.37 -11.86
CA ASN B 214 -3.35 -14.02 -12.38
CA ASN B 214 -3.35 -14.02 -12.38
C ASN B 214 -4.70 -13.41 -11.98
N GLY B 215 -4.65 -12.22 -11.40
CA GLY B 215 -5.85 -11.54 -10.97
C GLY B 215 -6.29 -11.88 -9.56
N PHE B 216 -5.47 -12.62 -8.80
CA PHE B 216 -5.82 -12.99 -7.43
C PHE B 216 -4.74 -12.56 -6.43
N ASN B 217 -3.95 -11.55 -6.76
CA ASN B 217 -3.09 -10.86 -5.80
C ASN B 217 -3.87 -9.66 -5.25
N PHE B 218 -4.06 -9.63 -3.93
CA PHE B 218 -4.97 -8.67 -3.30
C PHE B 218 -4.23 -7.68 -2.38
N GLU B 219 -2.96 -7.38 -2.66
CA GLU B 219 -2.21 -6.49 -1.76
C GLU B 219 -2.77 -5.08 -1.85
N VAL B 220 -2.81 -4.41 -0.70
CA VAL B 220 -3.35 -3.05 -0.62
C VAL B 220 -2.61 -2.15 -1.60
N ARG B 221 -3.38 -1.31 -2.29
CA ARG B 221 -2.99 -0.35 -3.32
C ARG B 221 -2.72 -1.01 -4.68
N ASN B 222 -2.84 -2.34 -4.81
CA ASN B 222 -2.73 -2.95 -6.13
C ASN B 222 -4.03 -2.79 -6.93
N ASN B 223 -3.89 -2.91 -8.26
CA ASN B 223 -4.99 -2.73 -9.21
C ASN B 223 -5.69 -4.07 -9.49
N PHE B 224 -6.19 -4.68 -8.42
CA PHE B 224 -6.98 -5.88 -8.61
C PHE B 224 -8.45 -5.50 -8.71
N VAL B 225 -9.26 -6.48 -9.13
CA VAL B 225 -10.71 -6.31 -9.26
C VAL B 225 -11.35 -6.82 -7.97
N PRO B 226 -11.87 -5.94 -7.10
CA PRO B 226 -12.58 -6.41 -5.90
C PRO B 226 -13.87 -7.11 -6.28
N LEU B 227 -14.22 -8.11 -5.49
CA LEU B 227 -15.52 -8.76 -5.66
C LEU B 227 -16.56 -7.85 -5.03
N GLN B 228 -17.45 -7.31 -5.86
CA GLN B 228 -18.46 -6.33 -5.45
C GLN B 228 -19.79 -7.09 -5.35
N ASP B 229 -20.21 -7.44 -4.14
CA ASP B 229 -21.42 -8.25 -3.96
C ASP B 229 -22.54 -7.52 -3.22
N ASP B 230 -22.46 -6.17 -3.13
CA ASP B 230 -23.47 -5.39 -2.44
C ASP B 230 -24.45 -4.86 -3.47
N PRO B 231 -25.70 -5.33 -3.48
CA PRO B 231 -26.69 -4.82 -4.44
C PRO B 231 -27.09 -3.37 -4.21
N ARG B 232 -26.72 -2.76 -3.09
CA ARG B 232 -26.95 -1.32 -2.94
C ARG B 232 -25.89 -0.47 -3.64
N LEU B 233 -24.88 -1.11 -4.23
CA LEU B 233 -23.82 -0.40 -4.93
C LEU B 233 -23.84 -0.76 -6.41
N PHE B 234 -23.39 0.16 -7.24
CA PHE B 234 -23.28 -0.13 -8.67
C PHE B 234 -22.26 -1.24 -8.94
N ASP B 235 -22.41 -1.89 -10.09
CA ASP B 235 -21.40 -2.79 -10.65
C ASP B 235 -21.10 -3.98 -9.74
N THR B 236 -22.14 -4.71 -9.31
CA THR B 236 -21.88 -6.04 -8.77
C THR B 236 -21.23 -6.91 -9.83
N ASN B 237 -20.36 -7.83 -9.39
CA ASN B 237 -19.60 -8.65 -10.34
C ASN B 237 -19.38 -10.06 -9.80
N VAL B 238 -20.34 -10.58 -9.05
CA VAL B 238 -20.15 -11.86 -8.39
C VAL B 238 -19.91 -12.97 -9.40
N GLU B 239 -20.79 -13.02 -10.43
CA GLU B 239 -20.69 -14.07 -11.44
C GLU B 239 -19.33 -14.07 -12.11
N GLU B 240 -18.86 -12.88 -12.50
CA GLU B 240 -17.59 -12.76 -13.22
C GLU B 240 -16.42 -13.26 -12.37
N ARG B 241 -16.35 -12.83 -11.10
CA ARG B 241 -15.23 -13.24 -10.28
C ARG B 241 -15.27 -14.74 -9.99
N VAL B 242 -16.48 -15.30 -9.77
CA VAL B 242 -16.57 -16.75 -9.56
C VAL B 242 -16.07 -17.49 -10.80
N GLN B 243 -16.42 -17.01 -11.98
CA GLN B 243 -15.94 -17.65 -13.20
C GLN B 243 -14.44 -17.45 -13.41
N ASN B 244 -13.90 -16.29 -13.01
CA ASN B 244 -12.44 -16.11 -13.02
C ASN B 244 -11.76 -17.20 -12.17
N PHE B 245 -12.29 -17.42 -10.98
CA PHE B 245 -11.74 -18.40 -10.05
C PHE B 245 -11.82 -19.81 -10.63
N ILE B 246 -13.01 -20.19 -11.11
CA ILE B 246 -13.19 -21.52 -11.70
C ILE B 246 -12.21 -21.75 -12.86
N ASP B 247 -12.10 -20.78 -13.76
CA ASP B 247 -11.21 -20.91 -14.90
C ASP B 247 -9.79 -21.22 -14.47
N ALA B 248 -9.27 -20.48 -13.48
CA ALA B 248 -7.90 -20.73 -13.04
C ALA B 248 -7.78 -22.10 -12.38
N ALA B 249 -8.80 -22.50 -11.62
CA ALA B 249 -8.73 -23.80 -10.94
C ALA B 249 -8.73 -24.95 -11.93
N LEU B 250 -9.56 -24.86 -12.98
CA LEU B 250 -9.65 -25.97 -13.94
C LEU B 250 -8.36 -26.12 -14.74
N THR B 251 -7.70 -25.00 -15.03
CA THR B 251 -6.39 -25.07 -15.69
C THR B 251 -5.38 -25.80 -14.82
N GLN B 252 -5.30 -25.43 -13.53
CA GLN B 252 -4.40 -26.15 -12.63
C GLN B 252 -4.80 -27.62 -12.49
N ALA B 253 -6.11 -27.92 -12.48
CA ALA B 253 -6.55 -29.28 -12.22
C ALA B 253 -6.08 -30.23 -13.31
N LYS B 254 -5.91 -29.71 -14.52
CA LYS B 254 -5.50 -30.52 -15.67
C LYS B 254 -4.05 -30.99 -15.57
N ILE B 255 -3.24 -30.40 -14.71
CA ILE B 255 -1.85 -30.82 -14.56
C ILE B 255 -1.55 -31.35 -13.17
N THR B 256 -2.60 -31.67 -12.41
CA THR B 256 -2.48 -32.11 -11.03
C THR B 256 -3.28 -33.39 -10.83
N ARG B 257 -2.76 -34.27 -9.97
CA ARG B 257 -3.45 -35.50 -9.62
C ARG B 257 -4.37 -35.28 -8.42
N THR B 258 -5.45 -36.06 -8.39
CA THR B 258 -6.54 -36.04 -7.40
C THR B 258 -7.42 -34.80 -7.55
N ASN B 259 -8.42 -34.69 -6.70
CA ASN B 259 -9.36 -33.58 -6.74
C ASN B 259 -9.01 -32.50 -5.72
N HIS B 260 -7.71 -32.31 -5.48
CA HIS B 260 -7.23 -31.25 -4.60
C HIS B 260 -6.07 -30.52 -5.27
N ILE B 261 -6.17 -29.19 -5.34
CA ILE B 261 -5.11 -28.32 -5.82
C ILE B 261 -4.86 -27.25 -4.76
N MET B 262 -3.67 -26.66 -4.78
CA MET B 262 -3.29 -25.67 -3.79
C MET B 262 -2.99 -24.35 -4.48
N TRP B 263 -3.56 -23.27 -3.95
CA TRP B 263 -3.22 -21.91 -4.36
C TRP B 263 -2.37 -21.28 -3.28
N THR B 264 -1.21 -20.75 -3.69
CA THR B 264 -0.30 -20.07 -2.77
C THR B 264 -0.69 -18.62 -2.82
N MET B 265 -1.56 -18.22 -1.88
CA MET B 265 -2.21 -16.91 -1.89
C MET B 265 -1.31 -15.90 -1.14
N GLY B 266 -0.34 -15.40 -1.88
CA GLY B 266 0.68 -14.55 -1.28
C GLY B 266 1.84 -14.43 -2.26
N ASP B 267 2.83 -13.65 -1.85
CA ASP B 267 4.03 -13.40 -2.65
C ASP B 267 5.02 -12.69 -1.73
N ASP B 268 6.14 -12.24 -2.30
CA ASP B 268 7.22 -11.55 -1.57
C ASP B 268 6.68 -10.40 -0.72
N PHE B 269 6.86 -10.50 0.59
CA PHE B 269 6.54 -9.43 1.54
C PHE B 269 5.10 -8.94 1.42
N GLN B 270 4.17 -9.83 1.04
CA GLN B 270 2.76 -9.44 0.95
C GLN B 270 2.09 -9.55 2.31
N TYR B 271 0.82 -9.11 2.34
CA TYR B 271 0.02 -9.03 3.57
C TYR B 271 0.48 -7.89 4.46
N GLN B 272 1.04 -6.81 3.88
CA GLN B 272 1.26 -5.63 4.70
C GLN B 272 -0.04 -5.17 5.34
N TYR B 273 -1.16 -5.26 4.61
CA TYR B 273 -2.48 -5.08 5.19
C TYR B 273 -3.25 -6.37 4.91
N ALA B 274 -3.18 -7.30 5.87
CA ALA B 274 -3.71 -8.64 5.65
C ALA B 274 -5.18 -8.61 5.23
N GLU B 275 -5.96 -7.67 5.78
CA GLU B 275 -7.40 -7.71 5.54
C GLU B 275 -7.72 -7.54 4.06
N SER B 276 -6.84 -6.89 3.30
CA SER B 276 -7.11 -6.72 1.88
C SER B 276 -7.20 -8.08 1.18
N TRP B 277 -6.36 -9.04 1.59
CA TRP B 277 -6.45 -10.41 1.06
C TRP B 277 -7.61 -11.18 1.67
N PHE B 278 -7.77 -11.10 2.99
CA PHE B 278 -8.77 -11.96 3.63
C PHE B 278 -10.18 -11.53 3.24
N LYS B 279 -10.42 -10.23 3.03
CA LYS B 279 -11.73 -9.80 2.51
C LYS B 279 -12.08 -10.53 1.22
N GLN B 280 -11.19 -10.48 0.22
CA GLN B 280 -11.49 -11.12 -1.06
C GLN B 280 -11.62 -12.63 -0.93
N MET B 281 -10.74 -13.27 -0.16
CA MET B 281 -10.82 -14.72 -0.03
C MET B 281 -12.09 -15.14 0.72
N ASP B 282 -12.49 -14.37 1.75
CA ASP B 282 -13.80 -14.59 2.39
C ASP B 282 -14.91 -14.63 1.34
N LYS B 283 -14.97 -13.59 0.50
CA LYS B 283 -16.03 -13.48 -0.50
C LYS B 283 -15.92 -14.55 -1.56
N LEU B 284 -14.71 -14.84 -2.04
CA LEU B 284 -14.53 -15.91 -3.02
C LEU B 284 -14.96 -17.25 -2.47
N ILE B 285 -14.51 -17.60 -1.26
CA ILE B 285 -14.94 -18.88 -0.68
C ILE B 285 -16.47 -18.95 -0.66
N HIS B 286 -17.11 -17.90 -0.13
CA HIS B 286 -18.57 -17.89 -0.02
C HIS B 286 -19.25 -18.05 -1.37
N HIS B 287 -18.95 -17.16 -2.31
CA HIS B 287 -19.71 -17.14 -3.56
C HIS B 287 -19.32 -18.29 -4.48
N VAL B 288 -18.05 -18.69 -4.50
CA VAL B 288 -17.67 -19.88 -5.29
C VAL B 288 -18.42 -21.11 -4.79
N ASN B 289 -18.54 -21.25 -3.46
CA ASN B 289 -19.19 -22.44 -2.93
C ASN B 289 -20.70 -22.38 -3.08
N LYS B 290 -21.30 -21.18 -3.06
CA LYS B 290 -22.71 -21.07 -3.44
C LYS B 290 -22.92 -21.54 -4.87
N ASP B 291 -22.04 -21.12 -5.78
CA ASP B 291 -22.15 -21.56 -7.17
C ASP B 291 -22.01 -23.08 -7.26
N GLY B 292 -21.06 -23.64 -6.51
CA GLY B 292 -20.97 -25.07 -6.30
C GLY B 292 -20.29 -25.88 -7.39
N ARG B 293 -19.88 -25.26 -8.50
CA ARG B 293 -19.21 -26.02 -9.54
CA ARG B 293 -19.20 -26.01 -9.56
C ARG B 293 -17.85 -26.54 -9.07
N VAL B 294 -17.10 -25.74 -8.33
CA VAL B 294 -15.92 -26.22 -7.64
C VAL B 294 -16.07 -25.86 -6.16
N ASN B 295 -15.09 -26.26 -5.34
CA ASN B 295 -15.13 -26.02 -3.90
C ASN B 295 -13.85 -25.34 -3.44
N ALA B 296 -14.00 -24.26 -2.66
CA ALA B 296 -12.87 -23.48 -2.14
C ALA B 296 -12.86 -23.50 -0.61
N LEU B 297 -11.66 -23.46 -0.03
CA LEU B 297 -11.53 -23.49 1.42
C LEU B 297 -10.25 -22.79 1.87
N TYR B 298 -10.27 -22.23 3.08
CA TYR B 298 -9.02 -21.84 3.73
C TYR B 298 -8.26 -23.10 4.11
N SER B 299 -6.95 -23.11 3.86
CA SER B 299 -6.19 -24.33 4.03
C SER B 299 -4.74 -24.00 4.40
N THR B 300 -3.94 -25.06 4.58
CA THR B 300 -2.50 -24.95 4.85
C THR B 300 -1.79 -26.03 4.04
N PRO B 301 -0.48 -25.97 3.86
CA PRO B 301 0.19 -27.06 3.13
C PRO B 301 0.09 -28.41 3.83
N SER B 302 -0.11 -28.45 5.16
CA SER B 302 -0.28 -29.74 5.84
C SER B 302 -1.70 -30.27 5.69
N ILE B 303 -2.72 -29.39 5.70
CA ILE B 303 -4.08 -29.84 5.41
C ILE B 303 -4.19 -30.32 3.97
N TYR B 304 -3.62 -29.57 3.03
CA TYR B 304 -3.54 -30.01 1.64
C TYR B 304 -2.88 -31.39 1.56
N THR B 305 -1.75 -31.58 2.25
CA THR B 305 -1.05 -32.86 2.14
C THR B 305 -1.90 -33.99 2.69
N GLU B 306 -2.56 -33.77 3.82
CA GLU B 306 -3.48 -34.78 4.36
C GLU B 306 -4.53 -35.16 3.34
N ALA B 307 -5.08 -34.17 2.62
CA ALA B 307 -6.07 -34.49 1.58
C ALA B 307 -5.45 -35.32 0.46
N LYS B 308 -4.25 -34.97 0.01
CA LYS B 308 -3.61 -35.75 -1.06
C LYS B 308 -3.33 -37.17 -0.59
N ASN B 309 -2.91 -37.32 0.67
CA ASN B 309 -2.61 -38.65 1.20
C ASN B 309 -3.85 -39.52 1.32
N ALA B 310 -4.99 -38.92 1.66
CA ALA B 310 -6.24 -39.65 1.81
C ALA B 310 -6.84 -40.07 0.49
N ALA B 311 -6.39 -39.49 -0.62
CA ALA B 311 -6.90 -39.90 -1.91
C ALA B 311 -6.39 -41.29 -2.25
N ASN B 312 -7.23 -42.07 -2.92
CA ASN B 312 -6.81 -43.38 -3.42
C ASN B 312 -6.00 -43.13 -4.68
N GLN B 313 -4.69 -43.03 -4.53
CA GLN B 313 -3.86 -42.54 -5.62
C GLN B 313 -2.45 -43.07 -5.46
N THR B 314 -1.83 -43.40 -6.58
CA THR B 314 -0.45 -43.83 -6.61
C THR B 314 0.40 -42.72 -7.22
N TRP B 315 1.60 -42.53 -6.69
CA TRP B 315 2.40 -41.34 -6.92
C TRP B 315 3.71 -41.67 -7.62
N PRO B 316 4.18 -40.83 -8.53
CA PRO B 316 5.48 -41.05 -9.15
C PRO B 316 6.59 -40.91 -8.12
N LEU B 317 7.72 -41.53 -8.42
CA LEU B 317 8.89 -41.58 -7.54
C LEU B 317 9.89 -40.50 -7.96
N LYS B 318 10.50 -39.86 -6.96
CA LYS B 318 11.66 -38.99 -7.19
C LYS B 318 12.83 -39.50 -6.38
N ILE B 319 13.98 -39.62 -7.04
CA ILE B 319 15.23 -40.02 -6.43
CA ILE B 319 15.25 -40.03 -6.45
C ILE B 319 16.21 -38.86 -6.59
N ASP B 320 17.26 -38.86 -5.77
CA ASP B 320 18.40 -37.93 -5.93
C ASP B 320 17.91 -36.51 -5.68
N ASP B 321 18.17 -35.55 -6.58
CA ASP B 321 17.94 -34.16 -6.23
C ASP B 321 17.41 -33.39 -7.43
N TYR B 322 17.20 -32.08 -7.21
CA TYR B 322 16.74 -31.16 -8.23
C TYR B 322 17.82 -30.13 -8.51
N PHE B 323 19.03 -30.59 -8.79
CA PHE B 323 20.10 -29.70 -9.23
C PHE B 323 20.63 -30.19 -10.57
N PRO B 324 21.11 -29.30 -11.44
CA PRO B 324 21.04 -27.85 -11.25
C PRO B 324 19.72 -27.30 -11.72
N TYR B 325 19.45 -26.06 -11.35
CA TYR B 325 18.21 -25.38 -11.69
C TYR B 325 18.46 -24.42 -12.84
N ALA B 326 17.60 -24.48 -13.86
CA ALA B 326 17.59 -23.50 -14.94
C ALA B 326 16.16 -23.05 -15.19
N ASP B 327 15.92 -21.74 -15.33
CA ASP B 327 14.57 -21.29 -15.71
C ASP B 327 14.49 -20.88 -17.17
N GLY B 328 15.55 -21.07 -17.94
CA GLY B 328 15.51 -20.79 -19.36
C GLY B 328 16.74 -21.38 -20.02
N ARG B 329 16.73 -21.37 -21.35
CA ARG B 329 17.74 -22.14 -22.09
C ARG B 329 19.15 -21.65 -21.80
N ASN B 330 19.36 -20.35 -21.62
CA ASN B 330 20.70 -19.83 -21.33
C ASN B 330 20.82 -19.32 -19.90
N ALA B 331 19.99 -19.86 -18.98
CA ALA B 331 19.89 -19.34 -17.61
C ALA B 331 20.00 -20.51 -16.61
N TYR B 332 21.18 -21.08 -16.51
CA TYR B 332 21.48 -22.05 -15.47
C TYR B 332 21.93 -21.32 -14.21
N TRP B 333 21.24 -21.57 -13.09
CA TRP B 333 21.54 -20.91 -11.82
C TRP B 333 22.60 -21.72 -11.09
N THR B 334 23.79 -21.70 -11.66
CA THR B 334 24.94 -22.39 -11.08
C THR B 334 26.07 -21.42 -10.78
N GLY B 335 25.89 -20.13 -11.05
CA GLY B 335 26.93 -19.17 -10.70
C GLY B 335 27.01 -18.97 -9.21
N PHE B 336 25.85 -18.95 -8.54
CA PHE B 336 25.81 -18.70 -7.11
C PHE B 336 26.41 -19.85 -6.32
N TYR B 337 26.72 -20.99 -6.96
CA TYR B 337 27.49 -22.01 -6.24
C TYR B 337 28.83 -21.46 -5.80
N THR B 338 29.33 -20.45 -6.48
CA THR B 338 30.61 -19.84 -6.13
C THR B 338 30.50 -18.41 -5.64
N SER B 339 29.50 -17.67 -6.12
CA SER B 339 29.34 -16.23 -5.86
C SER B 339 29.61 -15.87 -4.40
N ARG B 340 30.36 -14.77 -4.20
CA ARG B 340 30.76 -14.28 -2.89
C ARG B 340 31.56 -15.33 -2.12
N SER B 341 32.67 -15.76 -2.73
CA SER B 341 33.50 -16.79 -2.11
C SER B 341 33.97 -16.37 -0.71
N ALA B 342 34.23 -15.09 -0.49
CA ALA B 342 34.75 -14.68 0.83
C ALA B 342 33.68 -14.80 1.91
N LEU B 343 32.43 -14.45 1.60
CA LEU B 343 31.35 -14.66 2.57
C LEU B 343 31.14 -16.14 2.84
N LYS B 344 31.16 -16.96 1.78
CA LYS B 344 31.02 -18.40 1.94
C LYS B 344 32.09 -18.98 2.86
N ASP B 345 33.35 -18.52 2.72
CA ASP B 345 34.38 -19.03 3.62
C ASP B 345 34.18 -18.53 5.04
N TYR B 346 33.78 -17.27 5.18
CA TYR B 346 33.50 -16.70 6.49
C TYR B 346 32.43 -17.51 7.22
N VAL B 347 31.35 -17.88 6.52
CA VAL B 347 30.31 -18.71 7.12
C VAL B 347 30.89 -20.05 7.56
N ARG B 348 31.61 -20.74 6.65
CA ARG B 348 32.15 -22.06 6.99
C ARG B 348 33.12 -21.98 8.16
N MET B 349 34.00 -20.98 8.15
CA MET B 349 34.97 -20.82 9.22
C MET B 349 34.27 -20.60 10.56
N LEU B 350 33.28 -19.70 10.59
CA LEU B 350 32.59 -19.43 11.86
C LEU B 350 31.72 -20.60 12.30
N SER B 351 31.20 -21.39 11.36
CA SER B 351 30.42 -22.56 11.73
C SER B 351 31.28 -23.58 12.49
N GLY B 352 32.48 -23.87 11.99
CA GLY B 352 33.37 -24.73 12.76
C GLY B 352 33.69 -24.15 14.13
N TYR B 353 34.00 -22.86 14.17
CA TYR B 353 34.38 -22.21 15.43
C TYR B 353 33.22 -22.21 16.42
N TYR B 354 32.00 -22.09 15.89
CA TYR B 354 30.82 -22.09 16.74
C TYR B 354 30.57 -23.46 17.33
N LEU B 355 30.86 -24.52 16.57
CA LEU B 355 30.80 -25.88 17.08
C LEU B 355 31.78 -26.07 18.24
N ALA B 356 33.02 -25.60 18.08
CA ALA B 356 33.99 -25.71 19.17
C ALA B 356 33.63 -24.80 20.34
N THR B 357 33.12 -23.59 20.06
CA THR B 357 32.70 -22.70 21.12
C THR B 357 31.66 -23.37 22.02
N ARG B 358 30.69 -24.07 21.41
CA ARG B 358 29.63 -24.67 22.21
C ARG B 358 30.14 -25.86 23.01
N GLN B 359 31.09 -26.62 22.48
CA GLN B 359 31.75 -27.66 23.28
C GLN B 359 32.36 -27.04 24.53
N LEU B 360 33.19 -26.02 24.35
CA LEU B 360 33.96 -25.45 25.44
C LEU B 360 33.06 -24.78 26.45
N GLY B 361 32.03 -24.07 25.98
CA GLY B 361 31.08 -23.48 26.90
C GLY B 361 30.41 -24.50 27.79
N PHE B 362 29.98 -25.62 27.19
CA PHE B 362 29.38 -26.70 27.96
C PHE B 362 30.35 -27.22 29.02
N PHE B 363 31.55 -27.65 28.60
CA PHE B 363 32.54 -28.15 29.55
C PHE B 363 32.84 -27.14 30.66
N ALA B 364 32.78 -25.84 30.36
CA ALA B 364 33.07 -24.81 31.35
C ALA B 364 31.83 -24.34 32.11
N GLY B 365 30.66 -24.90 31.84
CA GLY B 365 29.49 -24.49 32.59
C GLY B 365 28.89 -23.16 32.21
N LYS B 366 29.26 -22.59 31.05
CA LYS B 366 28.66 -21.34 30.60
C LYS B 366 27.22 -21.56 30.15
N LYS B 367 26.38 -20.55 30.35
CA LYS B 367 24.96 -20.69 30.08
C LYS B 367 24.60 -20.21 28.68
N SER B 368 23.51 -20.76 28.16
CA SER B 368 23.09 -20.50 26.79
C SER B 368 22.78 -19.03 26.56
N THR B 369 23.13 -18.53 25.37
CA THR B 369 22.80 -17.19 24.95
C THR B 369 22.15 -17.17 23.58
N LYS B 370 21.60 -18.32 23.17
CA LYS B 370 21.11 -18.53 21.80
C LYS B 370 20.13 -17.45 21.34
N TYR B 371 19.33 -16.89 22.25
CA TYR B 371 18.29 -15.94 21.85
C TYR B 371 18.63 -14.51 22.27
N HIS B 372 19.84 -14.25 22.75
CA HIS B 372 20.27 -12.88 23.03
C HIS B 372 20.47 -12.11 21.72
N ALA B 373 20.27 -10.80 21.80
CA ALA B 373 20.43 -9.95 20.62
C ALA B 373 21.85 -10.04 20.08
N PHE B 374 21.96 -10.26 18.77
CA PHE B 374 23.22 -10.30 18.04
C PHE B 374 24.08 -11.50 18.39
N ASP B 375 23.53 -12.53 19.04
CA ASP B 375 24.27 -13.76 19.29
C ASP B 375 24.70 -14.41 17.97
N LEU B 376 25.80 -15.18 18.03
CA LEU B 376 26.27 -15.88 16.82
C LEU B 376 25.22 -16.85 16.30
N ALA B 377 24.40 -17.43 17.17
CA ALA B 377 23.30 -18.27 16.70
C ALA B 377 22.38 -17.50 15.75
N ASP B 378 22.09 -16.24 16.08
CA ASP B 378 21.25 -15.42 15.21
C ASP B 378 21.97 -15.13 13.91
N ALA B 379 23.25 -14.72 14.01
CA ALA B 379 23.98 -14.28 12.81
C ALA B 379 24.27 -15.43 11.86
N LEU B 380 24.67 -16.59 12.40
CA LEU B 380 24.85 -17.75 11.53
C LEU B 380 23.54 -18.32 11.01
N GLY B 381 22.46 -18.24 11.81
CA GLY B 381 21.17 -18.67 11.30
C GLY B 381 20.71 -17.83 10.14
N ILE B 382 20.82 -16.52 10.28
CA ILE B 382 20.50 -15.58 9.20
C ILE B 382 21.36 -15.89 7.96
N ALA B 383 22.63 -16.21 8.18
CA ALA B 383 23.56 -16.40 7.08
C ALA B 383 23.20 -17.58 6.18
N GLN B 384 22.38 -18.52 6.68
CA GLN B 384 21.91 -19.65 5.89
C GLN B 384 20.79 -19.28 4.92
N HIS B 385 20.24 -18.07 5.00
CA HIS B 385 19.13 -17.65 4.14
C HIS B 385 19.51 -17.81 2.67
N HIS B 386 18.50 -18.08 1.82
CA HIS B 386 18.79 -18.45 0.43
C HIS B 386 19.30 -17.28 -0.44
N ASP B 387 19.41 -16.06 0.11
CA ASP B 387 20.16 -14.97 -0.54
C ASP B 387 21.43 -14.60 0.20
N ALA B 388 21.75 -15.25 1.31
CA ALA B 388 22.88 -14.83 2.14
C ALA B 388 24.15 -15.57 1.73
N VAL B 389 24.38 -16.75 2.33
CA VAL B 389 25.54 -17.57 1.98
C VAL B 389 25.53 -17.93 0.49
N SER B 390 24.36 -17.94 -0.14
CA SER B 390 24.29 -18.16 -1.59
C SER B 390 24.94 -17.04 -2.38
N GLY B 391 25.07 -15.86 -1.79
CA GLY B 391 25.70 -14.73 -2.43
C GLY B 391 24.82 -13.93 -3.37
N THR B 392 23.48 -14.08 -3.27
CA THR B 392 22.60 -13.43 -4.23
C THR B 392 21.88 -12.22 -3.62
N ALA B 393 22.43 -11.62 -2.58
CA ALA B 393 21.86 -10.39 -2.02
C ALA B 393 22.64 -9.18 -2.53
N LYS B 394 22.08 -7.99 -2.33
CA LYS B 394 22.78 -6.75 -2.65
C LYS B 394 24.06 -6.62 -1.82
N GLN B 395 24.97 -5.77 -2.28
CA GLN B 395 26.25 -5.62 -1.58
C GLN B 395 26.05 -5.10 -0.15
N HIS B 396 25.18 -4.11 0.02
CA HIS B 396 25.02 -3.51 1.35
C HIS B 396 24.44 -4.53 2.33
N THR B 397 23.48 -5.32 1.86
CA THR B 397 22.94 -6.45 2.64
C THR B 397 24.05 -7.44 2.98
N THR B 398 24.87 -7.78 1.98
CA THR B 398 25.96 -8.72 2.21
C THR B 398 26.91 -8.21 3.28
N ASN B 399 27.19 -6.90 3.26
CA ASN B 399 28.02 -6.27 4.27
C ASN B 399 27.38 -6.38 5.64
N ASP B 400 26.06 -6.18 5.70
CA ASP B 400 25.34 -6.33 6.96
C ASP B 400 25.46 -7.76 7.51
N TYR B 401 25.32 -8.77 6.65
CA TYR B 401 25.52 -10.17 7.06
C TYR B 401 26.88 -10.37 7.72
N ALA B 402 27.93 -9.84 7.08
CA ALA B 402 29.28 -10.02 7.61
C ALA B 402 29.47 -9.26 8.92
N LYS B 403 28.92 -8.04 9.01
CA LYS B 403 28.92 -7.29 10.28
C LYS B 403 28.27 -8.09 11.41
N ARG B 404 27.12 -8.72 11.15
CA ARG B 404 26.48 -9.55 12.17
C ARG B 404 27.33 -10.75 12.54
N LEU B 405 27.91 -11.42 11.54
CA LEU B 405 28.77 -12.56 11.84
C LEU B 405 29.98 -12.12 12.66
N ALA B 406 30.57 -10.97 12.32
CA ALA B 406 31.74 -10.50 13.07
C ALA B 406 31.39 -10.22 14.52
N ILE B 407 30.19 -9.67 14.75
CA ILE B 407 29.75 -9.41 16.12
C ILE B 407 29.61 -10.72 16.89
N GLY B 408 28.96 -11.70 16.27
CA GLY B 408 28.82 -12.99 16.94
C GLY B 408 30.16 -13.68 17.16
N ALA B 409 31.08 -13.55 16.19
CA ALA B 409 32.41 -14.14 16.32
C ALA B 409 33.17 -13.53 17.50
N SER B 410 33.04 -12.22 17.69
CA SER B 410 33.70 -11.55 18.80
C SER B 410 33.17 -12.07 20.13
N LYS B 411 31.85 -12.31 20.22
CA LYS B 411 31.30 -12.91 21.44
C LYS B 411 31.76 -14.35 21.63
N ALA B 412 31.86 -15.13 20.54
CA ALA B 412 32.31 -16.52 20.66
C ALA B 412 33.76 -16.57 21.11
N GLU B 413 34.59 -15.67 20.59
CA GLU B 413 36.00 -15.64 20.98
C GLU B 413 36.16 -15.47 22.46
N ALA B 414 35.34 -14.60 23.07
CA ALA B 414 35.40 -14.39 24.52
C ALA B 414 34.97 -15.63 25.28
N VAL B 415 33.91 -16.31 24.80
CA VAL B 415 33.49 -17.55 25.44
C VAL B 415 34.61 -18.60 25.36
N VAL B 416 35.23 -18.73 24.17
CA VAL B 416 36.30 -19.71 24.00
C VAL B 416 37.49 -19.37 24.92
N SER B 417 37.84 -18.09 24.98
CA SER B 417 39.02 -17.69 25.76
C SER B 417 38.77 -17.90 27.25
N SER B 418 37.58 -17.54 27.72
CA SER B 418 37.27 -17.68 29.15
C SER B 418 37.10 -19.15 29.54
N SER B 419 36.50 -19.95 28.67
CA SER B 419 36.34 -21.38 28.95
C SER B 419 37.69 -22.09 29.00
N LEU B 420 38.57 -21.81 28.04
CA LEU B 420 39.90 -22.42 28.06
C LEU B 420 40.70 -22.03 29.29
N ALA B 421 40.48 -20.83 29.81
CA ALA B 421 41.15 -20.42 31.04
C ALA B 421 40.69 -21.25 32.23
N CYS B 422 39.39 -21.45 32.38
CA CYS B 422 38.90 -22.29 33.47
C CYS B 422 39.32 -23.75 33.27
N LEU B 423 39.22 -24.23 32.05
CA LEU B 423 39.35 -25.68 31.83
C LEU B 423 40.80 -26.15 31.94
N THR B 424 41.76 -25.31 31.58
CA THR B 424 43.16 -25.68 31.73
C THR B 424 43.70 -25.40 33.13
N SER B 425 43.09 -24.47 33.85
CA SER B 425 43.47 -24.23 35.23
C SER B 425 43.26 -25.49 36.06
N LYS B 426 44.20 -25.76 36.97
CA LYS B 426 44.17 -26.98 37.75
C LYS B 426 43.09 -26.91 38.83
N CYS B 432 32.60 -21.09 36.17
CA CYS B 432 33.67 -20.41 35.44
C CYS B 432 33.53 -18.89 35.56
N SER B 433 34.64 -18.22 35.87
CA SER B 433 34.64 -16.77 36.05
C SER B 433 35.72 -16.06 35.25
N ALA B 434 36.58 -16.80 34.55
CA ALA B 434 37.82 -16.23 34.03
C ALA B 434 37.53 -15.16 32.98
N PRO B 435 38.31 -14.08 32.96
CA PRO B 435 38.10 -13.04 31.94
C PRO B 435 38.56 -13.48 30.57
N ALA B 436 37.96 -12.87 29.54
CA ALA B 436 38.35 -13.19 28.17
C ALA B 436 39.80 -12.81 27.88
N SER B 437 40.36 -11.86 28.64
CA SER B 437 41.74 -11.44 28.51
C SER B 437 42.75 -12.56 28.74
N ALA B 438 42.31 -13.71 29.26
CA ALA B 438 43.25 -14.77 29.61
C ALA B 438 44.06 -15.23 28.41
N PHE B 439 43.42 -15.39 27.25
CA PHE B 439 44.07 -15.84 26.04
C PHE B 439 43.77 -14.90 24.88
N SER B 440 44.71 -14.79 23.96
CA SER B 440 44.46 -14.12 22.70
C SER B 440 44.34 -15.16 21.59
N GLN B 441 43.63 -14.80 20.53
CA GLN B 441 43.39 -15.69 19.41
C GLN B 441 43.51 -14.91 18.12
N CYS B 442 43.74 -15.64 17.03
CA CYS B 442 44.02 -15.07 15.73
C CYS B 442 43.11 -15.72 14.70
N HIS B 443 42.41 -14.90 13.90
CA HIS B 443 41.61 -15.43 12.80
C HIS B 443 42.07 -14.90 11.46
N LEU B 444 43.21 -14.20 11.42
CA LEU B 444 43.76 -13.62 10.20
C LEU B 444 45.12 -14.21 9.84
N PHE B 445 45.36 -15.46 10.22
CA PHE B 445 46.51 -16.20 9.70
C PHE B 445 46.55 -16.20 8.17
N ASN B 446 45.38 -16.20 7.52
CA ASN B 446 45.34 -16.23 6.07
C ASN B 446 46.06 -15.04 5.43
N ILE B 447 46.19 -13.92 6.15
CA ILE B 447 46.99 -12.80 5.64
C ILE B 447 48.21 -12.54 6.52
N SER B 448 48.58 -13.51 7.36
CA SER B 448 49.79 -13.51 8.19
C SER B 448 49.71 -12.57 9.39
N TYR B 449 48.51 -12.25 9.86
CA TYR B 449 48.32 -11.25 10.91
C TYR B 449 47.99 -11.97 12.21
N CYS B 450 48.97 -12.01 13.12
CA CYS B 450 48.77 -12.56 14.46
C CYS B 450 49.69 -11.82 15.43
N PRO B 451 49.26 -10.67 15.93
CA PRO B 451 50.07 -9.90 16.89
C PRO B 451 50.56 -10.74 18.06
N PRO B 452 49.74 -11.60 18.67
CA PRO B 452 50.25 -12.39 19.81
C PRO B 452 51.49 -13.22 19.51
N THR B 453 51.66 -13.71 18.27
CA THR B 453 52.85 -14.48 17.96
C THR B 453 53.94 -13.64 17.31
N GLU B 454 53.58 -12.50 16.70
CA GLU B 454 54.61 -11.64 16.12
C GLU B 454 55.34 -10.83 17.19
N SER B 455 54.78 -10.74 18.38
CA SER B 455 55.34 -9.85 19.40
C SER B 455 56.57 -10.49 20.03
N SER B 456 57.51 -9.65 20.43
CA SER B 456 58.70 -10.13 21.10
C SER B 456 58.34 -10.80 22.42
N ILE B 457 59.00 -11.91 22.70
CA ILE B 457 58.79 -12.67 23.94
C ILE B 457 59.73 -12.09 24.99
N PRO B 458 59.23 -11.61 26.14
CA PRO B 458 60.11 -11.12 27.19
C PRO B 458 61.07 -12.21 27.69
N ASP B 459 62.11 -11.76 28.39
CA ASP B 459 63.07 -12.69 28.97
C ASP B 459 62.46 -13.42 30.16
N ASP B 460 62.89 -14.67 30.34
CA ASP B 460 62.34 -15.60 31.33
C ASP B 460 60.86 -15.87 31.10
N LYS B 461 60.38 -15.69 29.88
CA LYS B 461 59.00 -16.01 29.52
C LYS B 461 59.00 -16.75 28.19
N SER B 462 57.92 -17.49 27.97
CA SER B 462 57.68 -18.15 26.71
C SER B 462 56.35 -17.71 26.13
N LEU B 463 56.18 -17.92 24.83
CA LEU B 463 54.86 -17.86 24.23
C LEU B 463 54.16 -19.19 24.52
N VAL B 464 53.06 -19.13 25.27
CA VAL B 464 52.31 -20.34 25.58
C VAL B 464 51.28 -20.54 24.47
N VAL B 465 51.29 -21.71 23.83
CA VAL B 465 50.36 -22.06 22.76
C VAL B 465 49.51 -23.23 23.24
N VAL B 466 48.23 -22.96 23.55
CA VAL B 466 47.25 -23.98 23.91
C VAL B 466 46.47 -24.36 22.67
N VAL B 467 46.45 -25.66 22.37
CA VAL B 467 45.87 -26.19 21.13
C VAL B 467 44.67 -27.05 21.53
N TYR B 468 43.48 -26.66 21.09
CA TYR B 468 42.26 -27.39 21.43
C TYR B 468 41.76 -28.11 20.18
N ASN B 469 41.37 -29.38 20.35
CA ASN B 469 40.93 -30.24 19.25
C ASN B 469 39.44 -30.55 19.39
N PRO B 470 38.57 -29.94 18.58
CA PRO B 470 37.12 -30.18 18.71
C PRO B 470 36.63 -31.44 18.03
N LEU B 471 37.50 -32.27 17.47
CA LEU B 471 37.09 -33.56 16.93
C LEU B 471 37.14 -34.63 18.03
N GLY B 472 36.26 -35.63 17.90
CA GLY B 472 36.32 -36.80 18.76
C GLY B 472 37.40 -37.79 18.40
N TRP B 473 38.34 -37.41 17.54
CA TRP B 473 39.46 -38.24 17.11
C TRP B 473 40.78 -37.65 17.60
N SER B 474 41.76 -38.54 17.80
CA SER B 474 43.16 -38.11 17.89
C SER B 474 43.56 -37.35 16.65
N ARG B 475 44.40 -36.34 16.83
CA ARG B 475 44.82 -35.57 15.65
C ARG B 475 46.24 -35.06 15.82
N ASN B 476 47.04 -35.25 14.78
CA ASN B 476 48.31 -34.55 14.66
C ASN B 476 48.22 -33.62 13.47
N GLU B 477 48.88 -32.48 13.58
CA GLU B 477 48.62 -31.38 12.67
C GLU B 477 49.76 -30.39 12.76
N ILE B 478 50.08 -29.75 11.64
CA ILE B 478 51.14 -28.75 11.62
C ILE B 478 50.58 -27.43 12.14
N VAL B 479 51.15 -26.93 13.23
CA VAL B 479 50.89 -25.57 13.70
C VAL B 479 51.84 -24.64 12.96
N ARG B 480 51.32 -23.52 12.46
CA ARG B 480 52.06 -22.63 11.57
C ARG B 480 51.76 -21.19 11.99
N ILE B 481 52.71 -20.55 12.67
CA ILE B 481 52.46 -19.21 13.22
C ILE B 481 53.50 -18.21 12.73
N PRO B 482 53.10 -16.96 12.50
CA PRO B 482 54.05 -15.94 12.04
C PRO B 482 54.88 -15.40 13.22
N VAL B 483 56.20 -15.33 13.04
CA VAL B 483 57.12 -14.91 14.10
C VAL B 483 58.19 -14.02 13.51
N ASN B 484 58.94 -13.37 14.40
CA ASN B 484 59.99 -12.46 13.99
C ASN B 484 61.37 -12.86 14.51
N ASP B 485 61.46 -13.95 15.26
CA ASP B 485 62.71 -14.47 15.78
C ASP B 485 63.04 -15.77 15.04
N ALA B 486 64.26 -15.84 14.49
CA ALA B 486 64.70 -17.03 13.76
C ALA B 486 65.29 -18.11 14.65
N ASN B 487 65.51 -17.83 15.94
CA ASN B 487 66.14 -18.81 16.81
C ASN B 487 65.21 -19.18 17.95
N LEU B 488 63.99 -19.61 17.62
CA LEU B 488 63.05 -20.04 18.64
C LEU B 488 63.15 -21.55 18.84
N VAL B 489 62.94 -21.98 20.08
CA VAL B 489 62.84 -23.40 20.40
C VAL B 489 61.40 -23.69 20.78
N VAL B 490 60.86 -24.79 20.27
CA VAL B 490 59.50 -25.22 20.59
C VAL B 490 59.59 -26.47 21.46
N LYS B 491 59.04 -26.38 22.67
CA LYS B 491 59.03 -27.51 23.58
C LYS B 491 57.59 -27.99 23.77
N ASP B 492 57.41 -29.31 23.79
CA ASP B 492 56.12 -29.87 24.13
C ASP B 492 55.96 -29.78 25.65
N SER B 493 54.89 -30.37 26.18
CA SER B 493 54.57 -30.17 27.59
C SER B 493 55.49 -30.93 28.54
N SER B 494 56.26 -31.89 28.02
CA SER B 494 57.19 -32.66 28.84
C SER B 494 58.61 -32.14 28.75
N GLY B 495 58.82 -31.00 28.09
CA GLY B 495 60.14 -30.42 27.97
C GLY B 495 60.92 -30.83 26.75
N ASN B 496 60.38 -31.72 25.92
CA ASN B 496 61.09 -32.16 24.72
C ASN B 496 61.14 -31.05 23.68
N LYS B 497 62.32 -30.80 23.15
CA LYS B 497 62.42 -29.90 22.01
C LYS B 497 61.89 -30.60 20.75
N LEU B 498 61.09 -29.88 19.98
CA LEU B 498 60.42 -30.42 18.82
C LEU B 498 61.15 -30.04 17.54
N GLU B 499 61.06 -30.91 16.55
CA GLU B 499 61.52 -30.56 15.21
C GLU B 499 60.67 -29.42 14.67
N VAL B 500 61.32 -28.33 14.27
CA VAL B 500 60.63 -27.17 13.73
C VAL B 500 61.13 -26.96 12.30
N GLN B 501 60.34 -26.19 11.54
CA GLN B 501 60.76 -25.71 10.24
C GLN B 501 60.37 -24.24 10.14
N TYR B 502 61.31 -23.43 9.64
CA TYR B 502 61.02 -22.03 9.34
C TYR B 502 60.76 -21.89 7.85
N VAL B 503 59.73 -21.13 7.53
CA VAL B 503 59.35 -20.83 6.15
C VAL B 503 59.39 -19.32 5.97
N GLU B 504 59.93 -18.86 4.86
CA GLU B 504 60.11 -17.44 4.64
C GLU B 504 58.80 -16.79 4.21
N MET B 505 58.59 -15.56 4.68
CA MET B 505 57.48 -14.75 4.19
C MET B 505 57.61 -14.55 2.68
N ASP B 506 56.47 -14.42 2.01
CA ASP B 506 56.46 -14.17 0.58
C ASP B 506 55.79 -12.84 0.30
N ASP B 507 56.00 -12.34 -0.92
CA ASP B 507 55.56 -10.98 -1.23
C ASP B 507 54.06 -10.91 -1.48
N VAL B 508 53.45 -12.00 -1.98
CA VAL B 508 52.01 -12.00 -2.20
C VAL B 508 51.27 -11.81 -0.87
N THR B 509 51.65 -12.62 0.13
CA THR B 509 51.04 -12.51 1.44
C THR B 509 51.33 -11.15 2.08
N ALA B 510 52.55 -10.65 1.92
CA ALA B 510 52.91 -9.37 2.54
C ALA B 510 52.04 -8.24 1.98
N ASN B 511 51.73 -8.28 0.68
CA ASN B 511 50.89 -7.24 0.12
C ASN B 511 49.43 -7.41 0.56
N LEU B 512 48.96 -8.66 0.65
CA LEU B 512 47.64 -8.93 1.25
C LEU B 512 47.56 -8.35 2.66
N ARG B 513 48.60 -8.60 3.47
CA ARG B 513 48.61 -8.18 4.87
C ARG B 513 48.48 -6.66 4.99
N SER B 514 49.24 -5.92 4.19
CA SER B 514 49.20 -4.46 4.29
C SER B 514 47.80 -3.95 3.99
N PHE B 515 47.19 -4.46 2.93
CA PHE B 515 45.93 -3.92 2.43
C PHE B 515 44.77 -4.34 3.31
N TYR B 516 44.69 -5.63 3.63
CA TYR B 516 43.50 -6.19 4.26
C TYR B 516 43.49 -5.97 5.76
N VAL B 517 44.66 -5.97 6.43
CA VAL B 517 44.64 -5.66 7.85
C VAL B 517 44.07 -4.27 8.08
N LYS B 518 44.46 -3.30 7.24
CA LYS B 518 43.89 -1.96 7.34
C LYS B 518 42.40 -1.98 7.04
N ALA B 519 41.99 -2.65 5.96
CA ALA B 519 40.58 -2.71 5.61
C ALA B 519 39.74 -3.28 6.74
N TYR B 520 40.26 -4.31 7.42
CA TYR B 520 39.48 -4.97 8.46
C TYR B 520 39.58 -4.25 9.81
N GLU B 521 40.78 -3.81 10.19
CA GLU B 521 41.02 -3.26 11.52
C GLU B 521 41.07 -1.75 11.56
N GLY B 522 41.37 -1.08 10.45
CA GLY B 522 41.34 0.36 10.36
C GLY B 522 42.71 1.00 10.17
N GLU B 523 43.78 0.36 10.64
CA GLU B 523 45.10 0.93 10.49
C GLU B 523 46.08 -0.14 10.01
N VAL B 524 47.22 0.33 9.55
CA VAL B 524 48.28 -0.55 9.04
C VAL B 524 48.95 -1.26 10.20
N PRO B 525 49.34 -2.53 10.04
CA PRO B 525 50.04 -3.25 11.11
C PRO B 525 51.52 -2.90 11.11
N LYS B 526 52.26 -3.52 12.03
CA LYS B 526 53.72 -3.41 12.00
C LYS B 526 54.26 -4.28 10.87
N ASP B 527 55.59 -4.25 10.72
CA ASP B 527 56.26 -4.82 9.54
C ASP B 527 55.76 -6.22 9.25
N ALA B 528 55.68 -6.56 7.97
CA ALA B 528 55.43 -7.93 7.59
C ALA B 528 56.46 -8.81 8.25
N ASP B 529 56.03 -9.61 9.21
CA ASP B 529 56.92 -10.51 9.93
C ASP B 529 57.75 -11.33 8.96
N VAL B 530 58.92 -11.76 9.41
CA VAL B 530 59.91 -12.30 8.47
C VAL B 530 59.76 -13.81 8.26
N TYR B 531 59.21 -14.56 9.21
CA TYR B 531 59.13 -16.00 9.05
C TYR B 531 57.80 -16.54 9.56
N TRP B 532 57.47 -17.72 9.07
CA TRP B 532 56.54 -18.64 9.72
C TRP B 532 57.33 -19.70 10.46
N SER B 533 56.91 -20.01 11.68
CA SER B 533 57.44 -21.14 12.43
C SER B 533 56.43 -22.27 12.41
N LEU B 534 56.90 -23.47 12.03
CA LEU B 534 56.06 -24.65 11.90
C LEU B 534 56.52 -25.73 12.88
N PHE B 535 55.56 -26.40 13.51
CA PHE B 535 55.86 -27.61 14.26
C PHE B 535 54.63 -28.49 14.26
N LYS B 536 54.84 -29.78 14.54
CA LYS B 536 53.74 -30.75 14.58
C LYS B 536 53.19 -30.84 16.00
N ALA B 537 51.89 -30.56 16.14
CA ALA B 537 51.20 -30.75 17.40
C ALA B 537 50.47 -32.09 17.39
N SER B 538 50.34 -32.68 18.57
CA SER B 538 49.63 -33.93 18.77
C SER B 538 48.64 -33.72 19.90
N VAL B 539 47.34 -33.85 19.60
CA VAL B 539 46.33 -33.43 20.58
C VAL B 539 45.32 -34.55 20.82
N PRO B 540 44.91 -34.76 22.06
CA PRO B 540 43.86 -35.76 22.35
C PRO B 540 42.55 -35.37 21.70
N PRO B 541 41.65 -36.32 21.45
CA PRO B 541 40.30 -35.95 21.00
C PRO B 541 39.66 -35.11 22.09
N LEU B 542 38.76 -34.19 21.68
CA LEU B 542 38.03 -33.33 22.62
C LEU B 542 38.91 -32.88 23.78
N GLY B 543 40.06 -32.29 23.45
CA GLY B 543 41.02 -31.96 24.48
C GLY B 543 42.11 -31.05 23.95
N TRP B 544 43.15 -30.87 24.77
CA TRP B 544 44.15 -29.85 24.49
C TRP B 544 45.56 -30.34 24.79
N SER B 545 46.54 -29.72 24.13
CA SER B 545 47.95 -29.83 24.43
C SER B 545 48.55 -28.43 24.45
N THR B 546 49.73 -28.30 25.07
CA THR B 546 50.34 -27.00 25.31
C THR B 546 51.80 -27.05 24.90
N TYR B 547 52.24 -26.03 24.16
CA TYR B 547 53.60 -25.95 23.63
C TYR B 547 54.19 -24.61 24.02
N PHE B 548 55.48 -24.60 24.34
CA PHE B 548 56.15 -23.39 24.84
C PHE B 548 57.23 -23.00 23.85
N ILE B 549 57.18 -21.74 23.39
CA ILE B 549 58.10 -21.23 22.38
C ILE B 549 58.93 -20.13 23.02
N SER B 550 60.26 -20.24 22.91
CA SER B 550 61.17 -19.27 23.51
C SER B 550 62.46 -19.23 22.72
N GLU B 551 63.30 -18.23 23.05
CA GLU B 551 64.51 -17.92 22.26
C GLU B 551 65.61 -18.99 22.38
N LEU B 570 62.12 -30.49 -9.26
CA LEU B 570 60.84 -30.70 -9.91
C LEU B 570 59.99 -31.68 -9.11
N ASN B 571 60.56 -32.22 -8.04
CA ASN B 571 59.94 -33.29 -7.25
C ASN B 571 59.90 -32.88 -5.79
N ILE B 572 58.73 -32.99 -5.16
CA ILE B 572 58.57 -32.69 -3.75
C ILE B 572 57.71 -33.78 -3.09
N GLY B 573 57.76 -33.78 -1.77
CA GLY B 573 56.97 -34.71 -0.97
C GLY B 573 57.79 -35.35 0.13
N PRO B 574 57.65 -34.83 1.36
CA PRO B 574 58.42 -35.41 2.47
C PRO B 574 57.89 -36.76 2.94
N GLY B 575 56.65 -37.10 2.60
CA GLY B 575 56.07 -38.39 2.94
C GLY B 575 55.75 -39.25 1.74
N ASP B 576 54.72 -40.09 1.84
CA ASP B 576 54.48 -41.12 0.82
C ASP B 576 53.94 -40.54 -0.49
N LEU B 577 53.25 -39.41 -0.42
CA LEU B 577 52.68 -38.80 -1.60
C LEU B 577 53.67 -37.82 -2.21
N LYS B 578 53.80 -37.87 -3.54
CA LYS B 578 54.80 -37.12 -4.26
C LYS B 578 54.16 -36.43 -5.44
N MET B 579 54.68 -35.25 -5.77
CA MET B 579 54.25 -34.49 -6.94
C MET B 579 55.46 -34.08 -7.77
N SER B 580 55.29 -34.07 -9.07
CA SER B 580 56.32 -33.62 -10.00
C SER B 580 55.81 -32.39 -10.74
N PHE B 581 56.71 -31.45 -10.98
CA PHE B 581 56.38 -30.20 -11.67
C PHE B 581 57.36 -29.98 -12.80
N SER B 582 56.89 -29.33 -13.86
CA SER B 582 57.81 -28.89 -14.90
C SER B 582 58.76 -27.85 -14.34
N SER B 583 60.05 -28.02 -14.57
CA SER B 583 60.97 -26.97 -14.15
C SER B 583 60.81 -25.71 -14.99
N LEU B 584 60.09 -25.78 -16.10
CA LEU B 584 59.90 -24.63 -16.97
C LEU B 584 58.58 -23.93 -16.66
N THR B 585 57.47 -24.43 -17.19
CA THR B 585 56.15 -23.96 -16.78
C THR B 585 55.76 -24.73 -15.53
N GLY B 586 56.31 -24.28 -14.40
CA GLY B 586 56.20 -24.94 -13.10
C GLY B 586 54.85 -25.49 -12.70
N GLN B 587 54.21 -26.23 -13.61
CA GLN B 587 52.88 -26.79 -13.38
C GLN B 587 52.98 -28.25 -13.01
N LEU B 588 52.01 -28.70 -12.20
CA LEU B 588 51.90 -30.10 -11.83
C LEU B 588 51.91 -30.97 -13.07
N LYS B 589 52.73 -32.03 -13.03
CA LYS B 589 52.79 -33.02 -14.12
C LYS B 589 52.38 -34.42 -13.67
N ARG B 590 52.48 -34.74 -12.39
CA ARG B 590 52.30 -36.11 -11.94
C ARG B 590 52.06 -36.11 -10.43
N MET B 591 51.19 -37.02 -9.99
CA MET B 591 51.03 -37.37 -8.58
C MET B 591 51.21 -38.86 -8.43
N TYR B 592 51.97 -39.27 -7.41
CA TYR B 592 52.13 -40.68 -7.15
C TYR B 592 52.40 -40.92 -5.67
N ASN B 593 51.92 -42.07 -5.20
CA ASN B 593 52.12 -42.53 -3.83
C ASN B 593 53.00 -43.77 -3.89
N SER B 594 54.15 -43.71 -3.23
CA SER B 594 55.10 -44.81 -3.25
C SER B 594 54.55 -46.03 -2.52
N LYS B 595 53.96 -45.81 -1.35
CA LYS B 595 53.52 -46.91 -0.49
C LYS B 595 52.32 -47.63 -1.09
N THR B 596 51.33 -46.89 -1.58
CA THR B 596 50.12 -47.51 -2.11
C THR B 596 50.20 -47.79 -3.60
N GLY B 597 51.19 -47.23 -4.30
CA GLY B 597 51.39 -47.56 -5.70
C GLY B 597 50.34 -47.01 -6.65
N VAL B 598 49.84 -45.81 -6.40
CA VAL B 598 48.96 -45.11 -7.33
C VAL B 598 49.78 -44.02 -8.01
N ASP B 599 49.54 -43.82 -9.30
CA ASP B 599 50.41 -42.98 -10.11
C ASP B 599 49.58 -42.48 -11.29
N ILE B 600 49.32 -41.18 -11.36
CA ILE B 600 48.65 -40.62 -12.54
C ILE B 600 49.40 -39.40 -13.06
N PRO B 601 49.58 -39.31 -14.37
CA PRO B 601 49.93 -38.02 -14.97
C PRO B 601 48.74 -37.07 -14.84
N ILE B 602 49.00 -35.88 -14.30
CA ILE B 602 47.93 -34.92 -14.06
C ILE B 602 48.51 -33.53 -14.20
N GLN B 603 47.75 -32.64 -14.82
CA GLN B 603 48.11 -31.24 -14.94
C GLN B 603 47.06 -30.41 -14.19
N GLN B 604 47.51 -29.31 -13.61
CA GLN B 604 46.63 -28.36 -12.93
C GLN B 604 46.93 -26.98 -13.45
N ASN B 605 45.88 -26.27 -13.86
CA ASN B 605 46.05 -24.93 -14.39
C ASN B 605 44.89 -24.06 -13.97
N TYR B 606 45.06 -22.75 -14.19
CA TYR B 606 44.01 -21.77 -14.00
C TYR B 606 43.53 -21.24 -15.34
N LEU B 607 42.22 -21.08 -15.46
CA LEU B 607 41.57 -20.50 -16.62
C LEU B 607 40.49 -19.53 -16.13
N TRP B 608 39.86 -18.84 -17.05
CA TRP B 608 38.59 -18.23 -16.68
C TRP B 608 37.67 -18.27 -17.89
N TYR B 609 36.38 -18.40 -17.60
CA TYR B 609 35.38 -18.13 -18.61
C TYR B 609 35.11 -16.64 -18.68
N GLU B 610 34.82 -16.16 -19.89
CA GLU B 610 34.31 -14.81 -20.07
C GLU B 610 32.81 -14.81 -19.81
N SER B 611 32.33 -13.86 -19.02
CA SER B 611 30.91 -13.78 -18.73
C SER B 611 30.16 -13.27 -19.94
N SER B 612 29.14 -14.01 -20.36
CA SER B 612 28.27 -13.50 -21.41
C SER B 612 27.54 -12.25 -20.93
N GLU B 613 27.35 -11.31 -21.84
CA GLU B 613 26.49 -10.17 -21.59
C GLU B 613 25.21 -10.25 -22.40
N GLY B 614 24.93 -11.40 -22.99
CA GLY B 614 23.77 -11.57 -23.83
C GLY B 614 24.08 -11.26 -25.29
N ASP B 615 23.05 -11.41 -26.12
CA ASP B 615 23.16 -11.06 -27.53
C ASP B 615 21.74 -10.90 -28.10
N PHE B 616 21.71 -10.55 -29.40
CA PHE B 616 20.52 -10.47 -30.24
C PHE B 616 19.43 -11.47 -29.85
N SER B 617 19.79 -12.77 -29.86
CA SER B 617 18.80 -13.81 -29.68
C SER B 617 18.41 -14.04 -28.22
N ASP B 618 19.31 -13.76 -27.28
CA ASP B 618 19.00 -13.95 -25.85
C ASP B 618 19.85 -12.96 -25.05
N TYR B 619 19.20 -12.01 -24.40
CA TYR B 619 19.93 -10.98 -23.67
C TYR B 619 20.42 -11.45 -22.29
N GLN B 620 20.26 -12.72 -21.95
CA GLN B 620 20.65 -13.21 -20.63
C GLN B 620 22.14 -12.97 -20.38
N ALA B 621 22.45 -12.27 -19.30
CA ALA B 621 23.83 -12.07 -18.87
C ALA B 621 24.19 -13.00 -17.69
N SER B 622 25.48 -13.22 -17.52
CA SER B 622 26.01 -13.90 -16.36
C SER B 622 26.01 -12.96 -15.16
N GLY B 623 25.62 -13.47 -14.00
CA GLY B 623 25.50 -12.63 -12.83
C GLY B 623 25.64 -13.43 -11.56
N ALA B 624 25.14 -12.83 -10.45
CA ALA B 624 25.28 -13.46 -9.13
C ALA B 624 24.57 -14.82 -9.08
N TYR B 625 23.43 -14.95 -9.73
CA TYR B 625 22.75 -16.24 -9.74
C TYR B 625 23.23 -17.13 -10.89
N ILE B 626 23.24 -16.60 -12.11
CA ILE B 626 23.32 -17.39 -13.33
C ILE B 626 24.75 -17.39 -13.87
N PHE B 627 25.25 -18.56 -14.23
CA PHE B 627 26.54 -18.70 -14.91
C PHE B 627 26.26 -18.92 -16.39
N ARG B 628 26.51 -17.91 -17.21
CA ARG B 628 26.37 -18.04 -18.65
C ARG B 628 27.68 -17.66 -19.31
N PRO B 629 28.55 -18.62 -19.65
CA PRO B 629 29.81 -18.27 -20.30
C PRO B 629 29.59 -17.95 -21.77
N ASN B 630 30.60 -17.30 -22.36
CA ASN B 630 30.51 -16.84 -23.74
C ASN B 630 30.34 -17.98 -24.73
N GLY B 631 30.79 -19.19 -24.39
CA GLY B 631 30.78 -20.31 -25.31
C GLY B 631 32.06 -20.49 -26.10
N GLN B 632 32.84 -19.41 -26.26
CA GLN B 632 34.20 -19.52 -26.74
C GLN B 632 35.09 -20.13 -25.64
N PRO B 633 36.17 -20.83 -26.01
CA PRO B 633 36.95 -21.60 -25.01
C PRO B 633 37.46 -20.72 -23.89
N PRO B 634 37.49 -21.22 -22.66
CA PRO B 634 37.97 -20.43 -21.52
C PRO B 634 39.42 -20.02 -21.71
N PRO B 635 39.72 -18.71 -21.64
CA PRO B 635 41.12 -18.26 -21.71
C PRO B 635 42.02 -18.97 -20.71
N HIS B 636 43.14 -19.47 -21.22
CA HIS B 636 44.10 -20.25 -20.43
C HIS B 636 45.25 -19.38 -19.94
N ARG B 640 51.54 -19.06 -19.00
CA ARG B 640 52.79 -18.38 -18.71
C ARG B 640 53.10 -18.43 -17.22
N SER B 641 52.76 -19.53 -16.57
CA SER B 641 53.07 -19.64 -15.16
C SER B 641 54.56 -19.92 -14.96
N SER B 642 55.02 -19.71 -13.74
CA SER B 642 56.39 -20.01 -13.35
C SER B 642 56.39 -20.35 -11.86
N VAL B 643 57.33 -21.20 -11.48
CA VAL B 643 57.57 -21.43 -10.05
C VAL B 643 58.47 -20.31 -9.55
N THR B 644 58.04 -19.63 -8.50
CA THR B 644 58.85 -18.59 -7.87
C THR B 644 59.52 -19.08 -6.60
N ARG B 645 59.31 -20.34 -6.24
CA ARG B 645 59.96 -20.90 -5.07
C ARG B 645 59.67 -22.39 -5.00
N VAL B 646 60.71 -23.17 -4.72
CA VAL B 646 60.57 -24.53 -4.23
C VAL B 646 61.22 -24.57 -2.86
N THR B 647 60.53 -25.19 -1.91
CA THR B 647 61.01 -25.29 -0.54
C THR B 647 60.89 -26.73 -0.10
N ARG B 648 61.93 -27.20 0.60
CA ARG B 648 61.93 -28.55 1.13
C ARG B 648 62.34 -28.49 2.59
N GLY B 649 61.69 -29.31 3.40
CA GLY B 649 61.98 -29.38 4.80
C GLY B 649 61.28 -30.56 5.42
N PRO B 650 61.57 -30.82 6.70
CA PRO B 650 60.98 -32.00 7.36
C PRO B 650 59.49 -31.86 7.59
N LEU B 651 58.96 -30.64 7.64
CA LEU B 651 57.55 -30.43 7.95
C LEU B 651 56.70 -30.06 6.74
N VAL B 652 57.27 -29.41 5.74
CA VAL B 652 56.52 -29.11 4.53
C VAL B 652 57.50 -29.00 3.35
N ASP B 653 57.04 -29.45 2.19
CA ASP B 653 57.61 -29.11 0.91
C ASP B 653 56.60 -28.23 0.17
N GLU B 654 57.05 -27.10 -0.37
CA GLU B 654 56.16 -26.13 -0.98
C GLU B 654 56.67 -25.75 -2.37
N VAL B 655 55.72 -25.50 -3.26
CA VAL B 655 55.99 -24.96 -4.58
C VAL B 655 55.13 -23.72 -4.74
N HIS B 656 55.75 -22.53 -4.67
CA HIS B 656 55.05 -21.29 -4.96
C HIS B 656 54.94 -21.10 -6.47
N GLN B 657 53.72 -20.91 -6.96
CA GLN B 657 53.45 -20.74 -8.39
C GLN B 657 52.79 -19.40 -8.63
N LYS B 658 53.32 -18.65 -9.58
CA LYS B 658 52.70 -17.41 -10.05
C LYS B 658 52.14 -17.64 -11.44
N PHE B 659 50.83 -17.50 -11.60
CA PHE B 659 50.18 -17.70 -12.88
C PHE B 659 49.97 -16.40 -13.63
N ASN B 660 49.56 -15.33 -12.94
CA ASN B 660 49.63 -13.98 -13.45
C ASN B 660 49.64 -13.04 -12.25
N SER B 661 49.51 -11.74 -12.50
CA SER B 661 49.62 -10.78 -11.41
C SER B 661 48.47 -10.88 -10.42
N TRP B 662 47.35 -11.53 -10.78
CA TRP B 662 46.21 -11.67 -9.88
C TRP B 662 45.81 -13.13 -9.63
N ILE B 663 46.66 -14.09 -9.97
CA ILE B 663 46.39 -15.50 -9.70
C ILE B 663 47.70 -16.12 -9.25
N SER B 664 47.77 -16.53 -7.98
CA SER B 664 48.97 -17.18 -7.46
C SER B 664 48.53 -18.33 -6.58
N GLN B 665 49.45 -19.28 -6.39
CA GLN B 665 49.13 -20.51 -5.68
C GLN B 665 50.37 -21.04 -5.00
N VAL B 666 50.17 -21.67 -3.85
CA VAL B 666 51.21 -22.45 -3.17
C VAL B 666 50.70 -23.87 -3.03
N THR B 667 51.42 -24.83 -3.60
CA THR B 667 51.13 -26.25 -3.47
C THR B 667 52.00 -26.80 -2.34
N ARG B 668 51.37 -27.35 -1.31
CA ARG B 668 52.07 -27.76 -0.10
CA ARG B 668 52.06 -27.76 -0.09
C ARG B 668 51.81 -29.23 0.20
N LEU B 669 52.89 -29.98 0.41
CA LEU B 669 52.84 -31.37 0.89
C LEU B 669 53.39 -31.34 2.31
N TYR B 670 52.50 -31.47 3.28
CA TYR B 670 52.88 -31.44 4.69
C TYR B 670 53.17 -32.84 5.20
N LYS B 671 53.99 -32.89 6.24
CA LYS B 671 54.37 -34.15 6.87
C LYS B 671 53.13 -34.87 7.41
N ASP B 672 53.06 -36.18 7.12
CA ASP B 672 52.00 -37.08 7.58
C ASP B 672 50.63 -36.73 6.99
N LYS B 673 50.60 -35.95 5.91
CA LYS B 673 49.37 -35.61 5.21
C LYS B 673 49.27 -36.45 3.95
N ASP B 674 48.16 -37.18 3.80
CA ASP B 674 47.88 -37.99 2.62
C ASP B 674 47.20 -37.19 1.51
N HIS B 675 47.69 -35.98 1.24
CA HIS B 675 47.10 -35.13 0.22
C HIS B 675 47.96 -33.89 0.08
N ALA B 676 47.78 -33.19 -1.02
CA ALA B 676 48.38 -31.88 -1.22
C ALA B 676 47.36 -30.79 -0.88
N GLU B 677 47.85 -29.73 -0.24
CA GLU B 677 47.05 -28.54 0.10
C GLU B 677 47.41 -27.44 -0.92
N ILE B 678 46.44 -27.05 -1.73
CA ILE B 678 46.66 -26.08 -2.79
C ILE B 678 45.99 -24.76 -2.37
N GLU B 679 46.80 -23.80 -1.92
CA GLU B 679 46.33 -22.48 -1.51
C GLU B 679 46.24 -21.54 -2.70
N PHE B 680 45.04 -21.12 -3.05
CA PHE B 680 44.85 -20.14 -4.12
C PHE B 680 44.79 -18.72 -3.56
N THR B 681 45.22 -17.76 -4.38
CA THR B 681 45.03 -16.34 -4.12
C THR B 681 44.64 -15.73 -5.46
N ILE B 682 43.38 -15.29 -5.57
CA ILE B 682 42.82 -14.84 -6.83
C ILE B 682 42.25 -13.43 -6.64
N GLY B 683 42.74 -12.49 -7.44
CA GLY B 683 42.26 -11.13 -7.39
C GLY B 683 43.37 -10.11 -7.28
N PRO B 684 43.06 -8.85 -7.59
CA PRO B 684 41.74 -8.39 -8.05
C PRO B 684 41.45 -8.87 -9.45
N ILE B 685 40.24 -9.35 -9.74
CA ILE B 685 39.93 -9.77 -11.10
C ILE B 685 39.77 -8.52 -11.95
N PRO B 686 40.63 -8.30 -12.94
CA PRO B 686 40.55 -7.07 -13.73
C PRO B 686 39.34 -7.10 -14.66
N THR B 687 38.57 -6.02 -14.67
CA THR B 687 37.41 -5.90 -15.53
C THR B 687 37.34 -4.56 -16.26
N ASP B 688 38.39 -3.74 -16.17
CA ASP B 688 38.41 -2.49 -16.94
C ASP B 688 38.33 -2.74 -18.44
N ASP B 689 38.73 -3.93 -18.90
CA ASP B 689 38.58 -4.35 -20.29
C ASP B 689 37.14 -4.63 -20.68
N GLY B 690 36.19 -4.46 -19.76
CA GLY B 690 34.79 -4.65 -20.07
C GLY B 690 34.35 -6.09 -20.24
N VAL B 691 35.11 -7.05 -19.71
CA VAL B 691 34.81 -8.47 -19.85
C VAL B 691 34.75 -9.08 -18.45
N GLY B 692 33.58 -9.62 -18.09
CA GLY B 692 33.49 -10.37 -16.85
C GLY B 692 34.32 -11.64 -16.94
N LYS B 693 34.83 -12.07 -15.80
CA LYS B 693 35.70 -13.23 -15.74
C LYS B 693 35.33 -14.09 -14.55
N GLU B 694 35.24 -15.40 -14.78
CA GLU B 694 34.86 -16.35 -13.75
C GLU B 694 35.94 -17.43 -13.73
N VAL B 695 36.70 -17.49 -12.64
CA VAL B 695 38.02 -18.10 -12.59
C VAL B 695 37.91 -19.53 -12.09
N ILE B 696 38.54 -20.46 -12.78
CA ILE B 696 38.51 -21.86 -12.38
C ILE B 696 39.92 -22.38 -12.21
N THR B 697 40.07 -23.39 -11.36
CA THR B 697 41.19 -24.30 -11.41
C THR B 697 40.73 -25.59 -12.09
N ARG B 698 41.52 -26.09 -13.02
CA ARG B 698 41.19 -27.30 -13.75
C ARG B 698 42.30 -28.33 -13.59
N MET B 699 41.93 -29.54 -13.13
CA MET B 699 42.87 -30.64 -12.94
C MET B 699 42.55 -31.70 -14.01
N THR B 700 43.50 -31.92 -14.91
CA THR B 700 43.32 -32.72 -16.11
C THR B 700 44.19 -33.97 -16.03
N SER B 701 43.57 -35.13 -16.23
CA SER B 701 44.24 -36.41 -16.25
C SER B 701 43.73 -37.21 -17.44
N THR B 702 44.30 -38.38 -17.64
CA THR B 702 43.84 -39.29 -18.70
C THR B 702 42.92 -40.37 -18.16
N MET B 703 42.46 -40.24 -16.91
CA MET B 703 41.51 -41.17 -16.30
C MET B 703 40.30 -41.38 -17.21
N ALA B 704 39.89 -42.64 -17.36
CA ALA B 704 38.71 -42.96 -18.17
C ALA B 704 37.48 -42.85 -17.28
N THR B 705 37.05 -41.60 -17.05
CA THR B 705 35.97 -41.37 -16.09
C THR B 705 34.58 -41.58 -16.68
N ASN B 706 34.47 -41.67 -18.01
CA ASN B 706 33.23 -42.06 -18.70
C ASN B 706 32.06 -41.15 -18.31
N LYS B 707 32.27 -39.85 -18.44
CA LYS B 707 31.28 -38.81 -18.24
C LYS B 707 30.77 -38.71 -16.80
N GLU B 708 31.24 -39.55 -15.89
CA GLU B 708 30.73 -39.60 -14.53
C GLU B 708 31.59 -38.76 -13.58
N PHE B 709 30.94 -38.14 -12.61
CA PHE B 709 31.66 -37.52 -11.51
C PHE B 709 30.74 -37.45 -10.30
N TYR B 710 31.34 -37.32 -9.11
CA TYR B 710 30.62 -37.44 -7.86
C TYR B 710 30.71 -36.13 -7.08
N THR B 711 29.57 -35.64 -6.59
CA THR B 711 29.53 -34.41 -5.81
C THR B 711 28.61 -34.63 -4.61
N ASP B 712 28.86 -33.89 -3.53
CA ASP B 712 28.16 -34.13 -2.27
C ASP B 712 26.84 -33.34 -2.18
N SER B 713 25.98 -33.81 -1.29
CA SER B 713 24.72 -33.13 -0.95
C SER B 713 24.89 -32.47 0.41
N ASN B 714 25.01 -31.14 0.44
CA ASN B 714 25.13 -30.38 1.68
C ASN B 714 26.22 -30.93 2.59
N GLY B 715 27.25 -31.54 1.99
CA GLY B 715 28.34 -32.14 2.72
C GLY B 715 28.16 -33.58 3.14
N ARG B 716 27.12 -34.29 2.67
CA ARG B 716 26.85 -35.64 3.13
C ARG B 716 26.95 -36.62 1.96
N ASP B 717 25.81 -37.10 1.44
CA ASP B 717 25.80 -38.13 0.40
C ASP B 717 26.50 -37.64 -0.85
N PHE B 718 27.20 -38.54 -1.53
CA PHE B 718 27.72 -38.24 -2.85
C PHE B 718 26.71 -38.69 -3.90
N LEU B 719 26.46 -37.82 -4.86
CA LEU B 719 25.54 -38.13 -5.95
C LEU B 719 26.35 -38.30 -7.23
N LYS B 720 26.04 -39.35 -7.98
CA LYS B 720 26.73 -39.61 -9.25
C LYS B 720 26.16 -38.67 -10.31
N ARG B 721 26.98 -37.74 -10.77
CA ARG B 721 26.59 -36.84 -11.85
C ARG B 721 27.10 -37.38 -13.19
N VAL B 722 26.30 -37.20 -14.24
CA VAL B 722 26.65 -37.65 -15.58
C VAL B 722 26.59 -36.45 -16.52
N ARG B 723 27.70 -36.17 -17.20
CA ARG B 723 27.78 -35.00 -18.08
C ARG B 723 26.66 -35.00 -19.12
N ASP B 724 25.96 -33.87 -19.21
CA ASP B 724 24.93 -33.64 -20.22
C ASP B 724 23.83 -34.69 -20.15
N TYR B 725 23.49 -35.12 -18.93
CA TYR B 725 22.47 -36.14 -18.75
C TYR B 725 21.57 -35.81 -17.56
N ARG B 726 20.28 -36.11 -17.70
CA ARG B 726 19.30 -35.97 -16.62
C ARG B 726 18.51 -37.27 -16.51
N GLU B 727 18.34 -37.74 -15.27
CA GLU B 727 17.56 -38.96 -15.05
C GLU B 727 16.08 -38.75 -15.36
N ASP B 728 15.49 -37.62 -14.96
CA ASP B 728 14.04 -37.45 -14.97
C ASP B 728 13.47 -36.90 -16.28
N TRP B 729 14.30 -36.47 -17.21
CA TRP B 729 13.78 -35.96 -18.46
C TRP B 729 14.88 -36.04 -19.51
N PRO B 730 14.52 -36.08 -20.79
CA PRO B 730 15.55 -36.09 -21.84
C PRO B 730 16.12 -34.70 -22.06
N LEU B 731 17.35 -34.49 -21.57
CA LEU B 731 17.93 -33.15 -21.55
C LEU B 731 18.17 -32.63 -22.97
N GLU B 732 17.70 -31.42 -23.23
CA GLU B 732 18.11 -30.66 -24.42
C GLU B 732 19.31 -29.81 -24.04
N VAL B 733 20.48 -30.11 -24.61
CA VAL B 733 21.69 -29.40 -24.23
C VAL B 733 21.64 -27.99 -24.76
N THR B 734 21.78 -27.01 -23.87
CA THR B 734 21.90 -25.62 -24.28
C THR B 734 23.15 -24.96 -23.73
N GLN B 735 23.68 -25.45 -22.59
CA GLN B 735 24.85 -24.90 -21.94
C GLN B 735 25.73 -26.06 -21.54
N PRO B 736 26.66 -26.47 -22.42
CA PRO B 736 27.46 -27.67 -22.13
C PRO B 736 28.40 -27.51 -20.95
N VAL B 737 28.68 -26.28 -20.50
CA VAL B 737 29.47 -26.07 -19.29
C VAL B 737 28.55 -25.79 -18.11
N ALA B 738 27.76 -24.70 -18.20
CA ALA B 738 27.00 -24.24 -17.03
C ALA B 738 25.99 -25.28 -16.57
N GLY B 739 25.48 -26.08 -17.50
CA GLY B 739 24.56 -27.15 -17.19
C GLY B 739 25.19 -28.34 -16.51
N ASN B 740 26.51 -28.36 -16.36
CA ASN B 740 27.18 -29.46 -15.69
C ASN B 740 27.85 -29.04 -14.39
N TYR B 741 27.56 -27.83 -13.90
CA TYR B 741 28.08 -27.38 -12.61
C TYR B 741 27.16 -27.83 -11.49
N TYR B 742 27.76 -28.24 -10.38
CA TYR B 742 27.04 -28.75 -9.23
C TYR B 742 27.60 -28.13 -7.96
N PRO B 743 26.78 -27.93 -6.92
CA PRO B 743 27.28 -27.25 -5.71
C PRO B 743 28.02 -28.24 -4.83
N LEU B 744 29.20 -27.85 -4.36
CA LEU B 744 30.01 -28.65 -3.46
C LEU B 744 30.07 -27.98 -2.10
N ASN B 745 29.92 -28.79 -1.05
CA ASN B 745 30.24 -28.37 0.29
C ASN B 745 31.21 -29.31 0.99
N LEU B 746 31.53 -30.44 0.38
CA LEU B 746 32.58 -31.34 0.85
C LEU B 746 33.62 -31.54 -0.24
N GLY B 747 33.20 -31.98 -1.43
CA GLY B 747 34.15 -32.12 -2.51
C GLY B 747 33.54 -32.79 -3.74
N ILE B 748 34.43 -33.09 -4.68
CA ILE B 748 34.10 -33.69 -5.97
C ILE B 748 35.17 -34.75 -6.25
N TYR B 749 34.76 -35.90 -6.79
CA TYR B 749 35.75 -36.92 -7.09
C TYR B 749 35.36 -37.66 -8.37
N THR B 750 36.35 -38.30 -8.98
CA THR B 750 36.20 -39.13 -10.16
C THR B 750 36.93 -40.46 -9.94
N LYS B 751 36.75 -41.38 -10.88
CA LYS B 751 37.42 -42.67 -10.77
C LYS B 751 37.38 -43.40 -12.10
N ASP B 752 38.29 -44.37 -12.23
CA ASP B 752 38.27 -45.35 -13.31
C ASP B 752 38.64 -46.70 -12.68
N GLU B 753 39.09 -47.63 -13.52
CA GLU B 753 39.39 -48.97 -13.01
C GLU B 753 40.56 -48.98 -12.05
N LYS B 754 41.48 -48.02 -12.17
CA LYS B 754 42.71 -48.08 -11.41
C LYS B 754 42.87 -47.00 -10.34
N SER B 755 42.19 -45.86 -10.47
CA SER B 755 42.50 -44.71 -9.63
C SER B 755 41.22 -44.02 -9.17
N GLU B 756 41.33 -43.34 -8.04
CA GLU B 756 40.30 -42.44 -7.52
C GLU B 756 40.96 -41.09 -7.26
N PHE B 757 40.47 -40.04 -7.92
CA PHE B 757 40.99 -38.68 -7.78
C PHE B 757 39.96 -37.83 -7.05
N SER B 758 40.33 -37.30 -5.88
CA SER B 758 39.41 -36.64 -4.96
C SER B 758 39.85 -35.20 -4.71
N VAL B 759 38.89 -34.28 -4.61
CA VAL B 759 39.15 -32.86 -4.33
C VAL B 759 38.19 -32.40 -3.24
N LEU B 760 38.73 -31.87 -2.15
CA LEU B 760 37.91 -31.31 -1.08
C LEU B 760 38.02 -29.79 -1.08
N VAL B 761 36.92 -29.13 -0.68
CA VAL B 761 36.87 -27.66 -0.67
C VAL B 761 36.84 -27.16 0.78
N ASP B 762 37.14 -25.87 0.95
CA ASP B 762 37.09 -25.24 2.28
C ASP B 762 35.91 -24.29 2.44
N ARG B 763 34.96 -24.34 1.51
CA ARG B 763 33.83 -23.41 1.45
C ARG B 763 32.90 -23.92 0.37
N ALA B 764 31.66 -23.44 0.39
CA ALA B 764 30.75 -23.74 -0.72
C ALA B 764 31.35 -23.26 -2.03
N THR B 765 31.32 -24.13 -3.04
CA THR B 765 32.07 -23.95 -4.28
C THR B 765 31.37 -24.71 -5.40
N GLY B 766 31.31 -24.11 -6.59
CA GLY B 766 30.82 -24.84 -7.75
C GLY B 766 31.90 -25.72 -8.37
N GLY B 767 31.49 -26.95 -8.76
CA GLY B 767 32.42 -27.89 -9.35
C GLY B 767 31.78 -28.60 -10.53
N ALA B 768 32.65 -29.11 -11.43
CA ALA B 768 32.18 -29.82 -12.63
C ALA B 768 33.30 -30.67 -13.22
N SER B 769 32.90 -31.59 -14.10
CA SER B 769 33.82 -32.34 -14.96
C SER B 769 33.33 -32.10 -16.39
N ILE B 770 34.04 -31.24 -17.13
CA ILE B 770 33.58 -30.89 -18.45
C ILE B 770 34.12 -31.82 -19.53
N LYS B 771 35.21 -32.53 -19.25
CA LYS B 771 35.67 -33.59 -20.15
C LYS B 771 36.19 -34.75 -19.31
N ASP B 772 36.24 -35.93 -19.92
CA ASP B 772 36.63 -37.12 -19.21
C ASP B 772 38.05 -36.97 -18.64
N GLY B 773 38.24 -37.45 -17.41
CA GLY B 773 39.49 -37.32 -16.70
C GLY B 773 39.79 -35.93 -16.17
N GLU B 774 38.83 -35.01 -16.24
CA GLU B 774 39.06 -33.61 -15.94
C GLU B 774 38.07 -33.15 -14.88
N VAL B 775 38.54 -32.35 -13.94
CA VAL B 775 37.74 -31.80 -12.84
C VAL B 775 38.08 -30.33 -12.70
N GLU B 776 37.06 -29.49 -12.53
CA GLU B 776 37.31 -28.07 -12.30
C GLU B 776 36.47 -27.54 -11.15
N LEU B 777 37.01 -26.53 -10.47
CA LEU B 777 36.31 -25.76 -9.45
C LEU B 777 36.29 -24.30 -9.87
N MET B 778 35.12 -23.67 -9.80
CA MET B 778 35.03 -22.23 -9.96
C MET B 778 35.32 -21.56 -8.62
N LEU B 779 36.31 -20.66 -8.59
CA LEU B 779 36.85 -20.14 -7.33
C LEU B 779 36.53 -18.68 -7.07
N HIS B 780 36.21 -17.90 -8.09
CA HIS B 780 35.99 -16.47 -7.91
C HIS B 780 35.38 -15.92 -9.18
N ARG B 781 34.48 -14.95 -9.03
CA ARG B 781 33.66 -14.46 -10.12
C ARG B 781 33.57 -12.96 -10.00
N ARG B 782 33.69 -12.24 -11.11
CA ARG B 782 33.34 -10.82 -11.12
C ARG B 782 32.68 -10.49 -12.44
N THR B 783 31.45 -10.01 -12.39
CA THR B 783 30.73 -9.69 -13.61
C THR B 783 30.53 -8.18 -13.71
N ILE B 784 30.29 -7.75 -14.94
CA ILE B 784 30.01 -6.35 -15.25
C ILE B 784 28.51 -6.09 -15.35
N ARG B 785 27.70 -7.12 -15.52
CA ARG B 785 26.28 -6.98 -15.71
C ARG B 785 25.51 -7.75 -14.64
N ASP B 786 24.27 -7.31 -14.40
CA ASP B 786 23.30 -8.02 -13.59
C ASP B 786 22.58 -9.06 -14.45
N ASP B 787 22.12 -10.14 -13.83
CA ASP B 787 21.48 -11.25 -14.57
C ASP B 787 19.96 -11.20 -14.55
N GLY B 788 19.36 -10.11 -14.09
CA GLY B 788 17.93 -9.91 -14.30
C GLY B 788 17.01 -10.81 -13.50
N ARG B 789 17.39 -11.14 -12.26
CA ARG B 789 16.55 -11.96 -11.42
C ARG B 789 16.13 -11.23 -10.15
N GLY B 790 16.44 -9.94 -10.04
CA GLY B 790 15.91 -9.09 -9.00
C GLY B 790 16.93 -8.37 -8.13
N VAL B 791 18.17 -8.84 -8.04
CA VAL B 791 19.09 -8.18 -7.11
C VAL B 791 19.63 -6.87 -7.69
N GLY B 792 19.50 -6.66 -9.00
CA GLY B 792 19.77 -5.36 -9.58
C GLY B 792 21.20 -4.89 -9.45
N GLU B 793 22.15 -5.81 -9.34
CA GLU B 793 23.56 -5.44 -9.14
C GLU B 793 24.48 -6.44 -9.82
N PRO B 794 25.43 -6.00 -10.64
CA PRO B 794 26.52 -6.88 -11.04
C PRO B 794 27.27 -7.41 -9.81
N LEU B 795 27.80 -8.61 -9.93
CA LEU B 795 28.65 -9.18 -8.87
C LEU B 795 30.02 -8.52 -9.00
N ASP B 796 30.21 -7.41 -8.29
CA ASP B 796 31.36 -6.54 -8.52
C ASP B 796 31.99 -6.18 -7.18
N GLU B 797 32.45 -7.19 -6.46
CA GLU B 797 32.91 -6.99 -5.10
C GLU B 797 34.22 -6.21 -5.08
N GLN B 798 34.24 -5.14 -4.28
CA GLN B 798 35.40 -4.26 -4.18
C GLN B 798 35.71 -4.03 -2.71
N VAL B 799 37.00 -3.83 -2.42
CA VAL B 799 37.48 -3.46 -1.11
C VAL B 799 38.07 -2.06 -1.23
N CYS B 800 37.74 -1.20 -0.27
CA CYS B 800 38.04 0.23 -0.38
C CYS B 800 38.79 0.71 0.86
N MET B 801 39.11 2.00 0.85
CA MET B 801 39.74 2.69 1.99
C MET B 801 39.09 4.04 2.26
N GLU B 804 42.92 7.89 1.82
CA GLU B 804 41.72 8.56 1.33
C GLU B 804 40.73 7.54 0.76
N TYR B 805 40.92 7.14 -0.51
CA TYR B 805 40.00 6.18 -1.14
C TYR B 805 40.73 5.41 -2.24
N THR B 806 41.07 4.16 -1.96
CA THR B 806 41.76 3.28 -2.91
C THR B 806 40.99 1.97 -3.01
N CYS B 807 40.15 1.86 -4.04
CA CYS B 807 39.30 0.68 -4.23
C CYS B 807 39.85 -0.23 -5.31
N GLU B 808 39.70 -1.53 -5.08
CA GLU B 808 40.05 -2.53 -6.07
C GLU B 808 39.15 -3.75 -5.89
N GLY B 809 39.04 -4.55 -6.95
CA GLY B 809 38.37 -5.85 -6.85
C GLY B 809 38.75 -6.69 -5.64
N LEU B 810 37.80 -7.42 -5.08
CA LEU B 810 38.09 -8.28 -3.94
C LEU B 810 39.06 -9.40 -4.31
N THR B 811 39.93 -9.76 -3.38
CA THR B 811 40.84 -10.90 -3.50
C THR B 811 40.43 -11.98 -2.50
N VAL B 812 40.31 -13.22 -2.96
CA VAL B 812 40.02 -14.35 -2.08
C VAL B 812 41.22 -15.26 -2.00
N ARG B 813 41.48 -15.78 -0.81
CA ARG B 813 42.48 -16.80 -0.56
C ARG B 813 41.81 -17.97 0.14
N GLY B 814 42.17 -19.19 -0.27
CA GLY B 814 41.68 -20.37 0.39
C GLY B 814 42.50 -21.57 -0.02
N ASN B 815 42.07 -22.74 0.44
CA ASN B 815 42.71 -24.00 0.08
C ASN B 815 41.70 -24.96 -0.56
N TYR B 816 42.16 -25.68 -1.58
CA TYR B 816 41.54 -26.97 -1.93
C TYR B 816 42.58 -28.06 -1.75
N TYR B 817 42.09 -29.29 -1.60
CA TYR B 817 42.91 -30.42 -1.16
C TYR B 817 42.68 -31.58 -2.13
N LEU B 818 43.76 -32.10 -2.71
CA LEU B 818 43.66 -33.15 -3.71
C LEU B 818 44.50 -34.36 -3.32
N SER B 819 44.01 -35.54 -3.68
CA SER B 819 44.69 -36.79 -3.34
C SER B 819 44.29 -37.86 -4.33
N ILE B 820 45.07 -38.95 -4.31
CA ILE B 820 44.87 -40.10 -5.19
C ILE B 820 44.84 -41.37 -4.34
N HIS B 821 43.97 -42.29 -4.71
CA HIS B 821 43.83 -43.55 -3.99
C HIS B 821 43.45 -44.66 -4.95
N LYS B 822 43.66 -45.89 -4.50
CA LYS B 822 43.12 -47.05 -5.19
C LYS B 822 41.60 -47.07 -5.03
N PRO B 823 40.88 -47.66 -6.00
CA PRO B 823 39.44 -47.82 -5.86
C PRO B 823 39.04 -48.41 -4.51
N ALA B 824 38.06 -47.77 -3.88
CA ALA B 824 37.44 -48.12 -2.60
C ALA B 824 38.28 -47.68 -1.41
N ALA B 825 39.38 -46.96 -1.60
CA ALA B 825 40.14 -46.42 -0.48
C ALA B 825 40.10 -44.90 -0.39
N GLY B 826 39.62 -44.21 -1.43
CA GLY B 826 39.51 -42.76 -1.35
C GLY B 826 38.43 -42.29 -0.40
N SER B 827 37.41 -43.12 -0.18
CA SER B 827 36.28 -42.75 0.66
C SER B 827 36.73 -42.30 2.04
N ARG B 828 37.59 -43.09 2.69
CA ARG B 828 37.97 -42.74 4.06
C ARG B 828 38.86 -41.51 4.12
N TRP B 829 39.56 -41.18 3.03
CA TRP B 829 40.28 -39.90 3.04
C TRP B 829 39.32 -38.72 2.89
N ARG B 830 38.28 -38.88 2.06
CA ARG B 830 37.33 -37.80 1.87
C ARG B 830 36.56 -37.52 3.16
N ARG B 831 36.07 -38.57 3.83
CA ARG B 831 35.32 -38.36 5.07
C ARG B 831 36.22 -37.84 6.20
N THR B 832 37.42 -38.42 6.37
CA THR B 832 38.26 -38.00 7.50
C THR B 832 38.78 -36.59 7.31
N THR B 833 39.38 -36.30 6.15
CA THR B 833 39.90 -34.97 5.91
C THR B 833 38.77 -33.93 5.85
N GLY B 834 37.60 -34.33 5.33
CA GLY B 834 36.49 -33.39 5.28
C GLY B 834 36.12 -32.91 6.67
N GLN B 835 36.14 -33.81 7.65
CA GLN B 835 35.85 -33.41 9.01
C GLN B 835 36.98 -32.60 9.63
N GLU B 836 38.23 -32.89 9.24
CA GLU B 836 39.34 -32.10 9.78
C GLU B 836 39.37 -30.70 9.18
N ILE B 837 38.99 -30.57 7.91
CA ILE B 837 38.85 -29.26 7.29
C ILE B 837 37.76 -28.46 8.00
N TYR B 838 36.64 -29.13 8.32
CA TYR B 838 35.52 -28.46 8.96
C TYR B 838 35.88 -27.95 10.35
N SER B 839 36.61 -28.76 11.12
CA SER B 839 36.86 -28.49 12.54
C SER B 839 38.37 -28.50 12.74
N PRO B 840 39.04 -27.41 12.41
CA PRO B 840 40.48 -27.32 12.68
C PRO B 840 40.76 -27.13 14.15
N MET B 841 42.05 -27.30 14.50
CA MET B 841 42.51 -26.94 15.83
CA MET B 841 42.51 -26.94 15.83
C MET B 841 42.21 -25.47 16.13
N LEU B 842 41.94 -25.21 17.40
CA LEU B 842 41.87 -23.84 17.92
C LEU B 842 43.15 -23.53 18.69
N LEU B 843 43.76 -22.39 18.40
CA LEU B 843 44.97 -21.94 19.08
C LEU B 843 44.64 -20.80 20.04
N ALA B 844 45.18 -20.87 21.25
CA ALA B 844 45.04 -19.81 22.24
C ALA B 844 46.43 -19.44 22.72
N PHE B 845 46.69 -18.14 22.84
CA PHE B 845 48.04 -17.65 23.07
C PHE B 845 48.13 -16.81 24.33
N THR B 846 49.19 -17.03 25.10
CA THR B 846 49.57 -16.06 26.12
C THR B 846 51.08 -16.13 26.33
N GLN B 847 51.64 -15.12 26.98
CA GLN B 847 53.05 -15.09 27.35
C GLN B 847 53.18 -15.22 28.85
N GLU B 848 53.84 -16.30 29.30
CA GLU B 848 54.12 -16.55 30.72
C GLU B 848 55.40 -17.35 30.83
N ASN B 849 56.00 -17.32 32.02
CA ASN B 849 57.13 -18.22 32.30
C ASN B 849 56.65 -19.66 32.31
N MET B 850 57.37 -20.53 31.60
CA MET B 850 56.91 -21.91 31.43
C MET B 850 56.70 -22.59 32.78
N GLU B 851 57.68 -22.47 33.68
CA GLU B 851 57.61 -23.16 34.96
C GLU B 851 56.36 -22.75 35.74
N ASN B 852 56.11 -21.45 35.83
CA ASN B 852 54.95 -20.96 36.56
C ASN B 852 53.66 -21.36 35.89
N TRP B 853 53.63 -21.38 34.56
CA TRP B 853 52.43 -21.83 33.85
C TRP B 853 52.14 -23.29 34.16
N LYS B 854 53.16 -24.15 34.06
CA LYS B 854 52.97 -25.57 34.32
C LYS B 854 52.51 -25.82 35.75
N SER B 855 52.95 -24.99 36.69
CA SER B 855 52.59 -25.20 38.09
C SER B 855 51.18 -24.73 38.40
N SER B 856 50.53 -23.98 37.51
CA SER B 856 49.15 -23.54 37.73
C SER B 856 48.16 -24.08 36.72
N HIS B 857 48.63 -24.71 35.62
CA HIS B 857 47.75 -25.17 34.55
C HIS B 857 48.10 -26.58 34.14
N SER B 858 47.07 -27.35 33.79
CA SER B 858 47.27 -28.61 33.09
C SER B 858 47.61 -28.33 31.64
N THR B 859 48.71 -28.93 31.16
CA THR B 859 49.21 -28.68 29.82
C THR B 859 48.67 -29.64 28.77
N LYS B 860 48.11 -30.77 29.19
CA LYS B 860 47.48 -31.73 28.30
C LYS B 860 46.21 -32.20 28.99
N GLY B 861 45.20 -32.58 28.22
CA GLY B 861 43.96 -32.99 28.87
C GLY B 861 42.90 -33.42 27.87
N ILE B 862 41.84 -34.00 28.44
CA ILE B 862 40.77 -34.61 27.68
C ILE B 862 39.48 -34.49 28.52
N TYR B 863 38.37 -34.17 27.85
CA TYR B 863 37.08 -34.28 28.54
C TYR B 863 36.47 -35.66 28.43
N MET B 864 36.89 -36.46 27.46
CA MET B 864 36.47 -37.84 27.40
C MET B 864 37.28 -38.69 28.38
N ASP B 865 36.87 -39.95 28.51
CA ASP B 865 37.68 -40.95 29.17
C ASP B 865 39.10 -40.89 28.61
N PRO B 866 40.13 -40.93 29.45
CA PRO B 866 41.48 -41.04 28.92
C PRO B 866 41.58 -42.30 28.08
N ASN B 867 42.23 -42.19 26.92
CA ASN B 867 42.35 -43.28 25.97
C ASN B 867 41.03 -43.74 25.36
N TYR B 868 40.06 -42.84 25.19
CA TYR B 868 38.86 -43.15 24.41
C TYR B 868 38.76 -42.21 23.22
N SER B 869 38.41 -42.78 22.07
CA SER B 869 38.15 -42.03 20.85
C SER B 869 36.78 -42.45 20.31
N LEU B 870 36.08 -41.49 19.69
CA LEU B 870 34.96 -41.88 18.85
C LEU B 870 35.48 -42.77 17.72
N PRO B 871 34.65 -43.70 17.25
CA PRO B 871 35.07 -44.51 16.12
C PRO B 871 35.37 -43.63 14.92
N PRO B 872 36.26 -44.07 14.02
CA PRO B 872 36.62 -43.24 12.87
C PRO B 872 35.45 -42.96 11.96
N SER B 873 34.34 -43.68 12.12
CA SER B 873 33.18 -43.46 11.28
C SER B 873 32.25 -42.37 11.82
N VAL B 874 32.52 -41.84 13.01
CA VAL B 874 31.56 -40.99 13.73
C VAL B 874 32.16 -39.61 13.96
N ALA B 875 31.30 -38.58 13.87
CA ALA B 875 31.66 -37.22 14.27
C ALA B 875 30.64 -36.69 15.26
N LEU B 876 31.13 -35.96 16.26
CA LEU B 876 30.30 -35.28 17.25
C LEU B 876 29.89 -33.92 16.69
N ILE B 877 28.78 -33.88 15.95
CA ILE B 877 28.42 -32.64 15.24
C ILE B 877 27.67 -31.64 16.09
N THR B 878 27.19 -32.03 17.28
CA THR B 878 26.48 -31.11 18.15
C THR B 878 26.79 -31.48 19.58
N LEU B 879 27.25 -30.52 20.38
CA LEU B 879 27.31 -30.67 21.83
C LEU B 879 27.05 -29.29 22.41
N GLU B 880 25.92 -29.11 23.11
CA GLU B 880 25.48 -27.75 23.41
C GLU B 880 24.61 -27.70 24.64
N GLU B 881 24.93 -26.77 25.54
CA GLU B 881 24.09 -26.50 26.69
C GLU B 881 22.85 -25.70 26.27
N LEU B 882 21.67 -26.22 26.61
CA LEU B 882 20.41 -25.50 26.44
C LEU B 882 19.99 -24.89 27.78
N ASP B 883 18.73 -24.50 27.91
CA ASP B 883 18.23 -24.00 29.19
C ASP B 883 18.17 -25.13 30.20
N ASP B 884 18.20 -24.75 31.48
CA ASP B 884 18.29 -25.69 32.61
C ASP B 884 19.60 -26.48 32.45
N GLY B 885 19.61 -27.72 32.90
CA GLY B 885 20.78 -28.55 32.70
C GLY B 885 20.64 -29.44 31.48
N LEU B 886 19.79 -29.03 30.54
CA LEU B 886 19.58 -29.81 29.33
C LEU B 886 20.75 -29.65 28.38
N VAL B 887 21.31 -30.77 27.93
CA VAL B 887 22.41 -30.79 26.97
C VAL B 887 21.95 -31.47 25.70
N LEU B 888 22.16 -30.82 24.57
CA LEU B 888 21.82 -31.39 23.27
C LEU B 888 23.05 -32.04 22.67
N LEU B 889 22.89 -33.28 22.18
CA LEU B 889 24.00 -34.05 21.61
C LEU B 889 23.60 -34.67 20.27
N ARG B 890 24.51 -34.62 19.29
CA ARG B 890 24.26 -35.28 18.01
C ARG B 890 25.53 -35.98 17.54
N LEU B 891 25.37 -37.23 17.13
CA LEU B 891 26.47 -38.02 16.59
C LEU B 891 26.05 -38.46 15.19
N ALA B 892 26.96 -38.31 14.23
CA ALA B 892 26.70 -38.66 12.85
C ALA B 892 27.65 -39.74 12.38
N HIS B 893 27.10 -40.74 11.68
CA HIS B 893 27.89 -41.69 10.91
C HIS B 893 28.21 -41.04 9.58
N LEU B 894 29.49 -40.93 9.25
CA LEU B 894 29.96 -40.14 8.12
C LEU B 894 29.93 -40.89 6.79
N TYR B 895 29.77 -42.22 6.80
CA TYR B 895 29.93 -43.04 5.59
C TYR B 895 28.61 -43.56 5.07
N GLU B 896 28.52 -43.68 3.75
CA GLU B 896 27.44 -44.40 3.09
C GLU B 896 27.77 -45.89 3.03
N PRO B 897 26.75 -46.74 2.84
CA PRO B 897 26.92 -48.19 3.02
C PRO B 897 28.05 -48.86 2.26
N SER B 898 28.37 -48.46 1.03
CA SER B 898 29.38 -49.17 0.26
C SER B 898 30.70 -48.41 0.14
N GLU B 899 30.90 -47.37 0.95
CA GLU B 899 32.08 -46.52 0.77
C GLU B 899 33.35 -47.20 1.28
N ASP B 900 33.37 -47.59 2.55
CA ASP B 900 34.59 -48.12 3.17
C ASP B 900 34.30 -49.48 3.77
N ALA B 901 35.06 -50.49 3.34
CA ALA B 901 34.84 -51.86 3.78
C ALA B 901 34.78 -51.95 5.30
N GLU B 902 35.69 -51.27 5.99
CA GLU B 902 35.73 -51.30 7.45
C GLU B 902 34.76 -50.31 8.11
N TYR B 903 34.70 -49.05 7.64
CA TYR B 903 33.96 -48.04 8.38
C TYR B 903 32.48 -47.93 8.01
N SER B 904 32.07 -48.45 6.86
CA SER B 904 30.66 -48.40 6.44
C SER B 904 29.86 -49.52 7.10
N THR B 905 29.96 -49.57 8.42
CA THR B 905 29.36 -50.65 9.18
C THR B 905 28.76 -50.08 10.46
N LEU B 906 27.89 -50.86 11.08
CA LEU B 906 27.35 -50.51 12.38
C LEU B 906 28.47 -50.29 13.38
N THR B 907 28.37 -49.21 14.15
CA THR B 907 29.35 -48.90 15.18
C THR B 907 28.60 -48.45 16.42
N LYS B 908 29.36 -48.13 17.47
CA LYS B 908 28.76 -47.73 18.74
C LYS B 908 29.59 -46.63 19.38
N VAL B 909 28.90 -45.79 20.16
CA VAL B 909 29.55 -44.75 20.97
C VAL B 909 29.15 -44.99 22.41
N GLU B 910 30.14 -44.97 23.31
CA GLU B 910 29.89 -45.13 24.74
C GLU B 910 29.73 -43.74 25.35
N LEU B 911 28.48 -43.30 25.54
CA LEU B 911 28.25 -41.95 26.05
C LEU B 911 28.89 -41.74 27.42
N LYS B 912 28.95 -42.79 28.24
CA LYS B 912 29.61 -42.66 29.54
C LYS B 912 31.08 -42.28 29.37
N LYS B 913 31.74 -42.85 28.37
CA LYS B 913 33.13 -42.52 28.12
C LYS B 913 33.27 -41.20 27.39
N LEU B 914 32.26 -40.81 26.62
CA LEU B 914 32.22 -39.44 26.10
C LEU B 914 32.25 -38.42 27.21
N PHE B 915 31.48 -38.65 28.27
CA PHE B 915 31.32 -37.71 29.38
C PHE B 915 32.00 -38.28 30.63
N ALA B 916 33.33 -38.28 30.64
CA ALA B 916 34.08 -38.94 31.71
C ALA B 916 33.94 -38.20 33.04
N THR B 917 34.08 -36.88 33.02
CA THR B 917 34.09 -36.08 34.24
C THR B 917 32.69 -35.82 34.82
N GLN B 918 31.62 -36.33 34.19
CA GLN B 918 30.26 -36.14 34.67
C GLN B 918 29.53 -37.48 34.63
N LYS B 919 28.33 -37.49 35.22
CA LYS B 919 27.50 -38.68 35.27
C LYS B 919 26.16 -38.38 34.62
N ILE B 920 25.84 -39.12 33.56
CA ILE B 920 24.56 -38.95 32.89
C ILE B 920 23.44 -39.45 33.80
N GLU B 921 22.48 -38.57 34.09
CA GLU B 921 21.33 -38.91 34.92
C GLU B 921 20.11 -39.29 34.10
N GLU B 922 19.89 -38.64 32.96
CA GLU B 922 18.80 -38.97 32.07
C GLU B 922 19.27 -38.84 30.63
N LEU B 923 18.75 -39.71 29.76
CA LEU B 923 19.02 -39.68 28.34
C LEU B 923 17.71 -39.85 27.59
N ARG B 924 17.47 -39.00 26.60
CA ARG B 924 16.20 -38.99 25.87
C ARG B 924 16.50 -38.80 24.40
N GLU B 925 16.14 -39.78 23.57
CA GLU B 925 16.37 -39.62 22.14
C GLU B 925 15.24 -38.82 21.51
N VAL B 926 15.59 -37.86 20.66
CA VAL B 926 14.62 -36.93 20.09
C VAL B 926 14.80 -36.86 18.58
N SER B 927 13.88 -36.15 17.91
CA SER B 927 13.96 -35.92 16.48
C SER B 927 15.20 -35.08 16.15
N LEU B 928 15.50 -34.97 14.85
CA LEU B 928 16.72 -34.26 14.42
C LEU B 928 16.74 -32.81 14.89
N SER B 929 15.60 -32.14 14.90
CA SER B 929 15.56 -30.77 15.40
C SER B 929 15.14 -30.68 16.85
N ALA B 930 15.01 -31.82 17.54
CA ALA B 930 14.83 -31.87 19.00
C ALA B 930 13.52 -31.24 19.44
N ASN B 931 12.47 -31.36 18.62
CA ASN B 931 11.15 -30.88 19.03
C ASN B 931 10.15 -32.00 19.23
N GLN B 932 10.57 -33.26 19.08
CA GLN B 932 9.73 -34.45 19.18
C GLN B 932 10.49 -35.56 19.89
N GLU B 933 9.79 -36.34 20.72
CA GLU B 933 10.32 -37.63 21.14
C GLU B 933 10.49 -38.53 19.93
N LYS B 934 11.66 -39.18 19.82
CA LYS B 934 11.94 -39.96 18.61
C LYS B 934 10.97 -41.12 18.44
N SER B 935 10.58 -41.75 19.55
CA SER B 935 9.74 -42.94 19.47
C SER B 935 8.30 -42.62 19.09
N GLU B 936 7.88 -41.36 19.17
CA GLU B 936 6.51 -40.97 18.89
C GLU B 936 6.33 -40.43 17.48
N MET B 937 7.38 -40.39 16.68
CA MET B 937 7.25 -39.92 15.30
C MET B 937 6.50 -40.94 14.47
N LYS B 938 5.48 -40.49 13.75
CA LYS B 938 4.73 -41.34 12.84
C LYS B 938 4.90 -40.84 11.42
N LYS B 939 4.79 -41.76 10.46
CA LYS B 939 4.99 -41.47 9.04
C LYS B 939 3.72 -41.78 8.25
N MET B 940 3.49 -40.98 7.22
CA MET B 940 2.41 -41.26 6.29
C MET B 940 2.77 -42.45 5.40
N LYS B 941 1.75 -43.19 4.99
CA LYS B 941 1.92 -44.25 4.01
C LYS B 941 1.54 -43.75 2.64
N TRP B 942 2.36 -44.07 1.64
CA TRP B 942 2.14 -43.66 0.26
C TRP B 942 2.26 -44.86 -0.65
N SER B 943 1.42 -44.89 -1.67
CA SER B 943 1.56 -45.88 -2.74
C SER B 943 2.39 -45.25 -3.84
N VAL B 944 3.55 -45.83 -4.13
CA VAL B 944 4.53 -45.21 -5.00
C VAL B 944 4.76 -46.11 -6.21
N GLU B 945 4.73 -45.50 -7.41
CA GLU B 945 4.99 -46.21 -8.66
C GLU B 945 6.33 -46.94 -8.61
N GLY B 946 6.30 -48.21 -9.02
CA GLY B 946 7.47 -49.06 -9.04
C GLY B 946 7.68 -49.91 -7.82
N ASP B 947 6.96 -49.66 -6.72
CA ASP B 947 7.23 -50.36 -5.47
C ASP B 947 6.81 -51.83 -5.49
N ASP B 964 23.51 -48.47 30.43
CA ASP B 964 24.80 -48.52 29.72
C ASP B 964 25.06 -47.23 28.90
N PHE B 965 24.02 -46.66 28.29
CA PHE B 965 24.12 -45.43 27.49
C PHE B 965 25.08 -45.60 26.31
N VAL B 966 24.93 -46.72 25.59
CA VAL B 966 25.67 -46.96 24.36
C VAL B 966 24.74 -46.69 23.18
N VAL B 967 25.22 -45.94 22.19
CA VAL B 967 24.45 -45.54 21.04
C VAL B 967 25.03 -46.24 19.80
N GLU B 968 24.20 -47.03 19.13
CA GLU B 968 24.58 -47.64 17.86
C GLU B 968 24.27 -46.68 16.72
N LEU B 969 25.11 -46.68 15.70
CA LEU B 969 24.89 -45.91 14.49
C LEU B 969 25.23 -46.75 13.28
N GLY B 970 24.33 -46.81 12.33
CA GLY B 970 24.63 -47.38 11.04
C GLY B 970 24.96 -46.27 10.06
N PRO B 971 25.47 -46.65 8.88
CA PRO B 971 25.83 -45.66 7.85
C PRO B 971 24.83 -44.52 7.67
N MET B 972 25.34 -43.29 7.59
CA MET B 972 24.59 -42.07 7.32
C MET B 972 23.59 -41.71 8.43
N GLU B 973 23.48 -42.49 9.50
CA GLU B 973 22.57 -42.14 10.57
C GLU B 973 23.08 -40.92 11.34
N ILE B 974 22.14 -40.07 11.77
CA ILE B 974 22.38 -39.03 12.76
C ILE B 974 21.38 -39.24 13.89
N ARG B 975 21.87 -39.36 15.12
CA ARG B 975 21.00 -39.51 16.26
C ARG B 975 21.17 -38.34 17.21
N THR B 976 20.04 -37.86 17.71
CA THR B 976 19.95 -36.64 18.50
C THR B 976 19.40 -36.98 19.88
N PHE B 977 20.02 -36.38 20.91
CA PHE B 977 19.65 -36.72 22.28
C PHE B 977 19.64 -35.47 23.15
N LEU B 978 18.77 -35.49 24.15
CA LEU B 978 18.81 -34.52 25.23
C LEU B 978 19.24 -35.24 26.50
N LEU B 979 20.25 -34.68 27.19
CA LEU B 979 20.85 -35.29 28.36
C LEU B 979 20.62 -34.41 29.59
N GLN B 980 20.68 -35.05 30.76
CA GLN B 980 20.68 -34.34 32.04
C GLN B 980 21.87 -34.80 32.88
N PHE B 981 22.54 -33.85 33.51
CA PHE B 981 23.61 -34.16 34.45
C PHE B 981 23.28 -33.65 35.84
#